data_3FRM
#
_entry.id   3FRM
#
_cell.length_a   63.711
_cell.length_b   126.549
_cell.length_c   112.807
_cell.angle_alpha   90.00
_cell.angle_beta   94.52
_cell.angle_gamma   90.00
#
_symmetry.space_group_name_H-M   'P 1 21 1'
#
loop_
_entity.id
_entity.type
_entity.pdbx_description
1 polymer 'uncharacterized conserved protein'
2 non-polymer 'SODIUM ION'
3 non-polymer 'SULFATE ION'
4 non-polymer '2-(N-MORPHOLINO)-ETHANESULFONIC ACID'
5 water water
#
_entity_poly.entity_id   1
_entity_poly.type   'polypeptide(L)'
_entity_poly.pdbx_seq_one_letter_code
;SNA(MSE)SKITFKDIYIDGNKITEDSRKAIYLLPPQPLKYASNTWIYKT(MSE)PT(MSE)NQWLKDIEVQKK(MSE)H
LNQSSYHLSFSFPANEKIDEVLLEKIRELGFQIGVLELYVIEAKALKELSRKRDVDIQLVSSNNINDYLHVYDAFARPFG
DSYAN(MSE)VKQHIYSSYNLDDIERLVAYVNHQPVGIVDII(MSE)TDKTIEIDGFGVLEEFQHQGIGSEIQAYVGR
(MSE)ANERPVILVADGKDTAKD(MSE)YLRQGYVYQGFKYHILKENI
;
_entity_poly.pdbx_strand_id   A,B,C,D,E,F
#
# COMPACT_ATOMS: atom_id res chain seq x y z
N ALA A 3 -21.13 -3.89 21.93
CA ALA A 3 -21.95 -2.70 21.59
C ALA A 3 -21.11 -1.60 21.01
N SER A 5 -18.47 -2.49 19.85
CA SER A 5 -18.13 -3.39 18.74
C SER A 5 -18.92 -3.06 17.50
N LYS A 6 -20.24 -2.93 17.65
CA LYS A 6 -21.10 -2.68 16.48
C LYS A 6 -20.92 -1.31 15.83
N ILE A 7 -20.16 -0.42 16.45
CA ILE A 7 -20.03 0.91 15.85
C ILE A 7 -19.44 0.89 14.42
N THR A 8 -20.02 1.67 13.52
CA THR A 8 -19.46 1.81 12.18
C THR A 8 -19.37 3.24 11.66
N PHE A 9 -18.82 3.34 10.47
CA PHE A 9 -18.73 4.61 9.78
C PHE A 9 -20.07 5.33 9.63
N LYS A 10 -21.16 4.55 9.70
CA LYS A 10 -22.52 5.12 9.59
C LYS A 10 -22.79 6.05 10.78
N ASP A 11 -22.13 5.80 11.91
CA ASP A 11 -22.30 6.61 13.10
C ASP A 11 -21.59 7.96 13.00
N ILE A 12 -20.74 8.13 12.01
CA ILE A 12 -20.00 9.38 11.90
C ILE A 12 -20.86 10.47 11.26
N TYR A 13 -20.79 11.66 11.81
CA TYR A 13 -21.56 12.77 11.38
C TYR A 13 -21.03 13.26 10.00
N ILE A 14 -21.90 13.77 9.14
CA ILE A 14 -21.44 14.46 7.91
C ILE A 14 -22.12 15.81 7.87
N ASP A 15 -21.38 16.88 7.66
CA ASP A 15 -22.08 18.14 7.63
C ASP A 15 -22.52 18.56 6.23
N GLY A 16 -23.24 17.68 5.55
CA GLY A 16 -23.94 18.16 4.39
C GLY A 16 -25.42 17.91 4.50
N ASN A 17 -26.15 18.44 3.52
CA ASN A 17 -27.49 18.01 3.26
C ASN A 17 -27.35 16.78 2.40
N LYS A 18 -28.05 15.73 2.80
CA LYS A 18 -28.15 14.53 1.99
C LYS A 18 -29.14 14.79 0.87
N ILE A 19 -28.67 14.78 -0.35
CA ILE A 19 -29.51 15.00 -1.53
C ILE A 19 -30.20 13.69 -1.95
N THR A 20 -29.42 12.65 -2.09
CA THR A 20 -29.92 11.39 -2.57
C THR A 20 -29.22 10.30 -1.78
N GLU A 21 -29.95 9.25 -1.44
CA GLU A 21 -29.32 8.07 -0.90
C GLU A 21 -29.99 6.88 -1.51
N ASP A 22 -29.20 5.98 -2.11
CA ASP A 22 -29.71 4.73 -2.64
C ASP A 22 -28.76 3.60 -2.28
N SER A 23 -28.86 2.44 -2.89
CA SER A 23 -28.03 1.34 -2.41
C SER A 23 -26.55 1.50 -2.76
N ARG A 24 -26.23 2.29 -3.76
CA ARG A 24 -24.81 2.44 -4.04
C ARG A 24 -24.08 3.63 -3.42
N LYS A 25 -24.80 4.74 -3.17
CA LYS A 25 -24.18 6.01 -2.76
C LYS A 25 -25.13 7.06 -2.14
N ALA A 26 -24.56 7.88 -1.28
CA ALA A 26 -25.24 9.03 -0.71
C ALA A 26 -24.54 10.22 -1.33
N ILE A 27 -25.29 11.20 -1.80
CA ILE A 27 -24.71 12.45 -2.32
C ILE A 27 -24.98 13.64 -1.38
N TYR A 28 -23.94 14.37 -0.96
CA TYR A 28 -24.10 15.48 -0.02
C TYR A 28 -23.60 16.76 -0.71
N LEU A 29 -24.33 17.85 -0.46
CA LEU A 29 -24.06 19.15 -0.92
C LEU A 29 -24.49 20.13 0.17
N LEU A 30 -23.85 21.31 0.20
CA LEU A 30 -24.25 22.39 1.01
C LEU A 30 -24.15 23.65 0.12
N PRO A 31 -25.23 23.91 -0.64
CA PRO A 31 -25.26 24.93 -1.68
C PRO A 31 -24.88 26.36 -1.22
N PRO A 32 -25.24 26.76 0.01
CA PRO A 32 -24.78 28.05 0.51
C PRO A 32 -23.29 28.08 0.86
N GLN A 33 -22.66 26.90 0.92
CA GLN A 33 -21.25 26.80 1.28
C GLN A 33 -20.48 25.93 0.26
N PRO A 34 -20.45 26.35 -1.00
CA PRO A 34 -19.99 25.36 -2.00
C PRO A 34 -18.47 25.09 -1.93
N LEU A 35 -17.74 25.89 -1.15
CA LEU A 35 -16.33 25.74 -1.04
C LEU A 35 -15.85 24.79 0.06
N LYS A 36 -16.72 24.35 0.98
CA LYS A 36 -16.34 23.31 2.00
C LYS A 36 -16.26 21.92 1.39
N TYR A 37 -15.04 21.37 1.28
CA TYR A 37 -14.85 20.07 0.65
C TYR A 37 -15.57 18.95 1.37
N ALA A 38 -15.56 18.94 2.72
CA ALA A 38 -16.22 17.85 3.48
C ALA A 38 -17.78 17.80 3.47
N SER A 39 -18.43 18.90 3.08
CA SER A 39 -19.88 19.00 2.99
C SER A 39 -20.36 18.77 1.54
N ASN A 40 -19.44 18.63 0.60
CA ASN A 40 -19.80 18.47 -0.80
C ASN A 40 -19.12 17.24 -1.43
N THR A 41 -19.78 16.10 -1.39
CA THR A 41 -19.07 14.88 -1.69
C THR A 41 -20.04 13.72 -1.89
N TRP A 42 -19.54 12.66 -2.54
CA TRP A 42 -20.26 11.45 -2.68
C TRP A 42 -19.69 10.41 -1.70
N ILE A 43 -20.55 9.74 -0.94
CA ILE A 43 -20.16 8.65 -0.05
C ILE A 43 -20.65 7.35 -0.73
N TYR A 44 -19.75 6.53 -1.26
CA TYR A 44 -20.21 5.26 -1.85
C TYR A 44 -20.59 4.27 -0.74
N LYS A 45 -21.63 3.49 -1.02
CA LYS A 45 -21.98 2.34 -0.23
C LYS A 45 -21.53 1.04 -0.89
N THR A 46 -21.56 1.00 -2.21
CA THR A 46 -20.95 -0.12 -2.95
C THR A 46 -19.95 0.37 -4.00
N PRO A 48 -18.13 1.24 -7.17
CA PRO A 48 -18.39 1.45 -8.59
C PRO A 48 -17.38 0.67 -9.43
N THR A 49 -17.76 0.15 -10.60
CA THR A 49 -16.73 -0.18 -11.56
C THR A 49 -16.12 1.12 -12.06
N ASN A 51 -16.02 2.19 -15.03
CA ASN A 51 -16.97 2.87 -15.96
C ASN A 51 -18.05 3.64 -15.25
N GLN A 52 -18.63 3.04 -14.22
CA GLN A 52 -19.55 3.71 -13.31
C GLN A 52 -18.91 4.96 -12.77
N TRP A 53 -17.69 4.83 -12.23
CA TRP A 53 -16.98 5.95 -11.63
C TRP A 53 -16.82 7.12 -12.59
N LEU A 54 -16.59 6.83 -13.86
CA LEU A 54 -16.47 7.89 -14.90
C LEU A 54 -17.75 8.69 -15.09
N LYS A 55 -18.84 7.92 -15.12
CA LYS A 55 -20.17 8.48 -15.18
C LYS A 55 -20.47 9.30 -13.94
N ASP A 56 -19.99 8.86 -12.77
CA ASP A 56 -20.27 9.54 -11.52
C ASP A 56 -19.44 10.83 -11.44
N ILE A 57 -18.26 10.79 -12.04
CA ILE A 57 -17.48 12.03 -12.20
C ILE A 57 -18.25 13.09 -12.90
N GLU A 58 -18.99 12.69 -13.92
CA GLU A 58 -19.65 13.66 -14.80
C GLU A 58 -20.83 14.33 -14.11
N VAL A 59 -21.73 13.53 -13.56
CA VAL A 59 -22.73 13.96 -12.59
C VAL A 59 -22.19 14.91 -11.56
N GLN A 60 -21.14 14.52 -10.83
CA GLN A 60 -20.66 15.37 -9.70
C GLN A 60 -20.10 16.66 -10.23
N LYS A 61 -19.33 16.56 -11.32
CA LYS A 61 -18.73 17.73 -11.99
C LYS A 61 -19.82 18.77 -12.32
N LYS A 62 -20.96 18.29 -12.82
CA LYS A 62 -22.09 19.19 -13.14
C LYS A 62 -22.74 19.78 -11.90
N HIS A 64 -21.50 20.27 -9.02
CA HIS A 64 -20.65 21.13 -8.27
C HIS A 64 -20.50 22.43 -9.01
N LEU A 65 -20.22 22.36 -10.32
CA LEU A 65 -20.09 23.62 -11.06
C LEU A 65 -21.37 24.44 -11.03
N ASN A 66 -22.52 23.77 -11.02
CA ASN A 66 -23.78 24.49 -10.91
C ASN A 66 -23.92 25.39 -9.66
N GLN A 67 -23.32 25.00 -8.53
CA GLN A 67 -23.37 25.80 -7.31
C GLN A 67 -22.03 26.48 -7.08
N SER A 68 -21.15 26.53 -8.09
CA SER A 68 -19.85 27.16 -7.92
C SER A 68 -18.96 26.48 -6.89
N SER A 69 -19.06 25.15 -6.79
CA SER A 69 -18.10 24.28 -6.13
C SER A 69 -17.08 23.87 -7.22
N TYR A 70 -15.80 23.79 -6.90
CA TYR A 70 -14.81 23.59 -7.98
C TYR A 70 -13.93 22.37 -7.79
N HIS A 71 -14.28 21.52 -6.83
CA HIS A 71 -13.49 20.35 -6.54
C HIS A 71 -14.30 19.10 -6.86
N LEU A 72 -13.69 17.92 -6.65
CA LEU A 72 -14.37 16.67 -6.82
C LEU A 72 -13.95 15.75 -5.67
N SER A 73 -14.86 14.95 -5.13
CA SER A 73 -14.48 14.06 -4.07
C SER A 73 -15.42 12.87 -3.81
N PHE A 74 -14.84 11.75 -3.39
CA PHE A 74 -15.56 10.54 -3.14
C PHE A 74 -14.91 9.81 -2.00
N SER A 75 -15.75 9.14 -1.22
CA SER A 75 -15.35 8.13 -0.26
C SER A 75 -15.80 6.82 -0.80
N PHE A 76 -15.07 5.76 -0.49
CA PHE A 76 -15.42 4.44 -0.93
C PHE A 76 -15.96 3.60 0.23
N PRO A 77 -16.37 2.37 -0.03
CA PRO A 77 -17.07 1.65 1.05
C PRO A 77 -16.15 1.32 2.24
N ALA A 78 -16.70 1.36 3.42
CA ALA A 78 -15.99 0.86 4.62
C ALA A 78 -15.23 -0.44 4.41
N ASN A 79 -13.94 -0.41 4.72
CA ASN A 79 -13.14 -1.60 4.70
C ASN A 79 -13.04 -2.27 3.33
N GLU A 80 -13.20 -1.51 2.28
CA GLU A 80 -12.97 -2.06 0.93
C GLU A 80 -11.77 -1.41 0.23
N LYS A 81 -10.84 -2.25 -0.23
CA LYS A 81 -9.73 -1.95 -1.13
C LYS A 81 -10.26 -1.72 -2.53
N ILE A 82 -9.71 -0.76 -3.26
CA ILE A 82 -10.13 -0.36 -4.61
C ILE A 82 -9.41 -1.18 -5.70
N ASP A 83 -10.12 -1.55 -6.75
CA ASP A 83 -9.45 -2.38 -7.73
C ASP A 83 -8.34 -1.59 -8.43
N GLU A 84 -7.33 -2.32 -8.87
CA GLU A 84 -6.20 -1.75 -9.56
C GLU A 84 -6.59 -0.82 -10.73
N VAL A 85 -7.50 -1.30 -11.55
CA VAL A 85 -7.87 -0.61 -12.75
C VAL A 85 -8.46 0.78 -12.44
N LEU A 86 -9.22 0.84 -11.33
CA LEU A 86 -9.86 2.07 -10.91
C LEU A 86 -8.84 2.98 -10.21
N LEU A 87 -7.94 2.39 -9.40
CA LEU A 87 -6.86 3.18 -8.82
C LEU A 87 -6.13 3.85 -9.96
N GLU A 88 -5.84 3.07 -10.98
CA GLU A 88 -5.05 3.55 -12.07
C GLU A 88 -5.72 4.74 -12.72
N LYS A 89 -7.02 4.66 -12.93
CA LYS A 89 -7.74 5.80 -13.46
C LYS A 89 -7.67 7.04 -12.52
N ILE A 90 -7.88 6.76 -11.22
CA ILE A 90 -7.86 7.76 -10.19
C ILE A 90 -6.57 8.54 -10.22
N ARG A 91 -5.44 7.85 -10.24
CA ARG A 91 -4.16 8.53 -10.40
C ARG A 91 -4.11 9.34 -11.69
N GLU A 92 -4.53 8.77 -12.81
CA GLU A 92 -4.45 9.47 -14.14
C GLU A 92 -5.28 10.74 -14.20
N LEU A 93 -6.34 10.80 -13.42
CA LEU A 93 -7.18 12.00 -13.47
C LEU A 93 -6.73 13.06 -12.42
N GLY A 94 -5.61 12.79 -11.75
CA GLY A 94 -5.00 13.76 -10.89
C GLY A 94 -5.70 13.91 -9.55
N PHE A 95 -6.19 12.80 -8.96
CA PHE A 95 -6.80 12.82 -7.61
C PHE A 95 -5.75 12.57 -6.56
N GLN A 96 -5.94 13.09 -5.36
CA GLN A 96 -5.21 12.69 -4.19
C GLN A 96 -5.94 11.51 -3.52
N ILE A 97 -5.20 10.47 -3.15
CA ILE A 97 -5.80 9.30 -2.50
C ILE A 97 -5.46 9.32 -1.04
N GLY A 98 -6.42 9.09 -0.14
CA GLY A 98 -6.07 8.97 1.24
C GLY A 98 -6.95 7.94 1.92
N VAL A 99 -6.79 7.79 3.22
CA VAL A 99 -7.54 6.83 4.00
C VAL A 99 -8.10 7.51 5.25
N LEU A 100 -9.39 7.31 5.49
CA LEU A 100 -10.00 7.72 6.76
C LEU A 100 -9.94 6.51 7.63
N GLU A 101 -9.68 6.72 8.92
CA GLU A 101 -9.63 5.64 9.91
C GLU A 101 -10.62 5.90 11.02
N LEU A 102 -11.45 4.90 11.32
CA LEU A 102 -12.38 5.01 12.41
C LEU A 102 -11.76 4.50 13.72
N TYR A 103 -11.69 5.37 14.74
CA TYR A 103 -11.26 5.00 16.12
C TYR A 103 -12.39 5.01 17.13
N VAL A 104 -12.34 4.06 18.05
CA VAL A 104 -13.40 3.93 19.01
C VAL A 104 -12.83 3.74 20.39
N ILE A 105 -13.53 4.23 21.42
CA ILE A 105 -13.14 3.97 22.79
C ILE A 105 -14.36 3.97 23.74
N GLU A 106 -14.29 3.22 24.85
CA GLU A 106 -15.36 3.29 25.92
C GLU A 106 -15.15 4.51 26.76
N ALA A 107 -16.22 5.20 27.17
CA ALA A 107 -16.14 6.44 27.99
C ALA A 107 -15.23 6.32 29.19
N LYS A 108 -15.43 5.28 29.99
CA LYS A 108 -14.69 5.10 31.24
C LYS A 108 -13.18 5.20 30.98
N ALA A 109 -12.74 4.68 29.84
CA ALA A 109 -11.31 4.66 29.53
C ALA A 109 -10.77 6.09 29.40
N LEU A 110 -11.60 7.02 28.94
CA LEU A 110 -11.23 8.43 28.86
C LEU A 110 -11.42 9.14 30.22
N LYS A 111 -12.39 8.71 31.01
CA LYS A 111 -12.60 9.30 32.34
C LYS A 111 -11.31 9.10 33.15
N GLU A 112 -10.85 7.86 33.13
CA GLU A 112 -9.60 7.45 33.77
C GLU A 112 -8.39 8.38 33.46
N LEU A 113 -8.39 9.07 32.31
CA LEU A 113 -7.20 9.87 31.93
C LEU A 113 -6.94 11.10 32.79
N SER A 114 -7.95 11.51 33.54
CA SER A 114 -7.92 12.77 34.32
C SER A 114 -6.88 12.72 35.41
N ARG A 115 -6.21 13.86 35.61
CA ARG A 115 -5.20 13.96 36.63
C ARG A 115 -5.37 15.20 37.52
N LYS A 116 -6.51 15.89 37.35
CA LYS A 116 -6.84 17.13 38.10
C LYS A 116 -5.81 18.20 37.86
N ARG A 117 -5.26 18.21 36.64
CA ARG A 117 -4.38 19.29 36.22
C ARG A 117 -5.15 20.60 36.34
N ASP A 118 -4.46 21.73 36.44
CA ASP A 118 -5.16 23.02 36.31
C ASP A 118 -5.37 23.44 34.83
N VAL A 119 -6.51 23.01 34.29
CA VAL A 119 -6.89 23.32 32.93
C VAL A 119 -8.37 23.64 33.02
N ASP A 120 -8.74 24.83 32.63
CA ASP A 120 -10.11 25.19 32.81
C ASP A 120 -10.78 24.99 31.46
N ILE A 121 -11.88 24.23 31.46
CA ILE A 121 -12.56 23.77 30.23
C ILE A 121 -13.99 24.29 30.19
N GLN A 122 -14.31 25.01 29.12
CA GLN A 122 -15.57 25.74 29.04
C GLN A 122 -16.32 25.33 27.79
N LEU A 123 -17.65 25.25 27.89
CA LEU A 123 -18.52 25.22 26.70
C LEU A 123 -18.38 26.54 25.98
N VAL A 124 -18.32 26.53 24.66
CA VAL A 124 -18.14 27.82 23.98
C VAL A 124 -19.46 28.58 23.82
N SER A 125 -19.41 29.88 24.01
CA SER A 125 -20.58 30.68 23.78
C SER A 125 -20.08 31.96 23.19
N SER A 126 -21.03 32.89 22.96
CA SER A 126 -20.74 34.18 22.38
C SER A 126 -19.59 34.78 23.17
N ASN A 127 -19.42 34.31 24.41
CA ASN A 127 -18.51 34.93 25.37
C ASN A 127 -17.08 34.53 25.15
N ASN A 128 -16.89 33.32 24.69
CA ASN A 128 -15.54 32.84 24.50
C ASN A 128 -15.30 32.36 23.10
N ILE A 129 -16.27 32.48 22.19
CA ILE A 129 -16.13 31.96 20.81
C ILE A 129 -14.85 32.35 20.07
N ASN A 130 -14.37 33.57 20.34
CA ASN A 130 -13.15 34.09 19.73
C ASN A 130 -11.88 33.36 20.25
N ASP A 131 -11.90 32.89 21.50
CA ASP A 131 -10.82 32.10 22.00
C ASP A 131 -10.80 30.76 21.29
N TYR A 132 -11.95 30.22 20.97
CA TYR A 132 -12.01 28.97 20.27
C TYR A 132 -11.33 29.18 18.88
N LEU A 133 -11.76 30.22 18.19
CA LEU A 133 -11.23 30.47 16.83
C LEU A 133 -9.76 30.81 16.84
N HIS A 134 -9.34 31.44 17.91
CA HIS A 134 -7.95 31.72 18.11
C HIS A 134 -7.09 30.47 18.09
N VAL A 135 -7.53 29.41 18.74
CA VAL A 135 -6.77 28.17 18.73
C VAL A 135 -6.85 27.56 17.34
N TYR A 136 -8.05 27.57 16.82
CA TYR A 136 -8.32 27.08 15.50
C TYR A 136 -7.33 27.63 14.46
N ASP A 137 -7.02 28.92 14.58
CA ASP A 137 -6.09 29.67 13.71
C ASP A 137 -4.69 29.12 13.61
N ALA A 138 -4.27 28.44 14.66
CA ALA A 138 -2.97 27.77 14.78
C ALA A 138 -2.86 26.48 14.03
N PHE A 139 -3.99 25.86 13.69
CA PHE A 139 -4.01 24.53 13.05
C PHE A 139 -3.42 24.47 11.65
N ALA A 140 -2.89 23.31 11.28
CA ALA A 140 -2.43 23.09 9.91
C ALA A 140 -3.46 23.62 8.92
N ARG A 141 -3.01 24.15 7.78
CA ARG A 141 -3.95 24.62 6.79
C ARG A 141 -3.67 23.93 5.46
N PRO A 142 -4.19 22.69 5.29
CA PRO A 142 -3.76 21.99 4.09
C PRO A 142 -4.25 22.58 2.80
N PHE A 143 -5.28 23.45 2.85
CA PHE A 143 -5.88 24.02 1.62
C PHE A 143 -5.65 25.50 1.65
N GLY A 144 -4.70 25.93 2.45
CA GLY A 144 -4.36 27.36 2.43
C GLY A 144 -5.21 28.24 3.30
N ASP A 145 -4.79 29.49 3.39
CA ASP A 145 -5.29 30.48 4.35
C ASP A 145 -6.74 30.86 4.15
N SER A 146 -7.05 31.25 2.92
CA SER A 146 -8.37 31.68 2.56
C SER A 146 -9.42 30.58 2.74
N TYR A 147 -9.03 29.34 2.50
CA TYR A 147 -9.91 28.25 2.87
C TYR A 147 -10.15 28.15 4.38
N ALA A 148 -9.08 28.08 5.18
CA ALA A 148 -9.19 28.15 6.65
C ALA A 148 -10.08 29.32 7.04
N ASN A 149 -9.88 30.50 6.44
CA ASN A 149 -10.68 31.65 6.82
C ASN A 149 -12.16 31.52 6.55
N VAL A 151 -13.72 28.69 6.51
CA VAL A 151 -14.23 27.75 7.50
C VAL A 151 -14.43 28.48 8.84
N LYS A 152 -13.53 29.41 9.18
CA LYS A 152 -13.70 30.24 10.36
C LYS A 152 -15.01 31.00 10.35
N GLN A 153 -15.26 31.71 9.26
CA GLN A 153 -16.50 32.45 9.09
C GLN A 153 -17.72 31.54 9.25
N HIS A 154 -17.66 30.35 8.73
CA HIS A 154 -18.78 29.42 8.83
C HIS A 154 -19.10 29.02 10.28
N ILE A 155 -18.08 28.59 11.03
CA ILE A 155 -18.21 28.30 12.47
C ILE A 155 -18.71 29.50 13.28
N TYR A 156 -18.13 30.66 12.98
CA TYR A 156 -18.47 31.87 13.69
C TYR A 156 -19.90 32.30 13.44
N SER A 157 -20.58 31.75 12.46
CA SER A 157 -21.94 32.22 12.25
C SER A 157 -22.93 31.09 12.34
N SER A 158 -22.45 29.88 12.63
CA SER A 158 -23.35 28.76 12.75
C SER A 158 -23.18 28.07 14.08
N TYR A 159 -22.43 28.68 15.01
CA TYR A 159 -22.11 27.99 16.27
C TYR A 159 -23.23 27.88 17.32
N ASN A 160 -24.10 28.88 17.49
CA ASN A 160 -25.34 28.66 18.24
C ASN A 160 -26.19 27.77 17.38
N LEU A 161 -27.00 28.39 16.55
CA LEU A 161 -27.73 27.71 15.51
C LEU A 161 -27.50 26.17 15.49
N ASP A 162 -26.29 25.70 15.25
CA ASP A 162 -26.08 24.25 15.15
C ASP A 162 -26.00 23.44 16.45
N ASP A 163 -26.11 22.15 16.27
CA ASP A 163 -26.31 21.33 17.42
C ASP A 163 -25.02 20.80 18.04
N ILE A 164 -24.00 20.63 17.21
CA ILE A 164 -22.59 20.50 17.60
C ILE A 164 -22.25 21.38 18.81
N GLU A 165 -21.63 20.78 19.84
CA GLU A 165 -21.11 21.51 20.99
C GLU A 165 -19.58 21.65 20.89
N ARG A 166 -19.03 22.71 21.49
CA ARG A 166 -17.60 22.95 21.40
C ARG A 166 -16.93 23.27 22.72
N LEU A 167 -15.68 22.84 22.87
CA LEU A 167 -14.89 23.14 24.06
C LEU A 167 -13.62 23.98 23.84
N VAL A 168 -13.28 24.86 24.77
CA VAL A 168 -12.00 25.56 24.76
C VAL A 168 -11.39 25.28 26.11
N ALA A 169 -10.15 24.83 26.11
CA ALA A 169 -9.38 24.68 27.33
C ALA A 169 -8.46 25.89 27.52
N TYR A 170 -8.32 26.30 28.80
CA TYR A 170 -7.43 27.40 29.15
C TYR A 170 -6.42 26.92 30.15
N VAL A 171 -5.19 27.37 29.94
CA VAL A 171 -4.13 27.30 30.97
C VAL A 171 -3.72 28.74 31.21
N ASN A 172 -3.69 29.10 32.50
CA ASN A 172 -3.52 30.48 32.98
C ASN A 172 -4.32 31.50 32.16
N HIS A 173 -5.64 31.32 32.01
CA HIS A 173 -6.50 32.27 31.20
C HIS A 173 -6.10 32.45 29.73
N GLN A 174 -5.28 31.56 29.19
CA GLN A 174 -4.92 31.67 27.78
C GLN A 174 -5.57 30.47 27.05
N PRO A 175 -6.34 30.73 25.97
CA PRO A 175 -6.95 29.56 25.33
C PRO A 175 -5.89 28.72 24.61
N VAL A 176 -6.03 27.41 24.68
CA VAL A 176 -4.95 26.51 24.37
C VAL A 176 -5.35 25.15 23.67
N GLY A 177 -6.60 24.73 23.83
CA GLY A 177 -7.11 23.44 23.30
C GLY A 177 -8.56 23.55 22.83
N ILE A 178 -8.93 22.87 21.76
CA ILE A 178 -10.34 22.89 21.35
C ILE A 178 -10.85 21.50 20.93
N VAL A 179 -12.17 21.32 20.92
CA VAL A 179 -12.70 20.13 20.29
C VAL A 179 -14.14 20.39 20.05
N ASP A 180 -14.67 19.76 19.02
CA ASP A 180 -16.09 19.67 18.71
C ASP A 180 -16.66 18.32 19.14
N ILE A 181 -17.89 18.33 19.63
CA ILE A 181 -18.56 17.13 20.00
C ILE A 181 -19.95 17.11 19.41
N ILE A 182 -20.28 15.94 18.89
CA ILE A 182 -21.54 15.64 18.26
C ILE A 182 -22.12 14.52 19.08
N THR A 184 -25.28 11.92 20.31
CA THR A 184 -26.44 11.21 19.87
C THR A 184 -26.79 10.42 21.08
N ASP A 185 -27.83 9.63 20.97
CA ASP A 185 -28.22 8.75 22.04
C ASP A 185 -27.18 7.67 22.17
N LYS A 186 -26.76 7.11 21.06
CA LYS A 186 -25.92 5.92 21.06
C LYS A 186 -24.46 6.29 21.31
N THR A 187 -23.98 7.35 20.68
CA THR A 187 -22.56 7.64 20.76
C THR A 187 -22.23 9.10 21.04
N ILE A 188 -20.97 9.36 21.27
CA ILE A 188 -20.47 10.68 21.12
C ILE A 188 -19.23 10.75 20.22
N GLU A 189 -19.25 11.71 19.29
CA GLU A 189 -18.19 11.83 18.35
C GLU A 189 -17.45 13.11 18.59
N ILE A 190 -16.12 13.01 18.61
CA ILE A 190 -15.29 14.17 18.63
C ILE A 190 -14.75 14.46 17.23
N ASP A 191 -14.38 15.71 17.01
CA ASP A 191 -13.91 16.14 15.75
C ASP A 191 -13.20 17.45 15.97
N GLY A 192 -12.15 17.68 15.18
CA GLY A 192 -11.50 19.00 15.17
C GLY A 192 -10.67 19.20 16.44
N PHE A 193 -10.24 18.10 17.06
CA PHE A 193 -9.47 18.21 18.29
C PHE A 193 -8.10 18.84 18.04
N GLY A 194 -7.69 19.82 18.82
CA GLY A 194 -6.30 20.21 18.75
C GLY A 194 -5.83 21.03 19.93
N VAL A 195 -4.54 20.91 20.21
CA VAL A 195 -3.89 21.62 21.28
C VAL A 195 -2.74 22.39 20.62
N LEU A 196 -2.52 23.63 21.04
CA LEU A 196 -1.45 24.46 20.46
C LEU A 196 -0.10 23.77 20.69
N GLU A 197 0.80 23.92 19.72
CA GLU A 197 2.02 23.14 19.71
C GLU A 197 2.76 23.24 21.03
N GLU A 198 3.09 24.46 21.37
CA GLU A 198 3.76 24.74 22.64
C GLU A 198 3.10 24.10 23.88
N PHE A 199 1.85 23.71 23.80
CA PHE A 199 1.22 23.14 24.98
C PHE A 199 0.93 21.67 24.84
N GLN A 200 1.58 21.03 23.88
CA GLN A 200 1.39 19.61 23.72
C GLN A 200 2.28 18.75 24.67
N HIS A 201 1.89 17.48 24.79
CA HIS A 201 2.55 16.43 25.57
C HIS A 201 2.61 16.80 27.01
N GLN A 202 1.71 17.63 27.49
CA GLN A 202 1.75 17.94 28.95
C GLN A 202 0.42 17.78 29.69
N GLY A 203 -0.49 16.99 29.12
CA GLY A 203 -1.67 16.52 29.85
C GLY A 203 -2.92 17.30 29.53
N ILE A 204 -2.73 18.37 28.76
CA ILE A 204 -3.85 19.17 28.34
C ILE A 204 -4.86 18.41 27.46
N GLY A 205 -4.39 17.70 26.43
CA GLY A 205 -5.26 16.86 25.61
C GLY A 205 -5.92 15.76 26.48
N SER A 206 -5.19 15.16 27.39
CA SER A 206 -5.91 14.12 28.11
C SER A 206 -6.99 14.70 29.08
N GLU A 207 -6.81 15.95 29.58
CA GLU A 207 -7.88 16.59 30.32
C GLU A 207 -9.12 16.76 29.46
N ILE A 208 -8.93 17.25 28.22
CA ILE A 208 -10.02 17.50 27.32
C ILE A 208 -10.74 16.21 27.02
N GLN A 209 -9.97 15.15 26.93
CA GLN A 209 -10.54 13.89 26.55
C GLN A 209 -11.41 13.35 27.69
N ALA A 210 -10.89 13.36 28.91
CA ALA A 210 -11.64 12.89 30.05
C ALA A 210 -12.93 13.67 30.27
N TYR A 211 -12.89 14.96 29.98
CA TYR A 211 -14.08 15.80 30.06
C TYR A 211 -15.15 15.24 29.12
N VAL A 212 -14.82 15.12 27.85
CA VAL A 212 -15.68 14.49 26.88
C VAL A 212 -16.17 13.13 27.44
N GLY A 213 -15.26 12.39 28.09
CA GLY A 213 -15.59 11.09 28.63
C GLY A 213 -16.68 11.17 29.69
N ARG A 214 -16.59 12.21 30.54
CA ARG A 214 -17.58 12.43 31.58
C ARG A 214 -18.92 12.83 30.97
N ALA A 216 -19.90 11.75 28.13
CA ALA A 216 -20.46 10.64 27.38
C ALA A 216 -21.39 9.74 28.17
N ASN A 217 -21.21 9.71 29.50
CA ASN A 217 -21.84 8.70 30.35
C ASN A 217 -21.28 7.31 30.06
N GLU A 218 -22.12 6.37 29.64
CA GLU A 218 -21.59 5.12 29.13
C GLU A 218 -21.66 5.01 27.59
N ARG A 219 -22.00 6.12 26.93
CA ARG A 219 -21.87 6.19 25.47
C ARG A 219 -20.42 6.02 25.05
N PRO A 220 -20.15 5.14 24.07
CA PRO A 220 -18.85 5.10 23.44
C PRO A 220 -18.46 6.45 22.84
N VAL A 221 -17.17 6.71 22.80
CA VAL A 221 -16.75 7.88 22.08
C VAL A 221 -15.89 7.57 20.88
N ILE A 222 -16.19 8.26 19.77
CA ILE A 222 -15.70 7.88 18.50
C ILE A 222 -15.30 9.09 17.67
N LEU A 223 -14.43 8.82 16.70
CA LEU A 223 -13.84 9.82 15.87
C LEU A 223 -13.32 9.16 14.61
N VAL A 224 -13.12 10.00 13.60
CA VAL A 224 -12.51 9.60 12.39
C VAL A 224 -11.30 10.46 12.16
N ALA A 225 -10.18 9.88 11.75
CA ALA A 225 -8.96 10.66 11.45
C ALA A 225 -8.38 10.28 10.12
N ASP A 226 -7.83 11.26 9.41
CA ASP A 226 -7.12 10.90 8.20
C ASP A 226 -5.60 10.87 8.35
N GLY A 227 -4.89 10.81 7.19
CA GLY A 227 -3.41 10.74 7.13
C GLY A 227 -2.72 12.00 7.60
N LYS A 228 -3.31 13.17 7.34
CA LYS A 228 -2.74 14.43 7.85
C LYS A 228 -3.38 14.82 9.19
N ASP A 229 -3.31 13.89 10.13
CA ASP A 229 -3.85 14.15 11.46
C ASP A 229 -2.77 13.76 12.48
N THR A 230 -2.30 14.80 13.13
CA THR A 230 -1.14 14.68 13.98
C THR A 230 -1.57 14.29 15.39
N ALA A 231 -2.88 14.37 15.67
CA ALA A 231 -3.37 13.95 16.97
C ALA A 231 -3.39 12.41 17.15
N LYS A 232 -3.29 11.67 16.03
CA LYS A 232 -3.50 10.21 16.02
C LYS A 232 -2.65 9.43 17.00
N ASP A 233 -1.41 9.89 17.14
CA ASP A 233 -0.40 9.35 18.03
C ASP A 233 -0.93 9.42 19.43
N TYR A 235 -4.21 9.74 20.12
CA TYR A 235 -5.31 8.80 20.22
C TYR A 235 -4.88 7.41 20.64
N LEU A 236 -3.84 6.88 20.01
CA LEU A 236 -3.39 5.51 20.29
C LEU A 236 -2.90 5.38 21.74
N ARG A 237 -1.95 6.23 22.11
CA ARG A 237 -1.42 6.28 23.47
C ARG A 237 -2.53 6.43 24.48
N GLN A 238 -3.59 7.14 24.06
CA GLN A 238 -4.77 7.32 24.87
C GLN A 238 -5.66 6.08 25.00
N GLY A 239 -5.49 5.05 24.16
CA GLY A 239 -6.27 3.83 24.29
C GLY A 239 -7.32 3.58 23.20
N TYR A 240 -7.44 4.49 22.22
CA TYR A 240 -8.48 4.33 21.20
C TYR A 240 -8.18 3.08 20.44
N VAL A 241 -9.22 2.31 20.11
CA VAL A 241 -9.08 1.14 19.27
C VAL A 241 -9.50 1.40 17.82
N TYR A 242 -8.61 1.05 16.91
CA TYR A 242 -8.79 1.11 15.51
C TYR A 242 -9.90 0.18 15.11
N GLN A 243 -10.84 0.70 14.31
CA GLN A 243 -12.01 -0.08 13.89
C GLN A 243 -12.46 0.10 12.42
N GLY A 244 -11.52 0.29 11.49
CA GLY A 244 -11.83 0.13 10.09
C GLY A 244 -11.40 1.37 9.32
N PHE A 245 -11.42 1.27 8.00
CA PHE A 245 -10.94 2.37 7.16
C PHE A 245 -11.88 2.69 6.03
N LYS A 246 -11.69 3.86 5.42
CA LYS A 246 -12.28 4.17 4.10
C LYS A 246 -11.22 4.82 3.25
N TYR A 247 -11.11 4.40 1.99
CA TYR A 247 -10.42 5.18 0.98
C TYR A 247 -11.24 6.42 0.59
N HIS A 248 -10.56 7.50 0.22
CA HIS A 248 -11.22 8.73 -0.13
C HIS A 248 -10.28 9.53 -1.06
N ILE A 249 -10.88 10.17 -2.03
CA ILE A 249 -10.07 10.87 -2.99
C ILE A 249 -10.58 12.27 -3.13
N LEU A 250 -9.69 13.18 -3.52
CA LEU A 250 -9.96 14.61 -3.62
C LEU A 250 -9.15 15.20 -4.76
N LYS A 251 -9.83 15.97 -5.62
CA LYS A 251 -9.20 16.82 -6.61
C LYS A 251 -9.67 18.22 -6.32
N GLU A 252 -8.75 19.10 -5.94
CA GLU A 252 -9.10 20.42 -5.45
C GLU A 252 -9.61 21.32 -6.56
N ASN A 253 -9.30 21.01 -7.82
CA ASN A 253 -9.79 21.81 -8.96
C ASN A 253 -10.24 21.03 -10.18
N ILE A 254 -11.53 21.16 -10.53
CA ILE A 254 -12.05 20.52 -11.74
C ILE A 254 -11.28 20.98 -12.99
N ALA B 3 4.08 -13.93 25.10
CA ALA B 3 5.25 -13.99 24.16
C ALA B 3 5.28 -12.80 23.18
N SER B 5 2.97 -10.63 24.05
CA SER B 5 2.88 -9.81 25.26
C SER B 5 4.21 -9.09 25.53
N LYS B 6 5.29 -9.87 25.73
CA LYS B 6 6.57 -9.39 26.29
C LYS B 6 7.57 -8.71 25.36
N ILE B 7 7.13 -8.26 24.18
CA ILE B 7 7.96 -7.49 23.30
C ILE B 7 8.05 -6.06 23.84
N THR B 8 9.26 -5.50 23.92
CA THR B 8 9.46 -4.11 24.27
C THR B 8 10.39 -3.43 23.25
N PHE B 9 10.54 -2.11 23.42
CA PHE B 9 11.46 -1.31 22.62
C PHE B 9 12.86 -1.89 22.75
N LYS B 10 13.08 -2.70 23.79
CA LYS B 10 14.36 -3.40 23.93
C LYS B 10 14.69 -4.32 22.76
N ASP B 11 13.68 -4.80 22.04
CA ASP B 11 13.93 -5.73 20.95
C ASP B 11 14.20 -5.02 19.66
N ILE B 12 14.21 -3.71 19.70
CA ILE B 12 14.28 -3.00 18.47
C ILE B 12 15.74 -2.67 18.20
N TYR B 13 16.18 -2.98 16.99
CA TYR B 13 17.55 -2.82 16.61
C TYR B 13 17.92 -1.36 16.44
N ILE B 14 19.06 -1.00 17.03
CA ILE B 14 19.68 0.31 16.85
C ILE B 14 20.92 0.20 15.96
N ASP B 15 20.98 1.02 14.92
CA ASP B 15 21.96 0.89 13.85
C ASP B 15 23.16 1.75 14.17
N GLY B 16 23.86 1.42 15.24
CA GLY B 16 24.99 2.25 15.65
C GLY B 16 25.90 1.43 16.51
N ASN B 17 27.07 1.97 16.84
CA ASN B 17 27.96 1.31 17.77
C ASN B 17 27.65 1.80 19.16
N LYS B 18 27.31 0.85 20.03
CA LYS B 18 27.05 1.17 21.42
C LYS B 18 28.37 1.48 22.04
N ILE B 19 28.69 2.77 22.18
CA ILE B 19 30.01 3.10 22.66
C ILE B 19 30.12 2.97 24.16
N THR B 20 28.99 3.07 24.85
CA THR B 20 28.90 2.76 26.29
C THR B 20 27.47 2.65 26.85
N GLU B 21 27.33 2.03 28.01
CA GLU B 21 26.02 1.83 28.60
C GLU B 21 26.13 1.76 30.11
N ASP B 22 25.09 2.23 30.79
CA ASP B 22 25.02 2.11 32.24
C ASP B 22 23.56 2.06 32.70
N SER B 23 23.36 2.21 33.99
CA SER B 23 22.04 2.24 34.56
C SER B 23 21.14 3.35 33.97
N ARG B 24 21.64 4.57 33.81
CA ARG B 24 20.71 5.57 33.26
C ARG B 24 20.59 5.68 31.75
N LYS B 25 21.58 5.24 30.97
CA LYS B 25 21.49 5.36 29.50
C LYS B 25 22.38 4.42 28.73
N ALA B 26 22.17 4.33 27.42
CA ALA B 26 23.19 3.81 26.51
C ALA B 26 23.55 4.89 25.51
N ILE B 27 24.82 4.98 25.13
CA ILE B 27 25.26 5.96 24.13
C ILE B 27 25.68 5.27 22.81
N TYR B 28 25.27 5.80 21.67
CA TYR B 28 25.50 5.18 20.35
C TYR B 28 26.14 6.12 19.36
N LEU B 29 27.25 5.72 18.80
CA LEU B 29 27.92 6.52 17.83
C LEU B 29 28.13 5.70 16.58
N LEU B 30 28.10 6.39 15.44
CA LEU B 30 28.46 5.77 14.18
C LEU B 30 29.28 6.75 13.38
N PRO B 31 30.58 6.76 13.66
CA PRO B 31 31.41 7.85 13.17
C PRO B 31 31.64 7.85 11.63
N PRO B 32 31.49 6.70 10.94
CA PRO B 32 31.53 6.81 9.47
C PRO B 32 30.35 7.55 8.88
N GLN B 33 29.26 7.71 9.63
CA GLN B 33 28.06 8.42 9.17
C GLN B 33 27.67 9.43 10.25
N PRO B 34 28.39 10.56 10.32
CA PRO B 34 28.11 11.52 11.40
C PRO B 34 26.89 12.40 11.12
N LEU B 35 26.30 12.24 9.94
CA LEU B 35 25.07 12.97 9.56
C LEU B 35 23.85 12.06 9.62
N LYS B 36 24.04 10.81 10.05
CA LYS B 36 22.91 9.90 10.29
C LYS B 36 22.44 9.99 11.74
N TYR B 37 21.42 10.83 11.95
CA TYR B 37 20.83 11.15 13.28
C TYR B 37 20.46 10.01 14.20
N ALA B 38 19.96 8.91 13.62
CA ALA B 38 19.38 7.83 14.43
C ALA B 38 20.45 6.94 14.99
N SER B 39 21.57 6.91 14.25
CA SER B 39 22.73 6.12 14.61
C SER B 39 23.64 6.84 15.61
N ASN B 40 23.44 8.14 15.80
CA ASN B 40 24.24 8.92 16.77
C ASN B 40 23.33 9.58 17.80
N THR B 41 23.11 8.93 18.94
CA THR B 41 22.06 9.35 19.88
C THR B 41 22.23 8.70 21.24
N TRP B 42 21.54 9.22 22.25
CA TRP B 42 21.51 8.62 23.56
C TRP B 42 20.15 7.98 23.76
N ILE B 43 20.11 6.72 24.21
CA ILE B 43 18.84 6.06 24.62
C ILE B 43 18.73 6.03 26.16
N TYR B 44 17.78 6.78 26.72
CA TYR B 44 17.61 6.84 28.15
C TYR B 44 16.91 5.62 28.66
N LYS B 45 17.42 5.10 29.76
CA LYS B 45 16.71 4.13 30.55
C LYS B 45 15.92 4.70 31.75
N THR B 46 16.28 5.89 32.21
CA THR B 46 15.54 6.53 33.29
C THR B 46 15.47 8.00 32.94
N PRO B 48 16.23 11.60 32.97
CA PRO B 48 17.19 12.48 33.66
C PRO B 48 16.41 13.55 34.49
N THR B 49 16.94 14.10 35.58
CA THR B 49 16.35 15.38 36.01
C THR B 49 16.66 16.41 34.91
N ASN B 51 18.40 19.19 35.19
CA ASN B 51 19.80 19.52 35.34
C ASN B 51 20.73 18.40 34.87
N GLN B 52 20.31 17.16 35.15
CA GLN B 52 21.02 16.00 34.66
C GLN B 52 21.11 16.05 33.16
N TRP B 53 19.98 16.38 32.53
CA TRP B 53 19.93 16.55 31.09
C TRP B 53 20.87 17.67 30.61
N LEU B 54 20.89 18.79 31.31
CA LEU B 54 21.75 19.89 30.89
C LEU B 54 23.18 19.40 30.78
N LYS B 55 23.63 18.69 31.81
CA LYS B 55 24.91 18.00 31.82
C LYS B 55 25.12 17.00 30.68
N ASP B 56 24.07 16.29 30.30
CA ASP B 56 24.17 15.27 29.27
C ASP B 56 24.33 15.86 27.87
N ILE B 57 23.68 16.99 27.63
CA ILE B 57 23.88 17.73 26.37
C ILE B 57 25.37 17.98 26.19
N GLU B 58 26.03 18.41 27.26
CA GLU B 58 27.44 18.76 27.23
C GLU B 58 28.34 17.61 26.82
N VAL B 59 28.08 16.45 27.42
CA VAL B 59 28.80 15.26 27.12
C VAL B 59 28.55 14.89 25.66
N GLN B 60 27.31 14.96 25.21
CA GLN B 60 27.02 14.50 23.86
C GLN B 60 27.53 15.49 22.82
N LYS B 61 27.40 16.77 23.15
CA LYS B 61 27.84 17.83 22.28
C LYS B 61 29.31 17.63 21.97
N LYS B 62 30.10 17.42 23.03
CA LYS B 62 31.52 17.10 22.90
C LYS B 62 31.81 15.95 21.90
N HIS B 64 29.93 14.43 19.70
CA HIS B 64 29.37 14.60 18.40
C HIS B 64 30.25 15.57 17.63
N LEU B 65 30.69 16.66 18.28
CA LEU B 65 31.53 17.64 17.58
C LEU B 65 32.89 17.05 17.21
N ASN B 66 33.42 16.18 18.08
CA ASN B 66 34.66 15.47 17.80
C ASN B 66 34.62 14.61 16.53
N GLN B 67 33.47 14.01 16.21
CA GLN B 67 33.29 13.29 14.94
C GLN B 67 32.48 14.05 13.86
N SER B 68 32.34 15.37 14.00
CA SER B 68 31.59 16.14 12.99
C SER B 68 30.08 15.85 12.81
N SER B 69 29.44 15.56 13.95
CA SER B 69 27.99 15.55 14.06
C SER B 69 27.67 16.93 14.62
N TYR B 70 26.57 17.53 14.19
CA TYR B 70 26.16 18.78 14.73
C TYR B 70 24.69 18.74 15.01
N HIS B 71 24.22 17.54 15.25
CA HIS B 71 22.91 17.38 15.83
C HIS B 71 23.03 17.00 17.31
N LEU B 72 22.00 17.28 18.10
CA LEU B 72 21.83 16.68 19.44
C LEU B 72 20.59 15.75 19.46
N SER B 73 20.68 14.60 20.13
CA SER B 73 19.66 13.59 19.92
C SER B 73 19.42 12.76 21.14
N PHE B 74 18.16 12.68 21.57
CA PHE B 74 17.81 11.89 22.78
C PHE B 74 16.47 11.17 22.72
N SER B 75 16.45 9.89 23.12
CA SER B 75 15.22 9.12 23.37
C SER B 75 14.99 8.99 24.85
N PHE B 76 13.73 9.05 25.25
CA PHE B 76 13.39 8.83 26.63
C PHE B 76 12.85 7.43 26.90
N PRO B 77 12.74 7.04 28.18
CA PRO B 77 12.33 5.66 28.45
C PRO B 77 10.92 5.33 27.98
N ALA B 78 10.70 4.10 27.47
CA ALA B 78 9.38 3.56 27.07
C ALA B 78 8.19 3.95 27.95
N ASN B 79 7.16 4.51 27.32
CA ASN B 79 5.83 4.75 27.93
C ASN B 79 5.77 5.76 29.10
N GLU B 80 6.76 6.64 29.16
CA GLU B 80 6.81 7.70 30.18
C GLU B 80 6.60 9.04 29.54
N LYS B 81 5.74 9.83 30.15
CA LYS B 81 5.63 11.25 29.81
C LYS B 81 6.87 12.01 30.29
N ILE B 82 7.34 12.97 29.50
CA ILE B 82 8.43 13.84 29.91
C ILE B 82 7.93 14.76 31.03
N ASP B 83 8.76 15.04 32.01
CA ASP B 83 8.41 16.00 33.07
C ASP B 83 8.36 17.46 32.71
N GLU B 84 7.67 18.22 33.58
CA GLU B 84 7.27 19.61 33.30
C GLU B 84 8.48 20.55 33.08
N VAL B 85 9.25 20.74 34.16
CA VAL B 85 10.55 21.43 34.15
C VAL B 85 11.36 21.09 32.88
N LEU B 86 11.69 19.81 32.75
CA LEU B 86 12.42 19.27 31.60
C LEU B 86 11.89 19.70 30.22
N LEU B 87 10.59 19.63 30.07
CA LEU B 87 9.96 19.85 28.78
C LEU B 87 9.95 21.34 28.39
N GLU B 88 9.92 22.22 29.38
CA GLU B 88 9.99 23.66 29.09
C GLU B 88 11.37 23.99 28.59
N LYS B 89 12.37 23.40 29.23
CA LYS B 89 13.74 23.59 28.85
C LYS B 89 14.00 23.09 27.41
N ILE B 90 13.48 21.90 27.08
CA ILE B 90 13.57 21.34 25.74
C ILE B 90 13.03 22.30 24.65
N ARG B 91 11.88 22.89 24.95
CA ARG B 91 11.31 23.85 24.01
C ARG B 91 12.23 25.02 24.01
N GLU B 92 12.62 25.49 25.20
CA GLU B 92 13.49 26.63 25.33
C GLU B 92 14.81 26.50 24.56
N LEU B 93 15.43 25.32 24.62
CA LEU B 93 16.63 25.08 23.84
C LEU B 93 16.40 24.84 22.34
N GLY B 94 15.17 24.97 21.86
CA GLY B 94 14.90 24.81 20.42
C GLY B 94 14.94 23.40 19.86
N PHE B 95 14.66 22.40 20.69
CA PHE B 95 14.53 21.02 20.18
C PHE B 95 13.20 20.69 19.55
N GLN B 96 13.20 19.78 18.56
CA GLN B 96 11.99 19.20 17.98
CA GLN B 96 11.94 19.27 18.05
C GLN B 96 11.56 18.02 18.86
N ILE B 97 10.25 17.87 19.10
CA ILE B 97 9.78 16.72 19.89
C ILE B 97 8.97 15.77 19.05
N GLY B 98 9.25 14.49 19.25
CA GLY B 98 8.62 13.41 18.49
C GLY B 98 8.20 12.24 19.38
N VAL B 99 7.40 11.36 18.77
CA VAL B 99 6.96 10.15 19.37
C VAL B 99 7.26 9.01 18.41
N LEU B 100 7.67 7.90 18.97
CA LEU B 100 8.07 6.73 18.24
C LEU B 100 7.15 5.63 18.75
N GLU B 101 6.59 4.85 17.85
CA GLU B 101 5.56 3.90 18.22
C GLU B 101 5.95 2.48 17.95
N LEU B 102 5.74 1.60 18.92
CA LEU B 102 6.03 0.17 18.75
C LEU B 102 4.79 -0.58 18.31
N TYR B 103 4.87 -1.35 17.20
CA TYR B 103 3.77 -2.22 16.75
C TYR B 103 4.22 -3.63 16.70
N VAL B 104 3.31 -4.56 16.91
CA VAL B 104 3.66 -5.98 17.00
C VAL B 104 2.53 -6.75 16.37
N ILE B 105 2.83 -7.90 15.81
CA ILE B 105 1.81 -8.76 15.27
C ILE B 105 2.32 -10.21 15.32
N GLU B 106 1.42 -11.20 15.40
CA GLU B 106 1.87 -12.58 15.26
C GLU B 106 2.07 -12.85 13.80
N ALA B 107 3.05 -13.66 13.50
CA ALA B 107 3.39 -14.04 12.14
C ALA B 107 2.23 -14.68 11.46
N LYS B 108 1.49 -15.52 12.21
CA LYS B 108 0.28 -16.13 11.63
C LYS B 108 -0.61 -15.07 10.91
N ALA B 109 -0.93 -13.98 11.62
CA ALA B 109 -1.78 -12.92 11.10
C ALA B 109 -1.26 -12.38 9.77
N LEU B 110 0.04 -12.17 9.69
CA LEU B 110 0.71 -11.72 8.46
C LEU B 110 0.55 -12.70 7.30
N LYS B 111 0.78 -13.98 7.62
CA LYS B 111 0.66 -15.11 6.68
C LYS B 111 -0.73 -15.25 6.13
N GLU B 112 -1.70 -14.88 6.95
CA GLU B 112 -3.11 -14.89 6.56
C GLU B 112 -3.51 -13.82 5.54
N LEU B 113 -2.70 -12.77 5.36
CA LEU B 113 -3.11 -11.61 4.56
C LEU B 113 -3.45 -11.99 3.10
N SER B 114 -4.41 -11.30 2.47
CA SER B 114 -4.70 -11.48 1.02
C SER B 114 -3.42 -11.47 0.21
N ARG B 115 -3.32 -12.42 -0.69
CA ARG B 115 -2.13 -12.67 -1.46
C ARG B 115 -2.28 -12.07 -2.84
N LYS B 116 -1.15 -11.86 -3.49
CA LYS B 116 -1.12 -11.36 -4.83
C LYS B 116 0.08 -12.06 -5.42
N ARG B 117 -0.15 -13.25 -5.99
CA ARG B 117 0.91 -14.23 -6.32
C ARG B 117 1.82 -13.87 -7.53
N ASP B 118 1.49 -12.78 -8.19
CA ASP B 118 2.11 -12.34 -9.47
C ASP B 118 3.21 -11.29 -9.23
N VAL B 119 3.42 -11.01 -7.93
CA VAL B 119 4.54 -10.31 -7.34
C VAL B 119 5.71 -11.30 -7.03
N ASP B 120 6.92 -10.89 -7.42
CA ASP B 120 8.15 -11.68 -7.27
C ASP B 120 9.05 -11.00 -6.23
N ILE B 121 9.30 -11.71 -5.14
CA ILE B 121 10.10 -11.14 -4.07
C ILE B 121 11.42 -11.89 -3.95
N GLN B 122 12.50 -11.14 -4.12
CA GLN B 122 13.87 -11.61 -3.96
C GLN B 122 14.64 -10.93 -2.84
N LEU B 123 15.55 -11.75 -2.27
CA LEU B 123 16.58 -11.31 -1.34
C LEU B 123 17.61 -10.43 -2.05
N VAL B 124 18.06 -9.35 -1.40
CA VAL B 124 19.08 -8.54 -2.05
C VAL B 124 20.50 -9.06 -1.96
N SER B 125 21.16 -8.95 -3.10
CA SER B 125 22.50 -9.47 -3.32
C SER B 125 23.14 -8.48 -4.27
N SER B 126 24.37 -8.81 -4.65
CA SER B 126 25.12 -8.17 -5.70
C SER B 126 24.34 -7.98 -6.96
N ASN B 127 23.45 -8.94 -7.23
CA ASN B 127 22.77 -8.95 -8.51
C ASN B 127 21.52 -8.08 -8.65
N ASN B 128 20.92 -7.65 -7.55
CA ASN B 128 19.70 -6.89 -7.65
C ASN B 128 19.69 -5.70 -6.72
N ILE B 129 20.83 -5.36 -6.13
CA ILE B 129 20.98 -4.22 -5.20
C ILE B 129 20.54 -2.91 -5.85
N ASN B 130 20.83 -2.75 -7.15
CA ASN B 130 20.41 -1.54 -7.86
C ASN B 130 18.90 -1.42 -7.92
N ASP B 131 18.20 -2.58 -7.99
CA ASP B 131 16.73 -2.60 -7.90
C ASP B 131 16.22 -2.18 -6.49
N TYR B 132 16.81 -2.68 -5.42
CA TYR B 132 16.40 -2.21 -4.07
C TYR B 132 16.53 -0.69 -4.07
N LEU B 133 17.64 -0.20 -4.61
CA LEU B 133 17.94 1.22 -4.56
C LEU B 133 17.12 2.05 -5.49
N HIS B 134 16.62 1.45 -6.56
CA HIS B 134 15.69 2.18 -7.38
C HIS B 134 14.52 2.65 -6.50
N VAL B 135 14.01 1.75 -5.66
CA VAL B 135 12.85 2.03 -4.84
C VAL B 135 13.27 2.88 -3.66
N TYR B 136 14.39 2.50 -3.05
CA TYR B 136 14.90 3.22 -1.91
C TYR B 136 15.18 4.70 -2.27
N ASP B 137 15.67 4.96 -3.47
CA ASP B 137 16.05 6.30 -3.86
C ASP B 137 14.79 7.17 -4.08
N ALA B 138 13.77 6.59 -4.71
CA ALA B 138 12.51 7.33 -4.93
C ALA B 138 11.93 7.82 -3.61
N PHE B 139 12.12 7.06 -2.50
CA PHE B 139 11.77 7.54 -1.16
C PHE B 139 12.68 8.61 -0.55
N ALA B 140 13.96 8.52 -0.84
CA ALA B 140 14.88 9.35 -0.11
C ALA B 140 15.05 10.71 -0.77
N ARG B 141 15.14 10.71 -2.11
CA ARG B 141 15.48 11.89 -2.87
C ARG B 141 14.50 13.09 -2.75
N PRO B 142 13.22 12.85 -2.43
CA PRO B 142 12.38 13.99 -2.01
C PRO B 142 12.98 14.81 -0.87
N PHE B 143 13.85 14.20 -0.06
CA PHE B 143 14.51 14.91 1.04
C PHE B 143 15.81 15.60 0.67
N GLY B 144 16.09 15.72 -0.63
CA GLY B 144 17.32 16.32 -1.07
C GLY B 144 18.25 15.26 -1.66
N ASP B 145 18.95 15.65 -2.72
CA ASP B 145 19.93 14.80 -3.36
C ASP B 145 21.04 14.46 -2.40
N SER B 146 21.41 15.46 -1.62
CA SER B 146 22.48 15.31 -0.72
C SER B 146 22.09 14.34 0.40
N TYR B 147 20.92 14.47 0.99
CA TYR B 147 20.52 13.38 1.89
C TYR B 147 20.53 12.03 1.16
N ALA B 148 19.94 11.95 -0.03
CA ALA B 148 19.73 10.66 -0.68
C ALA B 148 21.05 10.07 -1.15
N ASN B 149 21.99 10.92 -1.56
CA ASN B 149 23.35 10.47 -1.93
C ASN B 149 24.05 9.80 -0.74
N VAL B 151 22.60 8.22 2.07
CA VAL B 151 22.08 6.94 2.57
C VAL B 151 22.35 5.89 1.52
N LYS B 152 22.35 6.34 0.27
CA LYS B 152 22.72 5.50 -0.83
C LYS B 152 24.11 4.88 -0.62
N GLN B 153 25.14 5.71 -0.37
CA GLN B 153 26.51 5.20 -0.18
C GLN B 153 26.61 4.34 1.08
N HIS B 154 25.80 4.72 2.06
CA HIS B 154 25.80 3.95 3.29
C HIS B 154 25.32 2.51 2.99
N ILE B 155 24.18 2.36 2.33
CA ILE B 155 23.76 1.03 1.89
C ILE B 155 24.81 0.32 1.05
N TYR B 156 25.37 1.03 0.06
CA TYR B 156 26.38 0.39 -0.77
C TYR B 156 27.60 -0.05 0.01
N SER B 157 27.85 0.54 1.17
CA SER B 157 29.03 0.13 1.87
C SER B 157 28.81 -1.05 2.78
N SER B 158 27.57 -1.52 2.92
CA SER B 158 27.41 -2.64 3.88
C SER B 158 26.27 -3.59 3.63
N TYR B 159 25.70 -3.58 2.44
CA TYR B 159 24.57 -4.42 2.30
C TYR B 159 24.91 -5.92 2.44
N ASN B 160 26.13 -6.35 2.11
CA ASN B 160 26.48 -7.76 2.28
C ASN B 160 27.02 -7.99 3.69
N LEU B 161 27.76 -7.03 4.16
CA LEU B 161 28.62 -7.23 5.27
C LEU B 161 27.90 -7.05 6.57
N ASP B 162 26.84 -6.25 6.58
CA ASP B 162 26.03 -6.11 7.79
C ASP B 162 25.15 -7.34 8.00
N ASP B 163 24.33 -7.28 9.03
CA ASP B 163 23.42 -8.38 9.27
C ASP B 163 21.95 -7.98 9.14
N ILE B 164 21.68 -6.94 8.37
CA ILE B 164 20.35 -6.71 7.85
C ILE B 164 20.18 -7.53 6.56
N GLU B 165 19.05 -8.23 6.46
CA GLU B 165 18.57 -8.75 5.19
C GLU B 165 17.59 -7.78 4.52
N ARG B 166 17.50 -7.85 3.20
CA ARG B 166 16.66 -6.91 2.50
C ARG B 166 15.90 -7.63 1.41
N LEU B 167 14.66 -7.17 1.16
CA LEU B 167 13.82 -7.74 0.11
C LEU B 167 13.51 -6.65 -0.86
N VAL B 168 13.45 -7.03 -2.13
CA VAL B 168 12.92 -6.21 -3.19
C VAL B 168 11.80 -7.01 -3.86
N ALA B 169 10.75 -6.27 -4.28
CA ALA B 169 9.50 -6.84 -4.83
C ALA B 169 9.36 -6.38 -6.23
N TYR B 170 9.07 -7.31 -7.13
CA TYR B 170 8.92 -6.94 -8.54
C TYR B 170 7.54 -7.17 -9.08
N VAL B 171 7.03 -6.20 -9.82
CA VAL B 171 5.86 -6.43 -10.63
C VAL B 171 6.26 -6.27 -12.07
N ASN B 172 6.05 -7.35 -12.83
CA ASN B 172 6.41 -7.35 -14.24
C ASN B 172 7.89 -7.01 -14.43
N HIS B 173 8.75 -7.64 -13.64
CA HIS B 173 10.20 -7.45 -13.73
C HIS B 173 10.64 -6.09 -13.34
N GLN B 174 9.71 -5.28 -12.84
CA GLN B 174 10.05 -3.94 -12.38
C GLN B 174 9.95 -3.92 -10.87
N PRO B 175 10.92 -3.23 -10.23
CA PRO B 175 11.11 -3.12 -8.79
C PRO B 175 10.21 -2.08 -8.24
N VAL B 176 9.42 -2.53 -7.29
CA VAL B 176 8.27 -1.78 -6.89
C VAL B 176 8.12 -1.61 -5.36
N GLY B 177 8.73 -2.50 -4.58
CA GLY B 177 8.75 -2.30 -3.15
C GLY B 177 9.87 -3.01 -2.43
N ILE B 178 10.08 -2.62 -1.17
CA ILE B 178 11.24 -3.01 -0.40
C ILE B 178 10.93 -3.03 1.12
N VAL B 179 11.75 -3.77 1.84
CA VAL B 179 11.70 -3.83 3.31
C VAL B 179 13.03 -4.38 3.84
N ASP B 180 13.42 -3.98 5.05
CA ASP B 180 14.61 -4.53 5.70
C ASP B 180 14.17 -5.30 6.88
N ILE B 181 14.89 -6.40 7.14
CA ILE B 181 14.50 -7.41 8.08
C ILE B 181 15.68 -7.66 8.99
N ILE B 182 15.47 -7.46 10.28
CA ILE B 182 16.50 -7.66 11.28
C ILE B 182 16.02 -8.89 12.03
N THR B 184 16.32 -12.29 14.73
CA THR B 184 16.91 -12.85 15.95
C THR B 184 16.10 -14.07 16.31
N ASP B 185 16.55 -14.82 17.28
CA ASP B 185 15.75 -15.99 17.75
C ASP B 185 14.32 -15.66 18.24
N LYS B 186 14.18 -14.51 18.88
CA LYS B 186 12.90 -14.12 19.43
C LYS B 186 11.96 -13.32 18.44
N THR B 187 12.49 -12.57 17.49
CA THR B 187 11.61 -11.74 16.69
C THR B 187 12.22 -11.43 15.34
N ILE B 188 11.33 -11.17 14.37
CA ILE B 188 11.72 -10.46 13.18
C ILE B 188 11.25 -9.02 13.28
N GLU B 189 12.17 -8.08 13.08
CA GLU B 189 11.83 -6.68 12.99
C GLU B 189 11.84 -6.24 11.53
N ILE B 190 10.85 -5.46 11.12
CA ILE B 190 10.92 -4.91 9.78
C ILE B 190 11.18 -3.44 9.87
N ASP B 191 11.67 -2.88 8.78
CA ASP B 191 12.01 -1.50 8.83
C ASP B 191 12.32 -1.03 7.41
N GLY B 192 12.15 0.27 7.19
CA GLY B 192 12.26 0.87 5.87
C GLY B 192 11.34 0.31 4.80
N PHE B 193 10.20 -0.20 5.23
CA PHE B 193 9.23 -0.76 4.32
C PHE B 193 8.72 0.36 3.38
N GLY B 194 8.61 0.07 2.07
CA GLY B 194 8.04 1.04 1.12
C GLY B 194 7.64 0.47 -0.23
N VAL B 195 6.57 1.03 -0.79
CA VAL B 195 6.01 0.67 -2.08
C VAL B 195 5.89 1.94 -2.89
N LEU B 196 6.41 1.94 -4.09
CA LEU B 196 6.25 3.10 -5.00
C LEU B 196 4.81 3.59 -5.09
N GLU B 197 4.62 4.90 -5.20
CA GLU B 197 3.29 5.48 -5.12
C GLU B 197 2.36 5.00 -6.25
N GLU B 198 2.88 4.88 -7.47
CA GLU B 198 2.09 4.30 -8.55
C GLU B 198 1.52 2.92 -8.17
N PHE B 199 2.19 2.22 -7.26
CA PHE B 199 1.86 0.83 -7.02
C PHE B 199 1.20 0.58 -5.65
N GLN B 200 0.88 1.66 -4.94
CA GLN B 200 0.35 1.52 -3.56
C GLN B 200 -1.11 1.16 -3.52
N HIS B 201 -1.57 0.60 -2.40
CA HIS B 201 -2.99 0.25 -2.22
C HIS B 201 -3.54 -0.83 -3.15
N GLN B 202 -2.70 -1.68 -3.73
CA GLN B 202 -3.28 -2.66 -4.59
C GLN B 202 -2.75 -4.06 -4.30
N GLY B 203 -2.47 -4.30 -3.02
CA GLY B 203 -2.07 -5.63 -2.55
C GLY B 203 -0.60 -5.96 -2.45
N ILE B 204 0.24 -5.08 -2.99
CA ILE B 204 1.67 -5.36 -2.94
C ILE B 204 2.22 -5.34 -1.52
N GLY B 205 1.93 -4.31 -0.71
CA GLY B 205 2.46 -4.28 0.66
C GLY B 205 2.09 -5.51 1.44
N SER B 206 0.83 -5.93 1.26
CA SER B 206 0.29 -7.16 1.84
C SER B 206 1.01 -8.41 1.38
N GLU B 207 1.38 -8.47 0.11
CA GLU B 207 2.12 -9.63 -0.34
C GLU B 207 3.51 -9.69 0.34
N ILE B 208 4.16 -8.52 0.44
CA ILE B 208 5.45 -8.43 1.10
C ILE B 208 5.32 -8.84 2.60
N GLN B 209 4.37 -8.25 3.26
CA GLN B 209 4.07 -8.56 4.65
C GLN B 209 3.89 -10.07 4.87
N ALA B 210 3.17 -10.73 3.97
CA ALA B 210 2.95 -12.17 4.07
C ALA B 210 4.26 -12.93 4.00
N TYR B 211 5.16 -12.44 3.17
CA TYR B 211 6.41 -13.11 2.96
C TYR B 211 7.17 -13.11 4.28
N VAL B 212 7.33 -11.92 4.84
CA VAL B 212 7.93 -11.73 6.17
C VAL B 212 7.30 -12.64 7.24
N GLY B 213 5.98 -12.80 7.19
CA GLY B 213 5.34 -13.76 8.10
C GLY B 213 5.82 -15.21 7.91
N ARG B 214 6.00 -15.62 6.65
CA ARG B 214 6.33 -17.01 6.41
C ARG B 214 7.73 -17.21 6.95
N ALA B 216 9.13 -15.39 9.35
CA ALA B 216 9.17 -15.22 10.81
C ALA B 216 8.78 -16.54 11.47
N ASN B 217 8.01 -17.34 10.72
CA ASN B 217 7.46 -18.65 11.19
C ASN B 217 6.50 -18.62 12.41
N GLU B 218 7.06 -18.42 13.62
CA GLU B 218 6.34 -18.25 14.84
C GLU B 218 6.88 -17.06 15.61
N ARG B 219 7.87 -16.37 15.08
CA ARG B 219 8.40 -15.21 15.77
C ARG B 219 7.45 -14.06 15.56
N PRO B 220 7.11 -13.36 16.65
CA PRO B 220 6.41 -12.08 16.51
C PRO B 220 7.15 -11.16 15.50
N VAL B 221 6.39 -10.38 14.73
CA VAL B 221 6.90 -9.43 13.72
C VAL B 221 6.68 -8.06 14.30
N ILE B 222 7.75 -7.28 14.42
CA ILE B 222 7.70 -6.02 15.15
C ILE B 222 8.29 -4.88 14.31
N LEU B 223 7.91 -3.64 14.64
CA LEU B 223 8.54 -2.50 14.05
C LEU B 223 8.28 -1.28 14.91
N VAL B 224 9.14 -0.27 14.77
CA VAL B 224 8.93 1.04 15.36
C VAL B 224 8.65 1.96 14.18
N ALA B 225 7.65 2.83 14.32
CA ALA B 225 7.32 3.85 13.29
C ALA B 225 7.37 5.25 13.91
N ASP B 226 8.17 6.10 13.29
CA ASP B 226 8.25 7.49 13.73
C ASP B 226 7.02 8.30 13.30
N GLY B 227 7.06 9.59 13.64
CA GLY B 227 5.99 10.53 13.32
C GLY B 227 5.87 10.94 11.85
N LYS B 228 6.88 10.65 11.04
CA LYS B 228 6.74 10.78 9.59
C LYS B 228 6.91 9.44 8.86
N ASP B 229 6.00 8.50 9.10
CA ASP B 229 6.04 7.17 8.48
C ASP B 229 4.84 6.94 7.58
N THR B 230 5.13 6.79 6.28
CA THR B 230 4.13 6.65 5.21
C THR B 230 3.13 5.52 5.49
N ALA B 231 3.64 4.39 5.94
CA ALA B 231 2.91 3.14 5.93
C ALA B 231 2.09 2.91 7.19
N LYS B 232 2.00 3.91 8.06
CA LYS B 232 1.41 3.69 9.38
C LYS B 232 -0.01 3.13 9.25
N ASP B 233 -0.74 3.70 8.31
CA ASP B 233 -2.11 3.36 8.09
C ASP B 233 -2.23 1.92 7.55
N TYR B 235 -0.19 -0.48 8.31
CA TYR B 235 0.16 -1.48 9.32
C TYR B 235 -1.08 -1.71 10.13
N LEU B 236 -1.86 -0.66 10.34
CA LEU B 236 -3.12 -0.85 11.03
C LEU B 236 -4.10 -1.71 10.22
N ARG B 237 -4.28 -1.40 8.94
CA ARG B 237 -5.09 -2.24 8.07
CA ARG B 237 -5.08 -2.25 8.06
C ARG B 237 -4.65 -3.70 8.21
N GLN B 238 -3.37 -3.96 8.29
CA GLN B 238 -2.91 -5.34 8.29
C GLN B 238 -2.98 -6.10 9.61
N GLY B 239 -3.26 -5.41 10.72
CA GLY B 239 -3.56 -6.10 11.97
C GLY B 239 -2.59 -5.83 13.11
N TYR B 240 -1.71 -4.87 12.86
CA TYR B 240 -0.65 -4.61 13.78
C TYR B 240 -1.19 -3.96 15.02
N VAL B 241 -0.70 -4.43 16.16
CA VAL B 241 -1.18 -4.03 17.46
C VAL B 241 -0.25 -2.98 18.04
N TYR B 242 -0.80 -1.82 18.35
CA TYR B 242 -0.03 -0.81 19.03
C TYR B 242 0.40 -1.31 20.42
N GLN B 243 1.67 -1.14 20.72
CA GLN B 243 2.28 -1.59 21.93
C GLN B 243 3.18 -0.59 22.69
N GLY B 244 3.00 0.71 22.58
CA GLY B 244 3.80 1.59 23.44
C GLY B 244 4.51 2.69 22.66
N PHE B 245 5.01 3.71 23.37
CA PHE B 245 5.60 4.88 22.74
C PHE B 245 6.88 5.32 23.44
N LYS B 246 7.64 6.15 22.75
CA LYS B 246 8.80 6.78 23.31
C LYS B 246 8.89 8.14 22.72
N TYR B 247 9.02 9.11 23.61
CA TYR B 247 9.35 10.48 23.18
C TYR B 247 10.83 10.58 22.80
N HIS B 248 11.11 11.32 21.76
CA HIS B 248 12.48 11.59 21.44
C HIS B 248 12.65 12.99 20.87
N ILE B 249 13.84 13.54 21.06
CA ILE B 249 14.06 14.91 20.71
C ILE B 249 15.29 15.07 19.81
N LEU B 250 15.21 16.02 18.89
CA LEU B 250 16.30 16.28 17.96
C LEU B 250 16.59 17.77 17.85
N LYS B 251 17.86 18.14 17.87
CA LYS B 251 18.22 19.52 17.58
C LYS B 251 19.31 19.52 16.55
N GLU B 252 19.01 20.15 15.42
CA GLU B 252 19.92 20.30 14.29
C GLU B 252 20.69 21.63 14.32
N ASN B 253 21.87 21.60 13.70
CA ASN B 253 22.71 22.78 13.56
C ASN B 253 23.03 23.35 14.93
N ILE B 254 23.55 22.52 15.84
CA ILE B 254 23.76 22.97 17.20
C ILE B 254 24.78 24.07 17.21
N SER C 1 -1.36 -21.31 -4.47
CA SER C 1 -1.73 -21.37 -5.91
C SER C 1 -3.17 -20.88 -6.16
N ASN C 2 -4.11 -21.83 -6.09
CA ASN C 2 -5.52 -21.61 -6.42
C ASN C 2 -6.47 -22.73 -5.92
N ALA C 3 -6.19 -23.99 -6.27
CA ALA C 3 -7.12 -25.13 -6.05
C ALA C 3 -6.93 -25.88 -4.72
N SER C 5 -4.65 -25.67 -2.84
CA SER C 5 -4.28 -24.51 -2.03
C SER C 5 -5.41 -23.98 -1.12
N LYS C 6 -6.61 -23.80 -1.68
CA LYS C 6 -7.67 -23.11 -0.96
C LYS C 6 -8.51 -24.07 -0.09
N ILE C 7 -8.14 -25.34 -0.01
CA ILE C 7 -8.97 -26.27 0.77
C ILE C 7 -8.71 -26.12 2.26
N THR C 8 -9.78 -26.03 3.01
CA THR C 8 -9.70 -25.93 4.45
C THR C 8 -10.73 -26.85 5.09
N PHE C 9 -10.75 -26.84 6.43
CA PHE C 9 -11.74 -27.52 7.23
C PHE C 9 -13.18 -27.10 6.95
N LYS C 10 -13.43 -25.85 6.56
CA LYS C 10 -14.84 -25.49 6.23
C LYS C 10 -15.38 -26.33 5.07
N ASP C 11 -14.48 -26.94 4.29
CA ASP C 11 -14.87 -27.83 3.17
C ASP C 11 -15.31 -29.26 3.53
N ILE C 12 -15.15 -29.61 4.81
CA ILE C 12 -15.43 -30.95 5.28
C ILE C 12 -16.90 -31.16 5.73
N TYR C 13 -17.51 -32.26 5.31
CA TYR C 13 -18.90 -32.54 5.67
C TYR C 13 -19.16 -32.68 7.17
N ILE C 14 -20.18 -31.99 7.69
CA ILE C 14 -20.74 -32.29 9.03
C ILE C 14 -22.11 -32.96 8.91
N ASP C 15 -22.24 -34.13 9.52
CA ASP C 15 -23.47 -34.88 9.41
C ASP C 15 -24.34 -34.65 10.62
N GLY C 16 -25.15 -33.60 10.53
CA GLY C 16 -26.06 -33.24 11.59
C GLY C 16 -26.68 -31.94 11.16
N ASN C 17 -27.85 -31.68 11.70
CA ASN C 17 -28.56 -30.46 11.41
C ASN C 17 -27.81 -29.31 12.04
N LYS C 18 -27.65 -28.23 11.28
CA LYS C 18 -27.01 -27.03 11.80
C LYS C 18 -28.07 -26.33 12.57
N ILE C 19 -27.95 -26.26 13.88
CA ILE C 19 -29.02 -25.65 14.64
C ILE C 19 -28.82 -24.12 14.84
N THR C 20 -27.58 -23.65 14.83
CA THR C 20 -27.25 -22.22 14.96
C THR C 20 -25.90 -21.85 14.37
N GLU C 21 -25.67 -20.55 14.20
CA GLU C 21 -24.37 -20.00 13.80
C GLU C 21 -24.42 -18.56 14.15
N ASP C 22 -23.27 -18.07 14.57
CA ASP C 22 -23.03 -16.64 14.70
C ASP C 22 -21.54 -16.48 14.46
N SER C 23 -20.99 -15.33 14.85
CA SER C 23 -19.57 -15.15 14.76
C SER C 23 -18.79 -16.32 15.35
N ARG C 24 -19.19 -16.82 16.53
CA ARG C 24 -18.32 -17.79 17.20
C ARG C 24 -18.56 -19.26 16.92
N LYS C 25 -19.80 -19.72 16.82
CA LYS C 25 -19.98 -21.16 16.69
C LYS C 25 -20.95 -21.60 15.59
N ALA C 26 -21.02 -22.93 15.41
CA ALA C 26 -22.13 -23.63 14.76
C ALA C 26 -22.46 -24.81 15.66
N ILE C 27 -23.73 -25.05 15.94
CA ILE C 27 -24.05 -26.15 16.85
C ILE C 27 -24.86 -27.19 16.10
N TYR C 28 -24.56 -28.46 16.33
CA TYR C 28 -25.21 -29.52 15.54
C TYR C 28 -25.83 -30.60 16.41
N LEU C 29 -27.13 -30.81 16.21
CA LEU C 29 -27.81 -31.97 16.73
C LEU C 29 -28.17 -32.89 15.58
N LEU C 30 -28.26 -34.18 15.91
CA LEU C 30 -29.02 -35.12 15.14
C LEU C 30 -29.88 -35.97 16.10
N PRO C 31 -31.13 -35.52 16.40
CA PRO C 31 -31.92 -36.29 17.35
C PRO C 31 -32.18 -37.78 16.98
N PRO C 32 -32.44 -38.10 15.69
CA PRO C 32 -32.52 -39.52 15.29
C PRO C 32 -31.39 -40.45 15.80
N GLN C 33 -30.16 -39.98 15.84
CA GLN C 33 -29.03 -40.80 16.25
C GLN C 33 -28.29 -40.06 17.36
N PRO C 34 -28.85 -40.02 18.57
CA PRO C 34 -28.30 -39.12 19.58
C PRO C 34 -27.08 -39.72 20.27
N LEU C 35 -26.75 -40.96 19.89
CA LEU C 35 -25.67 -41.71 20.52
C LEU C 35 -24.43 -41.70 19.66
N LYS C 36 -24.40 -40.79 18.68
CA LYS C 36 -23.31 -40.60 17.71
C LYS C 36 -22.66 -39.24 17.93
N TYR C 37 -21.41 -39.24 18.38
CA TYR C 37 -20.74 -38.04 18.94
C TYR C 37 -20.47 -36.95 17.93
N ALA C 38 -20.10 -37.41 16.72
CA ALA C 38 -19.63 -36.55 15.66
C ALA C 38 -20.72 -35.64 15.11
N SER C 39 -21.97 -36.11 15.17
CA SER C 39 -23.08 -35.38 14.59
C SER C 39 -23.74 -34.48 15.62
N ASN C 40 -23.54 -34.81 16.90
CA ASN C 40 -24.01 -33.96 18.01
C ASN C 40 -22.89 -33.19 18.70
N THR C 41 -22.64 -31.95 18.29
CA THR C 41 -21.43 -31.23 18.75
C THR C 41 -21.49 -29.72 18.54
N TRP C 42 -20.62 -29.01 19.24
CA TRP C 42 -20.31 -27.64 18.86
C TRP C 42 -19.02 -27.60 18.07
N ILE C 43 -18.92 -26.68 17.13
CA ILE C 43 -17.74 -26.43 16.31
C ILE C 43 -17.44 -24.94 16.44
N TYR C 44 -16.37 -24.58 17.16
CA TYR C 44 -16.04 -23.16 17.37
C TYR C 44 -15.38 -22.58 16.15
N LYS C 45 -15.39 -21.26 16.06
CA LYS C 45 -14.80 -20.56 14.93
C LYS C 45 -13.65 -19.71 15.42
N THR C 46 -13.85 -19.03 16.55
CA THR C 46 -12.76 -18.44 17.33
C THR C 46 -12.70 -19.10 18.72
N PRO C 48 -12.83 -19.79 22.72
CA PRO C 48 -13.49 -19.33 23.93
C PRO C 48 -12.49 -19.22 25.05
N THR C 49 -12.56 -18.12 25.80
CA THR C 49 -11.92 -18.05 27.08
C THR C 49 -12.50 -19.16 27.96
N ASN C 51 -13.71 -18.91 30.94
CA ASN C 51 -15.01 -18.44 31.45
C ASN C 51 -16.19 -18.89 30.60
N GLN C 52 -16.21 -18.52 29.32
CA GLN C 52 -17.39 -18.79 28.51
C GLN C 52 -17.52 -20.24 28.06
N TRP C 53 -16.40 -20.97 28.07
CA TRP C 53 -16.45 -22.39 27.72
C TRP C 53 -17.29 -23.13 28.77
N LEU C 54 -17.01 -22.84 30.04
CA LEU C 54 -17.79 -23.30 31.20
C LEU C 54 -19.31 -23.08 31.09
N LYS C 55 -19.70 -21.91 30.59
CA LYS C 55 -21.11 -21.61 30.30
C LYS C 55 -21.62 -22.37 29.09
N ASP C 56 -20.76 -22.46 28.08
CA ASP C 56 -21.07 -23.15 26.85
C ASP C 56 -21.41 -24.59 27.13
N ILE C 57 -20.74 -25.19 28.11
CA ILE C 57 -21.05 -26.58 28.44
C ILE C 57 -22.48 -26.71 29.00
N GLU C 58 -22.81 -25.93 30.02
CA GLU C 58 -24.18 -25.97 30.52
C GLU C 58 -25.18 -25.89 29.36
N VAL C 59 -24.97 -24.94 28.44
CA VAL C 59 -25.82 -24.78 27.27
C VAL C 59 -25.93 -26.10 26.49
N GLN C 60 -24.80 -26.76 26.23
CA GLN C 60 -24.82 -28.01 25.48
C GLN C 60 -25.35 -29.20 26.27
N LYS C 61 -24.93 -29.30 27.53
CA LYS C 61 -25.43 -30.32 28.46
C LYS C 61 -26.95 -30.34 28.38
N LYS C 62 -27.58 -29.21 28.68
CA LYS C 62 -29.00 -28.99 28.50
C LYS C 62 -29.57 -29.70 27.25
N HIS C 64 -28.21 -31.87 24.94
CA HIS C 64 -27.89 -33.27 24.77
C HIS C 64 -28.72 -34.19 25.65
N LEU C 65 -28.87 -33.83 26.93
CA LEU C 65 -29.75 -34.58 27.83
C LEU C 65 -31.21 -34.51 27.39
N ASN C 66 -31.69 -33.32 27.07
CA ASN C 66 -33.03 -33.18 26.54
C ASN C 66 -33.32 -34.00 25.28
N GLN C 67 -32.33 -34.72 24.77
CA GLN C 67 -32.56 -35.65 23.67
C GLN C 67 -31.83 -36.97 23.88
N SER C 68 -31.32 -37.15 25.11
CA SER C 68 -30.76 -38.44 25.55
C SER C 68 -29.40 -38.77 24.96
N SER C 69 -28.53 -37.76 24.92
CA SER C 69 -27.12 -37.87 24.53
C SER C 69 -26.31 -37.62 25.79
N TYR C 70 -25.43 -38.55 26.14
CA TYR C 70 -24.76 -38.49 27.43
C TYR C 70 -23.25 -38.17 27.29
N HIS C 71 -22.94 -37.54 26.16
CA HIS C 71 -21.63 -36.98 25.87
C HIS C 71 -21.68 -35.46 25.77
N LEU C 72 -20.49 -34.84 25.76
CA LEU C 72 -20.27 -33.45 25.36
C LEU C 72 -19.12 -33.41 24.36
N SER C 73 -19.09 -32.40 23.50
CA SER C 73 -18.09 -32.36 22.43
C SER C 73 -17.86 -31.02 21.74
N PHE C 74 -16.61 -30.57 21.77
CA PHE C 74 -16.17 -29.35 21.11
C PHE C 74 -15.02 -29.61 20.11
N SER C 75 -15.05 -28.88 19.00
CA SER C 75 -13.89 -28.73 18.14
C SER C 75 -13.44 -27.30 18.16
N PHE C 76 -12.15 -27.10 18.06
CA PHE C 76 -11.61 -25.77 18.16
C PHE C 76 -11.17 -25.29 16.80
N PRO C 77 -10.88 -23.99 16.69
CA PRO C 77 -10.58 -23.39 15.39
C PRO C 77 -9.34 -24.01 14.80
N ALA C 78 -9.36 -24.15 13.49
CA ALA C 78 -8.32 -24.81 12.73
C ALA C 78 -6.94 -24.21 12.98
N ASN C 79 -5.97 -25.10 13.10
CA ASN C 79 -4.56 -24.72 13.26
C ASN C 79 -4.21 -23.91 14.49
N GLU C 80 -5.05 -23.91 15.51
CA GLU C 80 -4.75 -23.16 16.75
C GLU C 80 -4.52 -24.11 17.92
N LYS C 81 -3.57 -23.79 18.80
CA LYS C 81 -3.32 -24.60 19.99
C LYS C 81 -4.16 -24.08 21.14
N ILE C 82 -4.68 -24.98 21.94
CA ILE C 82 -5.54 -24.64 23.08
C ILE C 82 -4.74 -23.88 24.10
N ASP C 83 -5.08 -22.59 24.21
CA ASP C 83 -4.61 -21.71 25.27
C ASP C 83 -4.54 -22.47 26.57
N GLU C 84 -3.57 -22.13 27.41
CA GLU C 84 -3.13 -23.09 28.42
C GLU C 84 -3.96 -23.20 29.73
N VAL C 85 -4.53 -22.08 30.18
CA VAL C 85 -5.49 -22.06 31.30
C VAL C 85 -6.68 -22.96 30.94
N LEU C 86 -7.25 -22.69 29.75
CA LEU C 86 -8.33 -23.49 29.19
C LEU C 86 -7.96 -24.96 29.11
N LEU C 87 -6.75 -25.20 28.61
CA LEU C 87 -6.20 -26.53 28.56
C LEU C 87 -6.16 -27.20 29.93
N GLU C 88 -5.70 -26.50 30.95
CA GLU C 88 -5.75 -27.11 32.28
C GLU C 88 -7.19 -27.44 32.71
N LYS C 89 -8.13 -26.55 32.42
CA LYS C 89 -9.49 -26.74 32.86
C LYS C 89 -10.14 -27.92 32.17
N ILE C 90 -9.90 -28.04 30.86
CA ILE C 90 -10.36 -29.19 30.06
C ILE C 90 -9.99 -30.51 30.74
N ARG C 91 -8.70 -30.67 31.01
CA ARG C 91 -8.21 -31.81 31.78
C ARG C 91 -8.90 -31.89 33.13
N GLU C 92 -8.93 -30.77 33.82
CA GLU C 92 -9.47 -30.74 35.15
C GLU C 92 -10.84 -31.41 35.16
N LEU C 93 -11.60 -31.19 34.11
CA LEU C 93 -12.99 -31.68 34.07
C LEU C 93 -13.18 -32.98 33.31
N GLY C 94 -12.10 -33.72 33.08
CA GLY C 94 -12.22 -35.08 32.60
C GLY C 94 -12.47 -35.20 31.10
N PHE C 95 -12.16 -34.14 30.35
CA PHE C 95 -12.21 -34.25 28.89
C PHE C 95 -11.01 -34.98 28.30
N GLN C 96 -11.31 -35.93 27.41
CA GLN C 96 -10.31 -36.53 26.54
C GLN C 96 -10.09 -35.57 25.38
N ILE C 97 -8.82 -35.41 25.01
CA ILE C 97 -8.42 -34.53 23.93
C ILE C 97 -7.90 -35.37 22.78
N GLY C 98 -8.13 -34.85 21.56
CA GLY C 98 -7.56 -35.41 20.32
C GLY C 98 -7.36 -34.37 19.21
N VAL C 99 -6.73 -34.80 18.13
CA VAL C 99 -6.40 -33.95 17.01
C VAL C 99 -6.95 -34.56 15.75
N LEU C 100 -7.63 -33.75 14.94
CA LEU C 100 -8.02 -34.09 13.57
C LEU C 100 -7.01 -33.50 12.60
N GLU C 101 -6.65 -34.24 11.57
CA GLU C 101 -5.75 -33.69 10.57
C GLU C 101 -6.46 -33.69 9.24
N LEU C 102 -6.24 -32.66 8.45
CA LEU C 102 -6.84 -32.57 7.15
C LEU C 102 -5.78 -33.03 6.19
N TYR C 103 -6.18 -33.85 5.21
CA TYR C 103 -5.31 -34.24 4.12
C TYR C 103 -6.00 -33.96 2.79
N VAL C 104 -5.20 -33.50 1.82
CA VAL C 104 -5.67 -33.16 0.49
C VAL C 104 -4.83 -33.89 -0.54
N ILE C 105 -5.39 -34.15 -1.72
CA ILE C 105 -4.59 -34.59 -2.87
C ILE C 105 -5.19 -34.01 -4.15
N GLU C 106 -4.40 -33.80 -5.16
CA GLU C 106 -5.03 -33.57 -6.43
C GLU C 106 -5.46 -34.87 -7.13
N ALA C 107 -6.56 -34.79 -7.85
CA ALA C 107 -7.08 -35.91 -8.60
C ALA C 107 -6.06 -36.67 -9.46
N LYS C 108 -5.33 -35.99 -10.32
CA LYS C 108 -4.35 -36.69 -11.19
C LYS C 108 -3.42 -37.64 -10.40
N ALA C 109 -2.83 -37.14 -9.31
CA ALA C 109 -1.98 -37.97 -8.49
C ALA C 109 -2.65 -39.32 -8.23
N LEU C 110 -3.96 -39.33 -8.02
CA LEU C 110 -4.70 -40.56 -7.77
C LEU C 110 -4.78 -41.50 -8.95
N LYS C 111 -4.96 -40.91 -10.14
CA LYS C 111 -5.08 -41.64 -11.38
C LYS C 111 -3.77 -42.37 -11.55
N GLU C 112 -2.68 -41.65 -11.35
CA GLU C 112 -1.36 -42.26 -11.56
C GLU C 112 -0.96 -43.22 -10.44
N LEU C 113 -1.96 -43.86 -9.80
CA LEU C 113 -1.70 -44.90 -8.79
C LEU C 113 -1.64 -46.26 -9.45
N SER C 114 -0.87 -47.14 -8.82
CA SER C 114 -0.81 -48.53 -9.23
C SER C 114 -2.21 -49.11 -9.36
N ARG C 115 -2.44 -49.73 -10.52
CA ARG C 115 -3.71 -50.32 -10.84
C ARG C 115 -3.66 -51.79 -10.50
N LYS C 116 -4.61 -52.27 -9.72
CA LYS C 116 -4.80 -53.72 -9.61
C LYS C 116 -6.15 -54.04 -10.27
N ARG C 117 -6.15 -54.03 -11.60
CA ARG C 117 -7.38 -54.12 -12.38
C ARG C 117 -8.26 -55.32 -12.06
N ASP C 118 -7.71 -56.25 -11.29
CA ASP C 118 -8.40 -57.46 -10.87
C ASP C 118 -9.58 -57.12 -9.98
N VAL C 119 -9.57 -55.92 -9.44
CA VAL C 119 -10.53 -55.50 -8.47
C VAL C 119 -11.77 -54.88 -9.09
N ASP C 120 -12.91 -55.30 -8.58
CA ASP C 120 -14.20 -54.85 -9.07
C ASP C 120 -14.87 -53.90 -8.05
N ILE C 121 -15.22 -52.71 -8.53
CA ILE C 121 -15.72 -51.62 -7.68
C ILE C 121 -17.13 -51.18 -8.09
N GLN C 122 -18.08 -51.40 -7.21
CA GLN C 122 -19.46 -51.00 -7.51
C GLN C 122 -19.92 -49.88 -6.63
N LEU C 123 -20.93 -49.18 -7.13
CA LEU C 123 -21.72 -48.22 -6.39
C LEU C 123 -22.70 -48.92 -5.44
N VAL C 124 -22.79 -48.43 -4.22
CA VAL C 124 -23.74 -49.04 -3.33
C VAL C 124 -25.17 -48.68 -3.67
N SER C 125 -25.99 -49.72 -3.80
CA SER C 125 -27.42 -49.58 -3.99
C SER C 125 -28.10 -50.67 -3.19
N SER C 126 -29.39 -50.79 -3.37
CA SER C 126 -30.14 -51.91 -2.86
C SER C 126 -29.60 -53.28 -3.16
N ASN C 127 -28.92 -53.46 -4.30
CA ASN C 127 -28.51 -54.82 -4.70
C ASN C 127 -27.22 -55.27 -4.02
N ASN C 128 -26.53 -54.37 -3.33
CA ASN C 128 -25.20 -54.67 -2.84
C ASN C 128 -24.89 -54.05 -1.47
N ILE C 129 -25.86 -53.38 -0.87
CA ILE C 129 -25.74 -52.90 0.52
C ILE C 129 -25.33 -53.99 1.53
N ASN C 130 -25.83 -55.22 1.39
CA ASN C 130 -25.41 -56.32 2.27
C ASN C 130 -23.89 -56.50 2.16
N ASP C 131 -23.32 -56.13 0.98
CA ASP C 131 -21.87 -56.35 0.73
C ASP C 131 -21.06 -55.24 1.35
N TYR C 132 -21.54 -54.02 1.18
CA TYR C 132 -20.97 -52.92 1.90
C TYR C 132 -20.90 -53.25 3.40
N LEU C 133 -22.04 -53.63 3.97
CA LEU C 133 -22.10 -53.94 5.39
C LEU C 133 -21.19 -55.04 5.83
N HIS C 134 -20.80 -55.93 4.92
CA HIS C 134 -19.97 -57.07 5.33
C HIS C 134 -18.64 -56.55 5.87
N VAL C 135 -18.10 -55.61 5.11
CA VAL C 135 -16.85 -54.97 5.43
C VAL C 135 -17.05 -53.96 6.60
N TYR C 136 -18.07 -53.13 6.49
CA TYR C 136 -18.33 -52.17 7.51
C TYR C 136 -18.40 -52.82 8.85
N ASP C 137 -19.17 -53.91 8.92
CA ASP C 137 -19.44 -54.59 10.14
C ASP C 137 -18.17 -55.13 10.79
N ALA C 138 -17.21 -55.56 9.99
CA ALA C 138 -16.00 -56.16 10.53
C ALA C 138 -15.06 -55.14 11.12
N PHE C 139 -15.19 -53.91 10.69
CA PHE C 139 -14.56 -52.82 11.39
C PHE C 139 -15.31 -52.47 12.68
N ALA C 140 -16.64 -52.39 12.63
CA ALA C 140 -17.41 -51.92 13.78
C ALA C 140 -17.44 -52.93 14.93
N ARG C 141 -17.64 -54.18 14.59
CA ARG C 141 -17.96 -55.25 15.56
C ARG C 141 -16.91 -55.44 16.67
N PRO C 142 -15.64 -55.10 16.41
CA PRO C 142 -14.72 -55.25 17.54
C PRO C 142 -14.93 -54.14 18.59
N PHE C 143 -15.69 -53.11 18.25
CA PHE C 143 -16.07 -52.13 19.26
C PHE C 143 -17.32 -52.56 20.02
N GLY C 144 -17.76 -53.80 19.80
CA GLY C 144 -18.96 -54.30 20.45
C GLY C 144 -20.16 -54.42 19.54
N ASP C 145 -21.06 -55.31 19.94
CA ASP C 145 -22.29 -55.58 19.22
C ASP C 145 -23.25 -54.42 19.33
N SER C 146 -23.36 -53.91 20.55
CA SER C 146 -24.21 -52.78 20.79
C SER C 146 -23.83 -51.63 19.85
N TYR C 147 -22.55 -51.28 19.80
CA TYR C 147 -22.15 -50.21 18.93
C TYR C 147 -22.36 -50.60 17.43
N ALA C 148 -21.92 -51.80 17.04
CA ALA C 148 -22.02 -52.23 15.64
C ALA C 148 -23.48 -52.24 15.21
N ASN C 149 -24.32 -52.85 16.05
CA ASN C 149 -25.75 -52.91 15.77
C ASN C 149 -26.30 -51.54 15.43
N VAL C 151 -24.83 -48.70 14.56
CA VAL C 151 -24.36 -48.07 13.30
C VAL C 151 -24.83 -48.80 12.04
N LYS C 152 -25.09 -50.10 12.14
CA LYS C 152 -25.60 -50.87 10.98
C LYS C 152 -27.01 -50.31 10.73
N GLN C 153 -27.78 -50.20 11.82
CA GLN C 153 -29.14 -49.67 11.67
C GLN C 153 -29.18 -48.23 11.09
N HIS C 154 -28.21 -47.41 11.49
CA HIS C 154 -28.15 -46.08 10.92
C HIS C 154 -27.90 -46.12 9.40
N ILE C 155 -26.93 -46.88 8.96
CA ILE C 155 -26.70 -46.96 7.52
C ILE C 155 -27.94 -47.42 6.76
N TYR C 156 -28.53 -48.54 7.21
CA TYR C 156 -29.79 -49.07 6.66
C TYR C 156 -30.95 -48.09 6.60
N SER C 157 -30.96 -47.10 7.49
CA SER C 157 -32.06 -46.19 7.37
C SER C 157 -31.75 -44.98 6.49
N SER C 158 -30.58 -44.92 5.84
CA SER C 158 -30.26 -43.73 5.06
C SER C 158 -29.45 -43.92 3.80
N TYR C 159 -29.03 -45.14 3.44
CA TYR C 159 -28.11 -45.27 2.35
C TYR C 159 -28.57 -44.76 1.00
N ASN C 160 -29.85 -44.83 0.65
CA ASN C 160 -30.37 -44.21 -0.61
C ASN C 160 -30.71 -42.74 -0.39
N LEU C 161 -31.25 -42.40 0.76
CA LEU C 161 -31.84 -41.07 0.93
C LEU C 161 -30.84 -39.96 1.21
N ASP C 162 -29.83 -40.22 2.05
CA ASP C 162 -28.80 -39.23 2.28
C ASP C 162 -27.99 -38.92 1.01
N ASP C 163 -27.25 -37.80 1.04
CA ASP C 163 -26.48 -37.38 -0.17
C ASP C 163 -25.10 -38.03 -0.21
N ILE C 164 -24.76 -38.88 0.75
CA ILE C 164 -23.49 -39.64 0.69
C ILE C 164 -23.62 -40.71 -0.37
N GLU C 165 -22.52 -40.99 -1.05
CA GLU C 165 -22.44 -42.08 -1.98
C GLU C 165 -21.40 -43.03 -1.46
N ARG C 166 -21.58 -44.31 -1.78
CA ARG C 166 -20.79 -45.36 -1.16
C ARG C 166 -20.28 -46.37 -2.18
N LEU C 167 -19.01 -46.79 -2.04
CA LEU C 167 -18.40 -47.78 -2.91
C LEU C 167 -18.13 -49.03 -2.14
N VAL C 168 -18.22 -50.17 -2.82
CA VAL C 168 -17.82 -51.43 -2.23
C VAL C 168 -16.98 -52.17 -3.30
N ALA C 169 -15.90 -52.81 -2.82
CA ALA C 169 -14.89 -53.42 -3.69
C ALA C 169 -14.80 -54.93 -3.49
N TYR C 170 -14.74 -55.62 -4.61
CA TYR C 170 -14.87 -57.08 -4.71
C TYR C 170 -13.60 -57.67 -5.27
N VAL C 171 -13.11 -58.73 -4.63
CA VAL C 171 -12.08 -59.61 -5.20
C VAL C 171 -12.56 -61.05 -5.20
N ASN C 172 -12.55 -61.65 -6.41
CA ASN C 172 -13.05 -63.00 -6.64
C ASN C 172 -14.48 -63.13 -6.12
N HIS C 173 -15.20 -62.04 -6.45
CA HIS C 173 -16.61 -61.86 -6.20
C HIS C 173 -16.97 -61.68 -4.75
N GLN C 174 -15.96 -61.64 -3.86
CA GLN C 174 -16.24 -61.37 -2.46
C GLN C 174 -15.98 -59.89 -2.12
N PRO C 175 -16.78 -59.33 -1.20
CA PRO C 175 -16.57 -57.94 -0.78
C PRO C 175 -15.40 -57.83 0.17
N VAL C 176 -14.57 -56.83 -0.05
CA VAL C 176 -13.22 -56.80 0.51
C VAL C 176 -12.76 -55.39 0.94
N GLY C 177 -13.35 -54.34 0.38
CA GLY C 177 -13.03 -52.97 0.82
C GLY C 177 -14.17 -52.01 0.50
N ILE C 178 -14.23 -50.91 1.26
CA ILE C 178 -15.30 -49.90 1.15
C ILE C 178 -14.74 -48.48 1.38
N VAL C 179 -15.52 -47.51 0.94
CA VAL C 179 -15.28 -46.09 1.24
C VAL C 179 -16.56 -45.31 1.02
N ASP C 180 -16.71 -44.20 1.76
CA ASP C 180 -17.84 -43.25 1.53
C ASP C 180 -17.33 -41.97 0.85
N ILE C 181 -18.17 -41.35 0.04
CA ILE C 181 -17.77 -40.11 -0.67
C ILE C 181 -18.82 -39.03 -0.59
N ILE C 182 -18.36 -37.83 -0.29
CA ILE C 182 -19.18 -36.63 -0.32
C ILE C 182 -18.74 -35.76 -1.50
N THR C 184 -19.17 -32.40 -3.78
CA THR C 184 -19.63 -31.04 -3.86
C THR C 184 -18.89 -30.44 -5.03
N ASP C 185 -19.30 -29.26 -5.44
CA ASP C 185 -18.75 -28.61 -6.64
C ASP C 185 -17.24 -28.51 -6.63
N LYS C 186 -16.69 -28.36 -5.44
CA LYS C 186 -15.33 -27.99 -5.26
C LYS C 186 -14.50 -29.25 -4.93
N THR C 187 -15.11 -30.24 -4.31
CA THR C 187 -14.30 -31.33 -3.82
C THR C 187 -15.04 -32.65 -3.76
N ILE C 188 -14.32 -33.75 -3.73
CA ILE C 188 -14.95 -34.91 -3.23
C ILE C 188 -14.22 -35.22 -1.91
N GLU C 189 -14.97 -35.68 -0.90
CA GLU C 189 -14.40 -35.99 0.38
C GLU C 189 -14.59 -37.48 0.57
N ILE C 190 -13.56 -38.13 1.14
CA ILE C 190 -13.47 -39.55 1.36
C ILE C 190 -13.65 -39.71 2.85
N ASP C 191 -14.43 -40.73 3.23
CA ASP C 191 -14.65 -41.04 4.60
C ASP C 191 -14.92 -42.53 4.83
N GLY C 192 -14.58 -43.01 6.02
CA GLY C 192 -14.80 -44.40 6.36
C GLY C 192 -14.15 -45.39 5.41
N PHE C 193 -12.98 -45.04 4.89
CA PHE C 193 -12.22 -45.93 4.01
C PHE C 193 -11.70 -47.17 4.79
N GLY C 194 -11.84 -48.37 4.21
CA GLY C 194 -11.44 -49.60 4.88
C GLY C 194 -11.33 -50.82 3.95
N VAL C 195 -10.27 -51.61 4.12
CA VAL C 195 -10.06 -52.89 3.43
C VAL C 195 -9.98 -53.90 4.55
N LEU C 196 -10.54 -55.09 4.33
CA LEU C 196 -10.44 -56.14 5.28
C LEU C 196 -8.97 -56.45 5.50
N GLU C 197 -8.63 -56.55 6.76
CA GLU C 197 -7.28 -56.90 7.20
C GLU C 197 -6.55 -57.88 6.32
N GLU C 198 -7.19 -58.98 6.01
CA GLU C 198 -6.51 -60.06 5.30
C GLU C 198 -6.31 -59.78 3.80
N PHE C 199 -6.77 -58.62 3.36
CA PHE C 199 -6.58 -58.16 1.99
C PHE C 199 -5.81 -56.85 1.94
N GLN C 200 -5.27 -56.45 3.09
CA GLN C 200 -4.50 -55.23 3.17
C GLN C 200 -3.14 -55.33 2.43
N HIS C 201 -2.60 -54.15 2.06
CA HIS C 201 -1.27 -54.02 1.41
C HIS C 201 -1.12 -54.78 0.09
N GLN C 202 -2.20 -54.94 -0.65
CA GLN C 202 -2.13 -55.70 -1.86
C GLN C 202 -2.41 -54.84 -3.09
N GLY C 203 -2.50 -53.53 -2.93
CA GLY C 203 -2.94 -52.65 -4.00
C GLY C 203 -4.42 -52.40 -4.08
N ILE C 204 -5.19 -53.00 -3.16
CA ILE C 204 -6.66 -52.87 -3.22
C ILE C 204 -7.14 -51.45 -2.95
N GLY C 205 -6.71 -50.87 -1.84
CA GLY C 205 -7.02 -49.49 -1.56
C GLY C 205 -6.57 -48.55 -2.67
N SER C 206 -5.37 -48.76 -3.20
CA SER C 206 -4.90 -47.96 -4.35
C SER C 206 -5.92 -47.97 -5.49
N GLU C 207 -6.53 -49.12 -5.69
CA GLU C 207 -7.48 -49.26 -6.74
C GLU C 207 -8.76 -48.50 -6.45
N ILE C 208 -9.25 -48.59 -5.20
CA ILE C 208 -10.37 -47.78 -4.74
C ILE C 208 -10.08 -46.28 -4.96
N GLN C 209 -8.92 -45.90 -4.45
CA GLN C 209 -8.44 -44.57 -4.55
C GLN C 209 -8.42 -44.07 -6.00
N ALA C 210 -7.91 -44.90 -6.90
CA ALA C 210 -7.93 -44.58 -8.32
C ALA C 210 -9.34 -44.25 -8.82
N TYR C 211 -10.30 -45.04 -8.36
CA TYR C 211 -11.67 -44.89 -8.82
C TYR C 211 -12.30 -43.56 -8.38
N VAL C 212 -11.95 -43.09 -7.19
CA VAL C 212 -12.50 -41.86 -6.65
C VAL C 212 -11.82 -40.71 -7.35
N GLY C 213 -10.55 -40.90 -7.65
CA GLY C 213 -9.80 -39.91 -8.36
C GLY C 213 -10.43 -39.74 -9.74
N ARG C 214 -10.97 -40.81 -10.32
CA ARG C 214 -11.56 -40.63 -11.67
C ARG C 214 -12.89 -39.96 -11.50
N ALA C 216 -13.59 -37.76 -9.24
CA ALA C 216 -13.30 -36.45 -8.78
C ALA C 216 -13.05 -35.55 -9.97
N ASN C 217 -12.58 -36.15 -11.07
CA ASN C 217 -12.29 -35.44 -12.30
C ASN C 217 -11.31 -34.29 -11.98
N GLU C 218 -11.70 -33.03 -12.10
CA GLU C 218 -10.81 -31.96 -11.71
C GLU C 218 -10.84 -31.60 -10.22
N ARG C 219 -11.80 -32.13 -9.46
CA ARG C 219 -11.85 -31.80 -7.99
C ARG C 219 -10.71 -32.40 -7.17
N PRO C 220 -10.10 -31.60 -6.25
CA PRO C 220 -9.13 -32.22 -5.33
C PRO C 220 -9.88 -33.16 -4.40
N VAL C 221 -9.23 -34.20 -3.91
CA VAL C 221 -9.89 -35.07 -2.92
C VAL C 221 -9.36 -34.91 -1.49
N ILE C 222 -10.28 -34.91 -0.55
CA ILE C 222 -9.96 -34.47 0.78
C ILE C 222 -10.48 -35.50 1.78
N LEU C 223 -9.80 -35.58 2.92
CA LEU C 223 -10.33 -36.29 4.07
C LEU C 223 -9.81 -35.68 5.37
N VAL C 224 -10.56 -35.92 6.45
CA VAL C 224 -10.01 -35.69 7.78
C VAL C 224 -9.80 -37.05 8.42
N ALA C 225 -8.60 -37.26 8.96
CA ALA C 225 -8.28 -38.48 9.68
C ALA C 225 -8.09 -38.14 11.14
N ASP C 226 -8.32 -39.13 11.98
CA ASP C 226 -8.30 -38.99 13.45
C ASP C 226 -7.12 -39.81 14.07
N GLY C 227 -7.15 -40.12 15.37
CA GLY C 227 -6.15 -40.99 16.00
C GLY C 227 -6.43 -42.46 15.66
N LYS C 228 -7.71 -42.83 15.84
CA LYS C 228 -8.35 -44.09 15.41
C LYS C 228 -8.33 -44.49 13.90
N ASP C 229 -8.26 -43.55 12.95
CA ASP C 229 -8.14 -43.93 11.52
C ASP C 229 -6.81 -44.67 11.24
N THR C 230 -6.88 -45.96 10.93
CA THR C 230 -5.64 -46.73 10.81
C THR C 230 -4.95 -46.58 9.46
N ALA C 231 -5.66 -46.04 8.46
CA ALA C 231 -5.18 -45.94 7.08
C ALA C 231 -4.30 -44.71 6.75
N LYS C 232 -3.92 -43.95 7.79
CA LYS C 232 -3.08 -42.76 7.63
C LYS C 232 -1.82 -43.09 6.84
N ASP C 233 -1.18 -44.18 7.24
CA ASP C 233 0.04 -44.62 6.61
C ASP C 233 -0.15 -44.80 5.11
N TYR C 235 -2.46 -43.29 3.26
CA TYR C 235 -2.77 -42.02 2.65
C TYR C 235 -1.48 -41.33 2.27
N LEU C 236 -0.56 -41.31 3.20
CA LEU C 236 0.73 -40.74 2.97
C LEU C 236 1.53 -41.44 1.88
N ARG C 237 1.50 -42.76 1.84
CA ARG C 237 2.26 -43.46 0.83
C ARG C 237 1.54 -43.30 -0.50
N GLN C 238 0.25 -43.02 -0.45
CA GLN C 238 -0.52 -42.74 -1.64
C GLN C 238 -0.45 -41.29 -2.17
N GLY C 239 0.29 -40.38 -1.52
CA GLY C 239 0.54 -39.05 -2.07
C GLY C 239 -0.17 -37.90 -1.36
N TYR C 240 -0.91 -38.21 -0.30
CA TYR C 240 -1.79 -37.25 0.38
C TYR C 240 -0.95 -36.23 1.08
N VAL C 241 -1.35 -34.96 1.00
CA VAL C 241 -0.55 -33.94 1.67
C VAL C 241 -1.29 -33.36 2.86
N TYR C 242 -0.54 -33.21 3.93
CA TYR C 242 -1.03 -32.76 5.23
C TYR C 242 -1.29 -31.24 5.13
N GLN C 243 -2.47 -30.85 5.55
CA GLN C 243 -2.96 -29.50 5.36
C GLN C 243 -3.42 -28.83 6.65
N GLY C 244 -2.98 -29.33 7.79
CA GLY C 244 -3.33 -28.64 9.05
C GLY C 244 -4.14 -29.51 9.99
N PHE C 245 -4.43 -28.99 11.19
CA PHE C 245 -4.99 -29.78 12.26
C PHE C 245 -6.11 -29.03 12.93
N LYS C 246 -6.82 -29.73 13.82
CA LYS C 246 -7.88 -29.15 14.65
C LYS C 246 -7.99 -29.94 15.96
N TYR C 247 -7.95 -29.24 17.07
CA TYR C 247 -8.11 -29.94 18.36
C TYR C 247 -9.60 -30.21 18.62
N HIS C 248 -9.95 -31.39 19.09
CA HIS C 248 -11.32 -31.55 19.61
C HIS C 248 -11.33 -32.26 20.95
N ILE C 249 -12.45 -32.18 21.66
CA ILE C 249 -12.52 -32.80 22.99
C ILE C 249 -13.85 -33.49 23.21
N LEU C 250 -13.85 -34.48 24.08
CA LEU C 250 -15.00 -35.37 24.20
C LEU C 250 -15.09 -35.93 25.60
N LYS C 251 -16.30 -35.95 26.15
CA LYS C 251 -16.62 -36.34 27.53
C LYS C 251 -17.80 -37.28 27.44
N GLU C 252 -17.78 -38.40 28.16
CA GLU C 252 -18.77 -39.48 27.94
C GLU C 252 -19.67 -39.96 29.11
N ASN C 253 -19.52 -39.46 30.32
CA ASN C 253 -20.62 -39.80 31.22
C ASN C 253 -21.68 -38.73 31.28
N ILE C 254 -21.48 -37.73 32.15
CA ILE C 254 -22.47 -36.65 32.42
C ILE C 254 -23.85 -37.13 33.00
N ASN D 2 20.17 -31.12 -2.57
CA ASN D 2 20.03 -30.80 -1.12
C ASN D 2 20.24 -32.01 -0.20
N ALA D 3 20.83 -31.74 0.97
CA ALA D 3 21.26 -32.75 1.95
C ALA D 3 20.13 -33.67 2.46
N SER D 5 17.04 -34.24 1.12
CA SER D 5 16.55 -35.14 0.08
C SER D 5 17.42 -36.42 -0.04
N LYS D 6 18.74 -36.28 0.21
CA LYS D 6 19.72 -37.39 0.22
C LYS D 6 19.43 -38.50 1.21
N ILE D 7 18.70 -38.22 2.28
CA ILE D 7 18.53 -39.18 3.40
C ILE D 7 17.63 -40.35 3.05
N THR D 8 18.11 -41.56 3.32
CA THR D 8 17.34 -42.83 3.22
C THR D 8 17.32 -43.60 4.57
N PHE D 9 16.73 -44.79 4.62
CA PHE D 9 16.76 -45.63 5.85
C PHE D 9 18.18 -46.06 6.20
N LYS D 10 19.08 -46.00 5.23
CA LYS D 10 20.45 -46.40 5.50
C LYS D 10 21.09 -45.54 6.62
N ASP D 11 20.52 -44.36 6.82
CA ASP D 11 21.04 -43.44 7.81
C ASP D 11 20.47 -43.66 9.19
N ILE D 12 19.51 -44.58 9.30
CA ILE D 12 18.82 -44.92 10.54
C ILE D 12 19.61 -46.00 11.32
N TYR D 13 19.95 -45.67 12.57
CA TYR D 13 20.65 -46.56 13.53
C TYR D 13 19.93 -47.85 13.80
N ILE D 14 20.70 -48.93 13.99
CA ILE D 14 20.21 -50.26 14.44
C ILE D 14 21.00 -50.72 15.68
N ASP D 15 20.31 -51.07 16.77
CA ASP D 15 21.00 -51.32 18.01
C ASP D 15 21.43 -52.77 18.13
N GLY D 16 22.16 -53.24 17.13
CA GLY D 16 22.62 -54.61 17.15
C GLY D 16 23.94 -54.74 16.42
N ASN D 17 24.50 -55.93 16.48
CA ASN D 17 25.71 -56.24 15.75
C ASN D 17 25.38 -56.81 14.39
N LYS D 18 25.93 -56.16 13.37
CA LYS D 18 25.81 -56.61 12.00
C LYS D 18 26.64 -57.86 11.81
N ILE D 19 25.97 -58.98 11.74
CA ILE D 19 26.67 -60.22 11.69
C ILE D 19 27.14 -60.44 10.24
N THR D 20 26.27 -60.22 9.27
CA THR D 20 26.53 -60.54 7.89
C THR D 20 25.91 -59.43 7.06
N GLU D 21 26.48 -59.17 5.88
CA GLU D 21 25.81 -58.32 4.95
C GLU D 21 26.24 -58.68 3.57
N ASP D 22 25.28 -58.91 2.69
CA ASP D 22 25.61 -59.02 1.29
C ASP D 22 24.61 -58.13 0.56
N SER D 23 24.45 -58.33 -0.73
CA SER D 23 23.52 -57.47 -1.50
C SER D 23 22.03 -57.86 -1.34
N ARG D 24 21.77 -58.97 -0.68
CA ARG D 24 20.42 -59.45 -0.50
C ARG D 24 19.95 -59.10 0.91
N LYS D 25 20.85 -59.14 1.89
CA LYS D 25 20.39 -58.83 3.27
C LYS D 25 21.50 -58.49 4.24
N ALA D 26 21.11 -58.00 5.42
CA ALA D 26 22.00 -57.75 6.56
C ALA D 26 21.32 -58.31 7.76
N ILE D 27 22.05 -59.15 8.50
CA ILE D 27 21.61 -59.80 9.72
C ILE D 27 22.14 -59.10 11.00
N TYR D 28 21.25 -58.80 11.94
CA TYR D 28 21.67 -58.18 13.17
C TYR D 28 21.38 -59.12 14.36
N LEU D 29 22.39 -59.37 15.18
CA LEU D 29 22.14 -60.00 16.48
C LEU D 29 22.76 -59.18 17.58
N LEU D 30 22.26 -59.38 18.79
CA LEU D 30 22.88 -58.77 19.93
C LEU D 30 22.82 -59.78 21.05
N PRO D 31 23.69 -60.83 21.00
CA PRO D 31 23.69 -62.07 21.78
C PRO D 31 23.51 -61.94 23.28
N PRO D 32 24.04 -60.86 23.90
CA PRO D 32 23.79 -60.74 25.33
C PRO D 32 22.41 -60.14 25.62
N GLN D 33 21.70 -59.65 24.59
CA GLN D 33 20.35 -59.11 24.77
C GLN D 33 19.30 -59.85 23.92
N PRO D 34 19.10 -61.14 24.20
CA PRO D 34 18.40 -61.87 23.17
C PRO D 34 16.88 -61.59 23.13
N LEU D 35 16.39 -60.81 24.10
CA LEU D 35 14.98 -60.49 24.20
C LEU D 35 14.58 -59.19 23.48
N LYS D 36 15.54 -58.34 23.14
CA LYS D 36 15.21 -57.14 22.42
C LYS D 36 14.84 -57.44 20.99
N TYR D 37 13.58 -57.21 20.62
CA TYR D 37 13.13 -57.53 19.29
C TYR D 37 13.84 -56.61 18.26
N ALA D 38 14.08 -55.36 18.63
CA ALA D 38 14.67 -54.37 17.69
C ALA D 38 16.13 -54.69 17.34
N SER D 39 16.80 -55.47 18.19
CA SER D 39 18.23 -55.74 18.12
C SER D 39 18.61 -57.01 17.39
N ASN D 40 17.62 -57.85 17.16
CA ASN D 40 17.84 -59.19 16.67
C ASN D 40 16.89 -59.40 15.47
N THR D 41 17.33 -58.95 14.31
CA THR D 41 16.42 -58.92 13.16
C THR D 41 17.17 -59.13 11.86
N TRP D 42 16.46 -59.10 10.73
CA TRP D 42 17.06 -59.37 9.45
C TRP D 42 16.49 -58.23 8.64
N ILE D 43 17.37 -57.48 7.96
CA ILE D 43 17.01 -56.31 7.13
C ILE D 43 17.22 -56.70 5.68
N TYR D 44 16.17 -56.99 4.96
CA TYR D 44 16.31 -57.30 3.54
C TYR D 44 16.68 -56.10 2.71
N LYS D 45 17.50 -56.33 1.68
CA LYS D 45 17.88 -55.29 0.72
C LYS D 45 17.19 -55.49 -0.62
N THR D 46 16.95 -56.74 -0.96
CA THR D 46 16.10 -57.06 -2.10
C THR D 46 15.01 -58.02 -1.63
N PRO D 48 12.90 -61.10 -1.21
CA PRO D 48 12.95 -62.54 -1.33
C PRO D 48 11.73 -63.08 -2.06
N THR D 49 11.90 -64.07 -2.93
CA THR D 49 10.76 -64.85 -3.33
C THR D 49 10.13 -65.42 -2.06
N ASN D 51 9.51 -68.39 -1.39
CA ASN D 51 10.30 -69.57 -1.04
C ASN D 51 11.62 -69.24 -0.37
N GLN D 52 12.29 -68.21 -0.86
CA GLN D 52 13.52 -67.76 -0.23
C GLN D 52 13.17 -67.50 1.22
N TRP D 53 12.04 -66.83 1.42
CA TRP D 53 11.64 -66.39 2.74
C TRP D 53 11.40 -67.57 3.64
N LEU D 54 10.83 -68.66 3.14
CA LEU D 54 10.68 -69.84 4.03
C LEU D 54 12.01 -70.37 4.42
N LYS D 55 12.98 -70.30 3.51
CA LYS D 55 14.33 -70.70 3.87
C LYS D 55 15.01 -69.76 4.88
N ASP D 56 14.71 -68.48 4.77
CA ASP D 56 15.31 -67.47 5.64
C ASP D 56 14.69 -67.61 7.07
N ILE D 57 13.42 -67.95 7.15
CA ILE D 57 12.85 -68.24 8.42
C ILE D 57 13.65 -69.32 9.13
N GLU D 58 13.96 -70.40 8.42
CA GLU D 58 14.61 -71.52 9.07
C GLU D 58 16.00 -71.11 9.54
N VAL D 59 16.69 -70.29 8.73
CA VAL D 59 17.97 -69.79 9.22
C VAL D 59 17.79 -68.97 10.51
N GLN D 60 16.98 -67.90 10.46
CA GLN D 60 16.84 -67.06 11.63
C GLN D 60 16.30 -67.86 12.82
N LYS D 61 15.43 -68.82 12.57
CA LYS D 61 14.78 -69.57 13.67
C LYS D 61 15.92 -70.22 14.46
N LYS D 62 16.79 -70.90 13.72
CA LYS D 62 17.93 -71.57 14.29
C LYS D 62 18.81 -70.67 15.12
N HIS D 64 18.22 -67.72 16.32
CA HIS D 64 17.57 -67.06 17.43
C HIS D 64 17.46 -68.06 18.57
N LEU D 65 17.11 -69.32 18.27
CA LEU D 65 17.00 -70.32 19.36
C LEU D 65 18.35 -70.52 20.03
N ASN D 66 19.40 -70.56 19.22
CA ASN D 66 20.74 -70.79 19.71
C ASN D 66 21.15 -69.86 20.85
N GLN D 67 20.69 -68.62 20.78
CA GLN D 67 21.02 -67.62 21.79
C GLN D 67 19.84 -67.31 22.69
N SER D 68 18.85 -68.20 22.76
CA SER D 68 17.68 -67.96 23.60
C SER D 68 16.83 -66.69 23.23
N SER D 69 16.79 -66.34 21.93
CA SER D 69 15.80 -65.46 21.34
C SER D 69 14.60 -66.29 20.86
N TYR D 70 13.41 -65.73 20.98
CA TYR D 70 12.23 -66.54 20.77
C TYR D 70 11.30 -66.01 19.74
N HIS D 71 11.66 -64.88 19.17
CA HIS D 71 10.84 -64.18 18.20
C HIS D 71 11.43 -64.33 16.81
N LEU D 72 10.69 -63.95 15.79
CA LEU D 72 11.19 -63.88 14.45
C LEU D 72 10.85 -62.47 13.93
N SER D 73 11.73 -61.94 13.08
CA SER D 73 11.63 -60.56 12.69
C SER D 73 12.27 -60.23 11.31
N PHE D 74 11.56 -59.50 10.45
CA PHE D 74 12.15 -59.03 9.19
C PHE D 74 11.69 -57.65 8.82
N SER D 75 12.58 -56.90 8.18
CA SER D 75 12.26 -55.68 7.48
C SER D 75 12.46 -55.91 6.03
N PHE D 76 11.56 -55.34 5.23
CA PHE D 76 11.64 -55.45 3.78
C PHE D 76 12.20 -54.17 3.12
N PRO D 77 12.68 -54.23 1.86
CA PRO D 77 13.37 -53.09 1.27
C PRO D 77 12.53 -51.80 1.25
N ALA D 78 13.19 -50.69 1.51
CA ALA D 78 12.53 -49.40 1.47
C ALA D 78 11.68 -49.19 0.22
N ASN D 79 10.45 -48.70 0.44
CA ASN D 79 9.53 -48.33 -0.64
C ASN D 79 9.12 -49.44 -1.58
N GLU D 80 9.06 -50.68 -1.08
CA GLU D 80 8.59 -51.80 -1.89
C GLU D 80 7.34 -52.43 -1.27
N LYS D 81 6.28 -52.57 -2.05
CA LYS D 81 5.13 -53.32 -1.59
C LYS D 81 5.51 -54.80 -1.64
N ILE D 82 5.05 -55.58 -0.66
CA ILE D 82 5.24 -57.05 -0.66
C ILE D 82 4.22 -57.73 -1.60
N ASP D 83 4.55 -58.83 -2.26
CA ASP D 83 3.58 -59.44 -3.21
C ASP D 83 2.53 -60.30 -2.58
N GLU D 84 1.36 -60.25 -3.17
CA GLU D 84 0.20 -60.99 -2.69
C GLU D 84 0.54 -62.37 -2.08
N VAL D 85 1.43 -63.10 -2.75
CA VAL D 85 1.72 -64.48 -2.42
C VAL D 85 2.52 -64.61 -1.11
N LEU D 86 3.50 -63.72 -0.96
CA LEU D 86 4.34 -63.66 0.20
C LEU D 86 3.50 -63.20 1.41
N LEU D 87 2.72 -62.14 1.19
CA LEU D 87 1.80 -61.64 2.22
C LEU D 87 0.93 -62.73 2.81
N GLU D 88 0.32 -63.54 1.94
CA GLU D 88 -0.58 -64.56 2.37
C GLU D 88 0.16 -65.54 3.26
N LYS D 89 1.36 -65.93 2.85
CA LYS D 89 2.24 -66.76 3.66
C LYS D 89 2.60 -66.15 4.99
N ILE D 90 2.90 -64.85 4.98
CA ILE D 90 3.19 -64.10 6.20
C ILE D 90 2.01 -64.18 7.16
N ARG D 91 0.81 -63.90 6.63
CA ARG D 91 -0.40 -63.99 7.44
C ARG D 91 -0.58 -65.40 8.03
N GLU D 92 -0.56 -66.44 7.18
CA GLU D 92 -0.91 -67.78 7.69
C GLU D 92 0.09 -68.31 8.72
N LEU D 93 1.36 -67.93 8.58
CA LEU D 93 2.45 -68.17 9.55
C LEU D 93 2.37 -67.28 10.82
N GLY D 94 1.31 -66.52 10.93
CA GLY D 94 1.06 -65.74 12.12
C GLY D 94 1.96 -64.56 12.47
N PHE D 95 2.53 -63.89 11.49
CA PHE D 95 3.29 -62.67 11.79
C PHE D 95 2.34 -61.49 11.86
N GLN D 96 2.67 -60.48 12.69
CA GLN D 96 2.03 -59.15 12.64
CA GLN D 96 1.98 -59.20 12.57
C GLN D 96 2.76 -58.35 11.57
N ILE D 97 2.03 -57.58 10.76
CA ILE D 97 2.63 -56.68 9.75
C ILE D 97 2.48 -55.22 10.13
N GLY D 98 3.53 -54.43 10.00
CA GLY D 98 3.39 -53.00 10.20
C GLY D 98 4.25 -52.27 9.24
N VAL D 99 4.14 -50.95 9.31
CA VAL D 99 4.88 -50.06 8.42
C VAL D 99 5.73 -49.09 9.24
N LEU D 100 6.97 -48.94 8.78
CA LEU D 100 7.89 -47.97 9.31
C LEU D 100 7.97 -46.81 8.38
N GLU D 101 7.82 -45.63 8.96
CA GLU D 101 7.83 -44.40 8.18
C GLU D 101 8.99 -43.53 8.55
N LEU D 102 9.69 -43.06 7.53
CA LEU D 102 10.83 -42.20 7.67
C LEU D 102 10.37 -40.76 7.52
N TYR D 103 10.73 -39.93 8.50
CA TYR D 103 10.46 -38.51 8.47
C TYR D 103 11.71 -37.71 8.63
N VAL D 104 11.80 -36.58 7.90
CA VAL D 104 12.98 -35.74 7.94
C VAL D 104 12.62 -34.26 8.08
N ILE D 105 13.56 -33.48 8.55
CA ILE D 105 13.34 -32.03 8.70
C ILE D 105 14.69 -31.35 8.82
N GLU D 106 14.77 -30.15 8.27
CA GLU D 106 15.90 -29.26 8.50
C GLU D 106 15.93 -28.83 9.92
N ALA D 107 17.14 -28.84 10.51
CA ALA D 107 17.41 -28.36 11.86
C ALA D 107 16.72 -27.04 12.11
N LYS D 108 16.92 -26.11 11.20
CA LYS D 108 16.38 -24.77 11.27
C LYS D 108 14.87 -24.70 11.55
N ALA D 109 14.11 -25.62 10.95
CA ALA D 109 12.66 -25.56 11.14
C ALA D 109 12.34 -25.93 12.60
N LEU D 110 13.04 -26.93 13.12
CA LEU D 110 12.98 -27.31 14.52
C LEU D 110 13.38 -26.18 15.47
N LYS D 111 14.48 -25.50 15.13
CA LYS D 111 14.97 -24.42 15.95
C LYS D 111 13.90 -23.37 16.06
N GLU D 112 13.10 -23.23 15.02
CA GLU D 112 12.11 -22.15 14.92
C GLU D 112 10.71 -22.46 15.49
N LEU D 113 10.47 -23.74 15.81
CA LEU D 113 9.30 -24.14 16.58
C LEU D 113 8.99 -23.19 17.75
N SER D 114 7.71 -23.04 18.06
CA SER D 114 7.29 -22.14 19.14
C SER D 114 7.78 -22.63 20.52
N ARG D 115 8.04 -21.66 21.39
CA ARG D 115 8.74 -21.88 22.65
C ARG D 115 7.84 -21.89 23.89
N LYS D 116 8.29 -22.60 24.89
CA LYS D 116 7.78 -22.50 26.24
C LYS D 116 9.04 -22.38 27.04
N ARG D 117 9.68 -21.22 26.92
CA ARG D 117 10.92 -20.95 27.63
C ARG D 117 11.04 -21.66 29.01
N ASP D 118 9.89 -21.98 29.63
CA ASP D 118 9.83 -22.49 31.02
C ASP D 118 10.26 -23.92 31.26
N VAL D 119 10.42 -24.67 30.19
CA VAL D 119 10.75 -26.05 30.32
C VAL D 119 12.25 -26.11 30.58
N ASP D 120 12.65 -27.02 31.45
CA ASP D 120 14.06 -27.19 31.78
C ASP D 120 14.51 -28.47 31.10
N ILE D 121 15.47 -28.38 30.16
CA ILE D 121 15.99 -29.59 29.49
C ILE D 121 17.44 -29.92 29.88
N GLN D 122 17.69 -31.16 30.27
CA GLN D 122 19.04 -31.58 30.68
C GLN D 122 19.47 -32.86 29.98
N LEU D 123 20.71 -32.92 29.53
CA LEU D 123 21.31 -34.20 29.06
C LEU D 123 21.22 -35.22 30.20
N VAL D 124 21.05 -36.51 29.90
CA VAL D 124 21.03 -37.36 31.08
C VAL D 124 22.41 -37.87 31.45
N SER D 125 22.64 -37.93 32.78
CA SER D 125 23.81 -38.52 33.38
C SER D 125 23.39 -39.28 34.67
N SER D 126 24.33 -39.53 35.55
CA SER D 126 23.98 -40.32 36.70
C SER D 126 23.01 -39.58 37.61
N ASN D 127 23.19 -38.27 37.60
CA ASN D 127 22.34 -37.29 38.26
CA ASN D 127 22.34 -37.31 38.30
C ASN D 127 20.86 -37.53 38.00
N ASN D 128 20.56 -37.81 36.71
CA ASN D 128 19.25 -37.74 36.00
C ASN D 128 18.58 -39.08 35.63
N ILE D 129 19.35 -40.14 35.70
CA ILE D 129 18.93 -41.30 34.95
C ILE D 129 17.58 -41.82 35.41
N ASN D 130 17.33 -41.77 36.72
CA ASN D 130 16.04 -42.23 37.24
C ASN D 130 14.83 -41.36 36.90
N ASP D 131 15.06 -40.06 36.81
CA ASP D 131 14.08 -39.16 36.19
C ASP D 131 13.67 -39.62 34.79
N TYR D 132 14.63 -39.68 33.85
CA TYR D 132 14.38 -40.18 32.50
C TYR D 132 13.65 -41.52 32.54
N LEU D 133 14.09 -42.39 33.44
CA LEU D 133 13.56 -43.72 33.48
C LEU D 133 12.14 -43.70 34.01
N HIS D 134 11.81 -42.68 34.81
CA HIS D 134 10.50 -42.60 35.41
C HIS D 134 9.45 -42.18 34.38
N VAL D 135 9.85 -41.41 33.38
CA VAL D 135 8.94 -40.95 32.37
C VAL D 135 8.74 -42.16 31.45
N TYR D 136 9.85 -42.77 31.05
CA TYR D 136 9.78 -44.00 30.27
C TYR D 136 8.83 -45.03 30.90
N ASP D 137 8.69 -45.01 32.22
CA ASP D 137 7.84 -46.01 32.89
C ASP D 137 6.36 -45.86 32.60
N ALA D 138 5.96 -44.67 32.21
CA ALA D 138 4.58 -44.35 31.85
C ALA D 138 4.23 -44.63 30.38
N PHE D 139 5.22 -44.83 29.53
CA PHE D 139 4.89 -45.14 28.16
C PHE D 139 4.14 -46.45 28.05
N ALA D 140 3.46 -46.56 26.91
CA ALA D 140 2.74 -47.76 26.53
C ALA D 140 3.70 -48.96 26.51
N ARG D 141 3.14 -50.16 26.57
CA ARG D 141 3.90 -51.39 26.75
C ARG D 141 3.40 -52.47 25.83
N PRO D 142 3.66 -52.31 24.54
CA PRO D 142 3.05 -53.16 23.54
C PRO D 142 3.40 -54.64 23.74
N PHE D 143 4.60 -54.92 24.22
CA PHE D 143 5.08 -56.26 24.47
C PHE D 143 5.07 -56.59 25.95
N GLY D 144 4.45 -55.75 26.78
CA GLY D 144 4.30 -56.10 28.20
C GLY D 144 5.29 -55.59 29.24
N ASP D 145 4.99 -55.89 30.50
CA ASP D 145 5.68 -55.21 31.62
C ASP D 145 7.08 -55.67 31.80
N SER D 146 7.25 -56.98 31.60
CA SER D 146 8.50 -57.59 31.87
C SER D 146 9.44 -57.27 30.70
N TYR D 147 8.90 -57.21 29.51
CA TYR D 147 9.70 -56.77 28.41
C TYR D 147 10.12 -55.32 28.60
N ALA D 148 9.18 -54.47 29.01
CA ALA D 148 9.51 -53.03 29.19
C ALA D 148 10.50 -52.95 30.33
N ASN D 149 10.43 -53.94 31.22
CA ASN D 149 11.37 -54.00 32.30
C ASN D 149 12.79 -54.40 31.88
N VAL D 151 14.08 -53.79 28.91
CA VAL D 151 14.59 -52.58 28.22
C VAL D 151 15.05 -51.51 29.19
N LYS D 152 14.35 -51.29 30.28
CA LYS D 152 14.80 -50.34 31.30
C LYS D 152 16.21 -50.63 31.86
N GLN D 153 16.48 -51.90 32.17
CA GLN D 153 17.77 -52.34 32.69
C GLN D 153 18.87 -52.20 31.67
N HIS D 154 18.60 -52.61 30.44
CA HIS D 154 19.58 -52.40 29.35
C HIS D 154 19.90 -50.90 29.26
N ILE D 155 18.90 -50.06 29.38
CA ILE D 155 19.17 -48.60 29.40
C ILE D 155 20.01 -48.20 30.59
N TYR D 156 19.60 -48.67 31.75
CA TYR D 156 20.29 -48.34 32.98
C TYR D 156 21.74 -48.77 32.98
N SER D 157 22.01 -49.90 32.34
CA SER D 157 23.35 -50.44 32.16
C SER D 157 24.17 -49.81 31.07
N SER D 158 23.60 -48.97 30.23
CA SER D 158 24.43 -48.55 29.13
C SER D 158 24.36 -47.07 28.84
N TYR D 159 23.54 -46.36 29.61
CA TYR D 159 23.22 -44.97 29.28
C TYR D 159 24.50 -44.17 29.24
N ASN D 160 25.48 -44.67 29.96
CA ASN D 160 26.77 -44.04 30.23
CA ASN D 160 26.72 -43.96 30.14
C ASN D 160 27.77 -44.31 29.10
N LEU D 161 27.83 -45.56 28.71
CA LEU D 161 28.83 -46.12 27.81
C LEU D 161 28.43 -45.93 26.39
N ASP D 162 27.16 -46.15 26.12
CA ASP D 162 26.69 -46.19 24.75
C ASP D 162 26.88 -44.81 24.09
N ASP D 163 26.70 -44.79 22.78
CA ASP D 163 26.93 -43.54 22.07
C ASP D 163 25.63 -42.85 21.71
N ILE D 164 24.54 -43.22 22.33
CA ILE D 164 23.39 -42.40 22.13
C ILE D 164 23.34 -41.33 23.23
N GLU D 165 22.77 -40.17 22.96
CA GLU D 165 22.61 -39.18 24.02
C GLU D 165 21.14 -39.14 24.39
N ARG D 166 20.81 -38.68 25.58
CA ARG D 166 19.43 -38.71 26.02
C ARG D 166 19.10 -37.45 26.79
N LEU D 167 17.85 -37.02 26.63
CA LEU D 167 17.39 -35.80 27.22
C LEU D 167 16.23 -36.09 28.11
N VAL D 168 16.11 -35.34 29.19
CA VAL D 168 14.94 -35.41 30.03
C VAL D 168 14.42 -33.97 30.28
N ALA D 169 13.10 -33.76 30.22
CA ALA D 169 12.56 -32.40 30.40
C ALA D 169 11.68 -32.29 31.65
N TYR D 170 11.82 -31.20 32.41
CA TYR D 170 11.03 -30.99 33.63
C TYR D 170 10.09 -29.80 33.50
N VAL D 171 8.96 -29.92 34.20
CA VAL D 171 8.10 -28.77 34.46
C VAL D 171 7.94 -28.69 35.94
N ASN D 172 8.20 -27.51 36.50
CA ASN D 172 8.24 -27.39 37.96
C ASN D 172 8.88 -28.59 38.59
N HIS D 173 10.16 -28.80 38.29
CA HIS D 173 11.00 -29.82 38.95
C HIS D 173 10.44 -31.22 38.88
N GLN D 174 9.67 -31.49 37.83
CA GLN D 174 9.04 -32.78 37.67
C GLN D 174 9.35 -33.27 36.27
N PRO D 175 9.85 -34.52 36.15
CA PRO D 175 10.23 -34.98 34.80
C PRO D 175 9.03 -35.35 33.98
N VAL D 176 8.95 -34.84 32.77
CA VAL D 176 7.68 -34.83 32.06
C VAL D 176 7.83 -35.30 30.60
N GLY D 177 9.06 -35.33 30.09
CA GLY D 177 9.34 -35.87 28.76
C GLY D 177 10.77 -36.37 28.62
N ILE D 178 11.03 -37.15 27.58
CA ILE D 178 12.35 -37.65 27.30
C ILE D 178 12.57 -37.86 25.78
N VAL D 179 13.83 -38.08 25.37
CA VAL D 179 14.17 -38.52 24.03
C VAL D 179 15.55 -39.06 24.04
N ASP D 180 15.88 -39.79 22.97
CA ASP D 180 17.22 -40.23 22.63
C ASP D 180 17.70 -39.62 21.28
N ILE D 181 18.96 -39.21 21.23
CA ILE D 181 19.60 -38.63 20.09
C ILE D 181 20.76 -39.48 19.64
N ILE D 182 20.82 -39.81 18.33
CA ILE D 182 21.98 -40.52 17.75
C ILE D 182 22.59 -39.57 16.74
N THR D 184 25.60 -38.32 14.10
CA THR D 184 26.80 -38.49 13.26
C THR D 184 27.14 -37.13 12.79
N ASP D 185 28.08 -37.08 11.86
CA ASP D 185 28.49 -35.83 11.20
C ASP D 185 27.45 -35.32 10.23
N LYS D 186 26.55 -36.22 9.82
CA LYS D 186 25.63 -35.97 8.73
C LYS D 186 24.23 -35.68 9.20
N THR D 187 23.76 -36.43 10.20
CA THR D 187 22.41 -36.32 10.62
C THR D 187 22.35 -36.41 12.12
N ILE D 188 21.20 -35.99 12.64
CA ILE D 188 20.82 -36.37 13.95
C ILE D 188 19.55 -37.20 13.86
N GLU D 189 19.53 -38.34 14.55
CA GLU D 189 18.33 -39.12 14.66
C GLU D 189 17.68 -39.08 16.05
N ILE D 190 16.36 -39.01 16.04
CA ILE D 190 15.59 -39.02 17.26
C ILE D 190 14.93 -40.39 17.40
N ASP D 191 14.76 -40.84 18.64
CA ASP D 191 14.10 -42.08 18.89
C ASP D 191 13.52 -42.00 20.27
N GLY D 192 12.59 -42.87 20.60
CA GLY D 192 11.97 -42.93 21.91
C GLY D 192 11.40 -41.62 22.45
N PHE D 193 11.09 -40.67 21.57
CA PHE D 193 10.42 -39.46 21.99
C PHE D 193 9.12 -39.74 22.79
N GLY D 194 8.92 -38.99 23.87
CA GLY D 194 7.65 -39.03 24.55
C GLY D 194 7.46 -37.98 25.63
N VAL D 195 6.23 -37.59 25.85
CA VAL D 195 5.86 -36.60 26.84
C VAL D 195 4.71 -37.21 27.57
N LEU D 196 4.65 -37.03 28.89
CA LEU D 196 3.55 -37.59 29.69
C LEU D 196 2.22 -37.08 29.19
N GLU D 197 1.24 -37.99 29.15
CA GLU D 197 -0.09 -37.69 28.63
C GLU D 197 -0.68 -36.47 29.28
N GLU D 198 -0.52 -36.36 30.60
CA GLU D 198 -0.98 -35.18 31.36
C GLU D 198 -0.37 -33.87 30.91
N PHE D 199 0.72 -33.93 30.15
CA PHE D 199 1.47 -32.72 29.76
C PHE D 199 1.58 -32.48 28.25
N GLN D 200 0.78 -33.17 27.46
CA GLN D 200 0.90 -32.99 26.02
C GLN D 200 0.16 -31.75 25.53
N HIS D 201 0.43 -31.32 24.31
CA HIS D 201 -0.33 -30.24 23.69
C HIS D 201 -0.16 -28.96 24.48
N GLN D 202 0.89 -28.84 25.28
CA GLN D 202 1.11 -27.54 25.96
C GLN D 202 2.38 -26.90 25.49
N GLY D 203 2.99 -27.43 24.43
CA GLY D 203 4.25 -26.86 23.94
C GLY D 203 5.54 -27.50 24.47
N ILE D 204 5.45 -28.46 25.40
CA ILE D 204 6.67 -29.09 25.92
C ILE D 204 7.49 -29.93 24.92
N GLY D 205 6.83 -30.73 24.09
CA GLY D 205 7.58 -31.54 23.15
C GLY D 205 8.07 -30.68 22.02
N SER D 206 7.44 -29.55 21.82
CA SER D 206 7.98 -28.62 20.86
C SER D 206 9.26 -27.95 21.40
N GLU D 207 9.33 -27.72 22.72
CA GLU D 207 10.59 -27.28 23.38
C GLU D 207 11.67 -28.31 23.15
N ILE D 208 11.31 -29.56 23.27
CA ILE D 208 12.33 -30.60 23.20
C ILE D 208 12.84 -30.62 21.75
N GLN D 209 11.95 -30.59 20.80
CA GLN D 209 12.36 -30.67 19.39
C GLN D 209 13.30 -29.50 19.05
N ALA D 210 13.06 -28.34 19.61
CA ALA D 210 13.90 -27.19 19.24
C ALA D 210 15.32 -27.30 19.80
N TYR D 211 15.41 -27.96 20.94
CA TYR D 211 16.68 -28.11 21.62
C TYR D 211 17.56 -29.04 20.80
N VAL D 212 16.98 -30.10 20.27
CA VAL D 212 17.70 -30.97 19.36
C VAL D 212 18.09 -30.20 18.11
N GLY D 213 17.14 -29.47 17.54
CA GLY D 213 17.41 -28.60 16.42
C GLY D 213 18.67 -27.76 16.60
N ARG D 214 18.83 -27.19 17.79
CA ARG D 214 20.03 -26.36 18.09
C ARG D 214 21.29 -27.21 18.18
N ALA D 216 21.82 -29.83 16.54
CA ALA D 216 22.01 -30.38 15.20
C ALA D 216 22.78 -29.46 14.30
N ASN D 217 22.58 -28.16 14.47
CA ASN D 217 23.24 -27.15 13.61
C ASN D 217 22.67 -27.03 12.23
N GLU D 218 23.31 -27.73 11.29
CA GLU D 218 22.85 -27.83 9.91
C GLU D 218 22.37 -29.22 9.64
N ARG D 219 22.81 -30.15 10.46
CA ARG D 219 22.43 -31.54 10.26
C ARG D 219 20.92 -31.61 10.22
N PRO D 220 20.39 -32.29 9.20
CA PRO D 220 19.01 -32.66 9.16
C PRO D 220 18.66 -33.59 10.30
N VAL D 221 17.43 -33.47 10.76
CA VAL D 221 16.98 -34.31 11.87
C VAL D 221 16.00 -35.33 11.36
N ILE D 222 16.11 -36.55 11.83
CA ILE D 222 15.40 -37.63 11.20
C ILE D 222 14.92 -38.57 12.27
N LEU D 223 13.77 -39.20 12.01
CA LEU D 223 13.28 -40.29 12.84
C LEU D 223 12.56 -41.32 11.98
N VAL D 224 12.37 -42.50 12.58
CA VAL D 224 11.51 -43.52 12.00
C VAL D 224 10.35 -43.73 12.98
N ALA D 225 9.12 -43.71 12.48
CA ALA D 225 7.93 -43.92 13.30
C ALA D 225 7.13 -45.08 12.72
N ASP D 226 6.57 -45.92 13.58
CA ASP D 226 5.85 -47.11 13.12
C ASP D 226 4.36 -46.87 13.29
N GLY D 227 3.62 -47.96 13.49
CA GLY D 227 2.17 -47.87 13.70
C GLY D 227 1.83 -47.32 15.08
N LYS D 228 2.33 -48.06 16.07
CA LYS D 228 2.22 -47.80 17.52
C LYS D 228 2.54 -46.38 18.00
N ASP D 229 3.29 -45.61 17.19
CA ASP D 229 3.85 -44.31 17.63
C ASP D 229 2.75 -43.24 17.74
N THR D 230 2.52 -42.77 18.96
CA THR D 230 1.49 -41.77 19.22
C THR D 230 1.93 -40.36 18.90
N ALA D 231 3.23 -40.10 18.94
CA ALA D 231 3.73 -38.76 18.63
C ALA D 231 3.54 -38.33 17.15
N LYS D 232 3.12 -39.25 16.30
CA LYS D 232 3.06 -39.00 14.85
C LYS D 232 2.36 -37.69 14.47
N ASP D 233 1.25 -37.44 15.14
CA ASP D 233 0.45 -36.29 14.86
C ASP D 233 1.27 -35.03 15.09
N TYR D 235 4.75 -34.69 15.09
CA TYR D 235 5.70 -34.57 13.97
C TYR D 235 5.18 -33.78 12.80
N LEU D 236 3.98 -34.12 12.36
CA LEU D 236 3.43 -33.52 11.17
C LEU D 236 3.28 -32.05 11.44
N ARG D 237 2.71 -31.74 12.59
CA ARG D 237 2.37 -30.40 12.94
C ARG D 237 3.64 -29.57 13.07
N GLN D 238 4.70 -30.24 13.52
CA GLN D 238 6.00 -29.60 13.68
C GLN D 238 6.74 -29.32 12.36
N GLY D 239 6.24 -29.80 11.22
CA GLY D 239 6.92 -29.63 9.94
C GLY D 239 7.66 -30.85 9.37
N TYR D 240 7.66 -32.01 10.02
CA TYR D 240 8.40 -33.12 9.39
C TYR D 240 7.89 -33.48 8.01
N VAL D 241 8.77 -33.97 7.14
CA VAL D 241 8.36 -34.42 5.83
C VAL D 241 8.50 -35.93 5.64
N TYR D 242 7.46 -36.52 5.11
CA TYR D 242 7.42 -37.95 4.96
C TYR D 242 8.33 -38.31 3.79
N GLN D 243 9.17 -39.32 3.99
CA GLN D 243 10.27 -39.54 3.08
C GLN D 243 10.35 -41.04 2.74
N GLY D 244 9.26 -41.77 2.95
CA GLY D 244 9.23 -43.20 2.61
C GLY D 244 8.95 -44.13 3.78
N PHE D 245 8.96 -45.43 3.47
CA PHE D 245 8.41 -46.48 4.30
C PHE D 245 9.10 -47.82 4.07
N LYS D 246 9.02 -48.69 5.09
CA LYS D 246 9.37 -50.08 4.94
C LYS D 246 8.26 -50.91 5.59
N TYR D 247 7.91 -52.04 4.98
CA TYR D 247 7.14 -53.05 5.74
C TYR D 247 7.97 -53.98 6.65
N HIS D 248 7.42 -54.30 7.82
CA HIS D 248 8.11 -55.21 8.76
C HIS D 248 7.16 -56.15 9.48
N ILE D 249 7.68 -57.27 9.95
CA ILE D 249 6.82 -58.29 10.42
C ILE D 249 7.49 -58.83 11.67
N LEU D 250 6.68 -59.30 12.59
CA LEU D 250 7.18 -59.73 13.84
C LEU D 250 6.29 -60.87 14.26
N LYS D 251 6.92 -61.98 14.61
CA LYS D 251 6.21 -63.04 15.30
C LYS D 251 6.84 -63.11 16.67
N GLU D 252 6.12 -62.70 17.72
CA GLU D 252 6.71 -62.67 19.05
C GLU D 252 7.17 -64.01 19.57
N ASN D 253 6.52 -65.10 19.19
CA ASN D 253 6.96 -66.44 19.62
C ASN D 253 7.04 -67.49 18.49
N ILE D 254 8.26 -67.89 18.16
CA ILE D 254 8.50 -69.00 17.24
C ILE D 254 7.54 -70.13 17.62
N ALA E 3 19.94 55.90 -14.36
CA ALA E 3 20.40 54.57 -14.88
C ALA E 3 19.56 53.41 -14.28
N SER E 5 18.17 54.54 -11.72
CA SER E 5 17.09 55.54 -11.62
C SER E 5 15.96 55.19 -12.59
N LYS E 6 16.28 54.45 -13.67
CA LYS E 6 15.32 54.17 -14.75
C LYS E 6 14.35 53.01 -14.48
N ILE E 7 14.73 52.10 -13.60
CA ILE E 7 13.92 50.93 -13.31
C ILE E 7 12.53 51.21 -12.71
N THR E 8 11.52 50.53 -13.27
CA THR E 8 10.13 50.46 -12.74
C THR E 8 9.53 49.03 -12.80
N PHE E 9 8.25 48.90 -12.43
CA PHE E 9 7.59 47.57 -12.36
C PHE E 9 7.60 46.93 -13.76
N LYS E 10 7.64 47.80 -14.75
CA LYS E 10 7.81 47.36 -16.13
C LYS E 10 9.04 46.45 -16.27
N ASP E 11 10.06 46.68 -15.46
CA ASP E 11 11.27 45.92 -15.62
C ASP E 11 11.19 44.54 -14.96
N ILE E 12 10.02 44.15 -14.43
CA ILE E 12 9.88 42.94 -13.61
C ILE E 12 9.21 41.87 -14.44
N TYR E 13 9.82 40.70 -14.49
CA TYR E 13 9.29 39.58 -15.23
C TYR E 13 7.83 39.26 -14.96
N ILE E 14 6.99 39.30 -15.98
CA ILE E 14 5.64 38.73 -15.75
C ILE E 14 5.66 37.35 -16.31
N ASP E 15 5.36 36.36 -15.48
CA ASP E 15 5.33 34.99 -15.97
C ASP E 15 3.95 34.73 -16.58
N GLY E 16 3.87 34.70 -17.89
CA GLY E 16 2.57 34.60 -18.50
C GLY E 16 2.55 35.44 -19.75
N ASN E 17 1.54 35.17 -20.56
CA ASN E 17 1.48 35.66 -21.89
C ASN E 17 0.42 36.76 -22.02
N LYS E 18 0.82 37.87 -22.62
CA LYS E 18 -0.11 38.96 -22.79
C LYS E 18 -0.95 38.66 -24.00
N ILE E 19 -2.24 38.46 -23.81
CA ILE E 19 -3.14 38.11 -24.90
C ILE E 19 -3.68 39.39 -25.53
N THR E 20 -3.93 40.41 -24.71
CA THR E 20 -4.44 41.66 -25.27
C THR E 20 -4.12 42.88 -24.41
N GLU E 21 -4.22 44.06 -25.04
CA GLU E 21 -3.91 45.35 -24.45
C GLU E 21 -4.75 46.52 -25.01
N ASP E 22 -5.26 47.38 -24.13
CA ASP E 22 -5.71 48.70 -24.56
C ASP E 22 -5.04 49.68 -23.62
N SER E 23 -5.46 50.94 -23.70
CA SER E 23 -4.96 51.97 -22.79
C SER E 23 -5.32 51.81 -21.30
N ARG E 24 -6.45 51.23 -20.94
CA ARG E 24 -6.71 50.90 -19.51
C ARG E 24 -5.97 49.68 -18.90
N LYS E 25 -5.68 48.63 -19.68
CA LYS E 25 -5.27 47.34 -19.11
C LYS E 25 -4.53 46.39 -20.08
N ALA E 26 -3.86 45.37 -19.52
CA ALA E 26 -3.36 44.23 -20.28
C ALA E 26 -3.84 42.92 -19.63
N ILE E 27 -4.14 41.94 -20.49
CA ILE E 27 -4.77 40.71 -20.10
C ILE E 27 -3.85 39.51 -20.37
N TYR E 28 -3.56 38.76 -19.33
CA TYR E 28 -2.70 37.58 -19.40
C TYR E 28 -3.53 36.33 -19.13
N LEU E 29 -3.33 35.35 -19.99
CA LEU E 29 -4.02 34.10 -19.89
C LEU E 29 -3.01 33.03 -20.19
N LEU E 30 -3.10 31.95 -19.44
CA LEU E 30 -2.29 30.77 -19.66
C LEU E 30 -3.15 29.51 -19.62
N PRO E 31 -3.77 29.16 -20.76
CA PRO E 31 -4.69 28.05 -20.60
C PRO E 31 -4.09 26.70 -20.19
N PRO E 32 -2.89 26.34 -20.65
CA PRO E 32 -2.48 25.04 -20.14
C PRO E 32 -2.10 25.08 -18.66
N GLN E 33 -2.25 26.23 -18.01
CA GLN E 33 -1.99 26.30 -16.55
C GLN E 33 -2.98 27.22 -15.89
N PRO E 34 -4.24 26.79 -15.87
CA PRO E 34 -5.27 27.72 -15.46
C PRO E 34 -5.34 27.92 -13.94
N LEU E 35 -4.51 27.19 -13.19
CA LEU E 35 -4.46 27.24 -11.72
C LEU E 35 -3.34 28.16 -11.30
N LYS E 36 -2.61 28.67 -12.29
CA LYS E 36 -1.53 29.62 -12.03
C LYS E 36 -1.93 31.12 -11.95
N TYR E 37 -2.24 31.55 -10.73
CA TYR E 37 -2.75 32.91 -10.48
C TYR E 37 -1.93 34.02 -11.15
N ALA E 38 -0.62 33.84 -11.10
CA ALA E 38 0.27 34.83 -11.59
C ALA E 38 0.19 34.95 -13.11
N SER E 39 -0.13 33.88 -13.85
CA SER E 39 -0.22 33.98 -15.35
C SER E 39 -1.63 34.21 -15.92
N ASN E 40 -2.57 34.44 -15.02
CA ASN E 40 -3.99 34.47 -15.36
C ASN E 40 -4.52 35.63 -14.56
N THR E 41 -4.34 36.83 -15.12
CA THR E 41 -4.62 38.04 -14.42
C THR E 41 -4.76 39.24 -15.32
N TRP E 42 -5.18 40.37 -14.77
CA TRP E 42 -5.21 41.61 -15.56
C TRP E 42 -4.26 42.58 -14.90
N ILE E 43 -3.42 43.28 -15.67
CA ILE E 43 -2.57 44.33 -15.08
C ILE E 43 -3.13 45.64 -15.58
N TYR E 44 -3.62 46.49 -14.68
CA TYR E 44 -4.17 47.79 -15.04
C TYR E 44 -3.08 48.78 -15.35
N LYS E 45 -3.37 49.62 -16.34
CA LYS E 45 -2.55 50.75 -16.71
C LYS E 45 -3.16 52.06 -16.14
N THR E 46 -4.49 52.19 -16.12
CA THR E 46 -5.18 53.36 -15.54
C THR E 46 -6.19 52.85 -14.53
N PRO E 48 -9.32 52.01 -12.65
CA PRO E 48 -10.76 51.92 -13.00
C PRO E 48 -11.65 52.72 -12.02
N THR E 49 -12.80 53.22 -12.49
CA THR E 49 -13.87 53.65 -11.59
C THR E 49 -14.40 52.42 -10.86
N ASN E 51 -17.55 51.68 -10.89
CA ASN E 51 -18.44 51.21 -11.94
C ASN E 51 -17.70 50.30 -12.92
N GLN E 52 -16.55 50.78 -13.38
CA GLN E 52 -15.73 50.10 -14.37
C GLN E 52 -15.18 48.78 -13.82
N TRP E 53 -14.75 48.83 -12.56
CA TRP E 53 -14.14 47.67 -12.00
C TRP E 53 -15.16 46.54 -11.90
N LEU E 54 -16.36 46.89 -11.45
CA LEU E 54 -17.43 45.89 -11.30
C LEU E 54 -17.72 45.29 -12.66
N LYS E 55 -17.56 46.10 -13.69
CA LYS E 55 -17.76 45.59 -15.04
C LYS E 55 -16.70 44.59 -15.46
N ASP E 56 -15.48 44.84 -15.00
CA ASP E 56 -14.31 44.13 -15.45
C ASP E 56 -14.31 42.73 -14.80
N ILE E 57 -14.73 42.69 -13.53
CA ILE E 57 -14.98 41.44 -12.83
C ILE E 57 -15.72 40.46 -13.70
N GLU E 58 -16.84 40.89 -14.24
CA GLU E 58 -17.66 40.07 -15.13
C GLU E 58 -16.93 39.50 -16.33
N VAL E 59 -16.11 40.34 -16.96
CA VAL E 59 -15.43 39.95 -18.22
C VAL E 59 -14.37 38.90 -17.97
N GLN E 60 -13.58 39.13 -16.91
CA GLN E 60 -12.55 38.17 -16.46
C GLN E 60 -13.21 36.95 -15.88
N LYS E 61 -14.39 37.12 -15.31
CA LYS E 61 -15.14 36.01 -14.80
C LYS E 61 -15.47 34.98 -15.89
N LYS E 62 -16.12 35.44 -16.97
CA LYS E 62 -16.39 34.58 -18.14
C LYS E 62 -15.13 34.02 -18.77
N HIS E 64 -12.21 33.41 -17.41
CA HIS E 64 -11.61 32.35 -16.57
C HIS E 64 -12.43 31.06 -16.48
N LEU E 65 -13.74 31.20 -16.29
CA LEU E 65 -14.53 29.96 -16.16
C LEU E 65 -14.40 29.23 -17.48
N ASN E 66 -14.33 29.97 -18.58
CA ASN E 66 -14.18 29.37 -19.90
C ASN E 66 -12.92 28.52 -20.04
N GLN E 67 -11.84 28.94 -19.41
CA GLN E 67 -10.67 28.07 -19.44
C GLN E 67 -10.49 27.24 -18.14
N SER E 68 -11.50 27.18 -17.25
CA SER E 68 -11.37 26.43 -15.96
C SER E 68 -10.42 27.02 -14.95
N SER E 69 -10.27 28.32 -15.00
CA SER E 69 -9.57 29.03 -13.94
C SER E 69 -10.71 29.40 -13.00
N TYR E 70 -10.44 29.39 -11.70
CA TYR E 70 -11.51 29.56 -10.75
C TYR E 70 -11.31 30.74 -9.82
N HIS E 71 -10.45 31.66 -10.23
CA HIS E 71 -10.00 32.74 -9.39
C HIS E 71 -10.19 34.04 -10.15
N LEU E 72 -10.00 35.15 -9.46
CA LEU E 72 -9.94 36.46 -10.11
C LEU E 72 -8.84 37.22 -9.48
N SER E 73 -8.18 38.00 -10.31
CA SER E 73 -6.89 38.57 -10.06
C SER E 73 -6.73 39.92 -10.81
N PHE E 74 -6.36 40.94 -10.05
CA PHE E 74 -6.04 42.25 -10.68
C PHE E 74 -4.83 42.92 -10.07
N SER E 75 -4.10 43.61 -10.93
CA SER E 75 -3.09 44.60 -10.55
C SER E 75 -3.47 45.99 -10.87
N PHE E 76 -3.24 46.80 -9.87
CA PHE E 76 -3.43 48.19 -9.97
C PHE E 76 -2.19 48.98 -10.45
N PRO E 77 -2.40 50.17 -11.08
CA PRO E 77 -1.24 50.88 -11.64
C PRO E 77 -0.19 51.27 -10.59
N ALA E 78 1.08 51.06 -10.94
CA ALA E 78 2.20 51.50 -10.11
C ALA E 78 1.98 52.88 -9.39
N ASN E 79 2.20 52.86 -8.08
CA ASN E 79 2.17 54.09 -7.24
C ASN E 79 0.89 54.92 -7.25
N GLU E 80 -0.25 54.29 -7.50
CA GLU E 80 -1.52 54.97 -7.28
C GLU E 80 -2.25 54.39 -6.08
N LYS E 81 -2.89 55.26 -5.32
CA LYS E 81 -3.59 54.91 -4.08
C LYS E 81 -5.00 54.57 -4.50
N ILE E 82 -5.48 53.39 -4.10
CA ILE E 82 -6.86 53.03 -4.38
C ILE E 82 -7.79 53.78 -3.41
N ASP E 83 -8.84 54.38 -3.96
CA ASP E 83 -9.85 55.10 -3.18
C ASP E 83 -10.53 54.23 -2.20
N GLU E 84 -10.87 54.86 -1.09
CA GLU E 84 -11.49 54.18 0.02
C GLU E 84 -12.76 53.45 -0.43
N VAL E 85 -13.54 54.09 -1.28
CA VAL E 85 -14.81 53.52 -1.61
C VAL E 85 -14.55 52.17 -2.32
N LEU E 86 -13.64 52.18 -3.28
CA LEU E 86 -13.32 51.01 -4.04
C LEU E 86 -12.75 49.91 -3.15
N LEU E 87 -11.94 50.30 -2.14
CA LEU E 87 -11.36 49.29 -1.23
C LEU E 87 -12.45 48.47 -0.61
N GLU E 88 -13.45 49.18 -0.09
CA GLU E 88 -14.58 48.60 0.59
C GLU E 88 -15.24 47.56 -0.25
N LYS E 89 -15.53 47.98 -1.49
CA LYS E 89 -16.18 47.10 -2.45
C LYS E 89 -15.36 45.85 -2.64
N ILE E 90 -14.05 46.02 -2.63
CA ILE E 90 -13.14 44.95 -2.93
C ILE E 90 -13.18 43.96 -1.78
N ARG E 91 -13.19 44.45 -0.54
CA ARG E 91 -13.29 43.56 0.58
C ARG E 91 -14.67 42.96 0.74
N GLU E 92 -15.69 43.77 0.49
CA GLU E 92 -17.07 43.33 0.50
C GLU E 92 -17.24 42.10 -0.35
N LEU E 93 -16.67 42.10 -1.55
CA LEU E 93 -16.87 40.99 -2.43
C LEU E 93 -15.86 39.92 -2.11
N GLY E 94 -15.05 40.12 -1.08
CA GLY E 94 -14.17 39.01 -0.60
C GLY E 94 -12.85 38.85 -1.35
N PHE E 95 -12.22 39.96 -1.78
CA PHE E 95 -10.85 39.89 -2.28
C PHE E 95 -9.81 40.07 -1.17
N GLN E 96 -8.68 39.37 -1.23
CA GLN E 96 -7.52 39.68 -0.39
C GLN E 96 -6.87 40.88 -1.06
N ILE E 97 -6.39 41.83 -0.26
CA ILE E 97 -5.59 42.96 -0.80
C ILE E 97 -4.09 42.84 -0.42
N GLY E 98 -3.20 43.18 -1.34
CA GLY E 98 -1.76 43.06 -1.09
C GLY E 98 -1.03 44.23 -1.73
N VAL E 99 0.23 44.41 -1.35
CA VAL E 99 1.11 45.49 -1.89
C VAL E 99 2.48 44.95 -2.19
N LEU E 100 2.89 45.06 -3.44
CA LEU E 100 4.26 44.81 -3.88
C LEU E 100 5.00 46.14 -3.91
N GLU E 101 6.18 46.08 -3.33
CA GLU E 101 7.09 47.17 -3.30
C GLU E 101 8.31 46.81 -4.09
N LEU E 102 8.85 47.80 -4.80
CA LEU E 102 9.94 47.55 -5.72
C LEU E 102 11.24 48.04 -5.14
N TYR E 103 12.23 47.14 -5.12
CA TYR E 103 13.56 47.44 -4.56
C TYR E 103 14.67 47.19 -5.54
N VAL E 104 15.68 48.04 -5.48
CA VAL E 104 16.77 48.04 -6.44
C VAL E 104 18.07 48.30 -5.69
N ILE E 105 19.16 47.88 -6.32
CA ILE E 105 20.51 48.10 -5.83
C ILE E 105 21.56 47.95 -6.95
N GLU E 106 22.78 48.40 -6.69
CA GLU E 106 23.87 48.22 -7.63
C GLU E 106 24.64 46.94 -7.28
N ALA E 107 24.87 46.09 -8.29
CA ALA E 107 25.75 44.94 -8.18
C ALA E 107 26.85 45.13 -7.12
N LYS E 108 27.58 46.23 -7.24
CA LYS E 108 28.73 46.49 -6.37
C LYS E 108 28.39 46.53 -4.86
N ALA E 109 27.24 47.12 -4.50
CA ALA E 109 26.86 47.19 -3.09
C ALA E 109 26.58 45.76 -2.63
N LEU E 110 26.00 44.96 -3.52
CA LEU E 110 25.68 43.56 -3.22
C LEU E 110 26.91 42.71 -3.05
N LYS E 111 27.98 43.04 -3.76
CA LYS E 111 29.18 42.24 -3.69
C LYS E 111 29.81 42.36 -2.32
N GLU E 112 29.50 43.46 -1.63
CA GLU E 112 30.01 43.74 -0.30
C GLU E 112 29.35 42.91 0.84
N LEU E 113 28.15 42.42 0.64
CA LEU E 113 27.58 41.52 1.65
C LEU E 113 28.47 40.33 1.98
N SER E 114 29.43 39.99 1.12
CA SER E 114 30.17 38.76 1.40
C SER E 114 31.32 39.03 2.33
N ARG E 115 31.58 38.11 3.23
CA ARG E 115 32.80 38.12 4.00
C ARG E 115 33.43 36.78 3.73
N LYS E 116 33.20 36.30 2.50
CA LYS E 116 33.71 35.02 2.04
C LYS E 116 33.48 33.92 3.05
N ARG E 117 32.26 33.86 3.58
CA ARG E 117 31.87 32.88 4.57
C ARG E 117 31.80 31.45 4.00
N ASP E 118 31.87 30.46 4.90
CA ASP E 118 31.87 29.03 4.58
C ASP E 118 30.49 28.50 4.20
N VAL E 119 30.11 28.74 2.97
CA VAL E 119 28.75 28.64 2.48
C VAL E 119 28.98 28.35 1.00
N ASP E 120 28.62 27.16 0.55
CA ASP E 120 28.93 26.80 -0.80
C ASP E 120 27.73 27.01 -1.68
N ILE E 121 27.90 27.79 -2.73
CA ILE E 121 26.79 28.11 -3.59
C ILE E 121 26.98 27.36 -4.89
N GLN E 122 25.91 26.73 -5.33
CA GLN E 122 25.94 25.89 -6.53
C GLN E 122 24.81 26.31 -7.47
N LEU E 123 25.06 26.18 -8.77
CA LEU E 123 24.05 26.33 -9.79
C LEU E 123 23.19 25.07 -9.74
N VAL E 124 21.89 25.20 -10.03
CA VAL E 124 21.02 24.04 -10.03
C VAL E 124 21.19 23.24 -11.30
N SER E 125 21.32 21.93 -11.15
CA SER E 125 21.33 21.06 -12.30
C SER E 125 20.69 19.76 -11.82
N SER E 126 20.80 18.76 -12.71
CA SER E 126 20.29 17.42 -12.50
C SER E 126 20.62 16.80 -11.18
N ASN E 127 21.78 17.12 -10.65
CA ASN E 127 22.26 16.44 -9.48
C ASN E 127 21.94 17.16 -8.17
N ASN E 128 21.32 18.32 -8.26
CA ASN E 128 21.01 19.05 -7.03
C ASN E 128 19.63 19.70 -7.04
N ILE E 129 18.84 19.40 -8.07
CA ILE E 129 17.48 19.92 -8.14
C ILE E 129 16.55 19.52 -6.95
N ASN E 130 16.72 18.29 -6.42
CA ASN E 130 15.92 17.81 -5.30
C ASN E 130 16.41 18.47 -4.01
N ASP E 131 17.64 18.94 -4.01
CA ASP E 131 18.09 19.75 -2.88
C ASP E 131 17.39 21.07 -2.99
N TYR E 132 17.30 21.62 -4.20
CA TYR E 132 16.65 22.95 -4.36
C TYR E 132 15.22 22.79 -3.87
N LEU E 133 14.50 21.84 -4.44
CA LEU E 133 13.14 21.53 -4.01
C LEU E 133 13.00 21.32 -2.52
N HIS E 134 13.99 20.76 -1.84
CA HIS E 134 13.80 20.43 -0.46
C HIS E 134 13.79 21.72 0.38
N VAL E 135 14.59 22.69 -0.01
CA VAL E 135 14.49 24.01 0.60
C VAL E 135 13.17 24.74 0.26
N TYR E 136 12.69 24.53 -0.96
CA TYR E 136 11.44 25.08 -1.40
C TYR E 136 10.31 24.64 -0.49
N ASP E 137 10.37 23.37 -0.07
CA ASP E 137 9.35 22.79 0.80
C ASP E 137 9.11 23.55 2.08
N ALA E 138 10.03 24.42 2.46
CA ALA E 138 9.86 25.12 3.72
C ALA E 138 9.18 26.47 3.60
N PHE E 139 9.17 27.05 2.39
CA PHE E 139 8.40 28.26 2.10
C PHE E 139 6.96 28.09 2.58
N ALA E 140 6.31 29.21 2.90
CA ALA E 140 4.89 29.21 3.29
C ALA E 140 4.07 28.68 2.15
N ARG E 141 2.93 28.06 2.46
CA ARG E 141 2.03 27.55 1.46
C ARG E 141 0.64 28.22 1.56
N PRO E 142 0.51 29.45 1.08
CA PRO E 142 -0.71 30.23 1.34
C PRO E 142 -1.89 29.62 0.61
N PHE E 143 -1.61 28.92 -0.49
CA PHE E 143 -2.65 28.32 -1.31
C PHE E 143 -2.78 26.82 -1.06
N GLY E 144 -2.04 26.29 -0.10
CA GLY E 144 -2.16 24.87 0.33
C GLY E 144 -1.11 23.95 -0.25
N ASP E 145 -1.12 22.71 0.25
CA ASP E 145 -0.20 21.63 -0.12
C ASP E 145 -0.21 21.22 -1.61
N SER E 146 -1.37 20.84 -2.14
CA SER E 146 -1.42 20.47 -3.55
C SER E 146 -0.98 21.66 -4.43
N TYR E 147 -1.43 22.87 -4.11
CA TYR E 147 -0.91 23.96 -4.89
C TYR E 147 0.61 23.96 -4.99
N ALA E 148 1.25 24.00 -3.83
CA ALA E 148 2.72 23.97 -3.69
C ALA E 148 3.37 22.83 -4.46
N ASN E 149 2.83 21.63 -4.28
CA ASN E 149 3.30 20.48 -4.98
C ASN E 149 3.17 20.69 -6.48
N VAL E 151 3.40 23.45 -8.10
CA VAL E 151 4.45 24.38 -8.44
C VAL E 151 5.77 23.63 -8.45
N LYS E 152 6.06 22.82 -7.42
CA LYS E 152 7.30 21.99 -7.46
C LYS E 152 7.42 21.09 -8.72
N GLN E 153 6.34 20.42 -9.08
CA GLN E 153 6.33 19.61 -10.28
C GLN E 153 6.59 20.44 -11.56
N HIS E 154 6.11 21.69 -11.61
CA HIS E 154 6.43 22.55 -12.76
C HIS E 154 7.88 22.99 -12.72
N ILE E 155 8.41 23.31 -11.56
CA ILE E 155 9.84 23.52 -11.44
C ILE E 155 10.62 22.27 -11.86
N TYR E 156 10.22 21.08 -11.41
CA TYR E 156 10.95 19.91 -11.77
C TYR E 156 10.88 19.68 -13.26
N SER E 157 9.87 20.24 -13.88
CA SER E 157 9.71 19.96 -15.30
C SER E 157 10.38 20.94 -16.22
N SER E 158 10.84 22.07 -15.70
CA SER E 158 11.35 23.10 -16.61
C SER E 158 12.67 23.74 -16.24
N TYR E 159 13.24 23.42 -15.09
CA TYR E 159 14.45 24.12 -14.67
C TYR E 159 15.59 23.89 -15.69
N ASN E 160 15.69 22.67 -16.23
CA ASN E 160 16.73 22.31 -17.19
C ASN E 160 16.45 22.88 -18.56
N LEU E 161 15.25 23.42 -18.70
CA LEU E 161 14.69 23.74 -20.00
C LEU E 161 14.72 25.25 -20.14
N ASP E 162 14.09 25.95 -19.20
CA ASP E 162 13.87 27.40 -19.26
C ASP E 162 15.11 28.26 -19.06
N ASP E 163 14.88 29.54 -18.81
CA ASP E 163 15.94 30.56 -18.83
C ASP E 163 16.06 31.31 -17.51
N ILE E 164 15.28 30.91 -16.53
CA ILE E 164 15.51 31.32 -15.17
C ILE E 164 16.69 30.49 -14.61
N GLU E 165 17.64 31.16 -13.96
CA GLU E 165 18.71 30.47 -13.28
C GLU E 165 18.39 30.25 -11.82
N ARG E 166 18.81 29.10 -11.31
CA ARG E 166 18.63 28.72 -9.93
C ARG E 166 19.92 28.38 -9.18
N LEU E 167 19.92 28.74 -7.88
CA LEU E 167 21.04 28.56 -6.99
C LEU E 167 20.62 27.86 -5.72
N VAL E 168 21.51 27.00 -5.21
CA VAL E 168 21.30 26.32 -3.93
C VAL E 168 22.59 26.48 -3.08
N ALA E 169 22.43 26.99 -1.85
CA ALA E 169 23.48 27.18 -0.85
C ALA E 169 23.55 26.03 0.14
N TYR E 170 24.76 25.67 0.58
CA TYR E 170 24.98 24.51 1.41
C TYR E 170 25.82 24.81 2.63
N VAL E 171 25.52 24.15 3.75
CA VAL E 171 26.26 24.38 5.01
C VAL E 171 26.26 23.11 5.84
N ASN E 172 27.35 22.86 6.59
CA ASN E 172 27.61 21.56 7.31
C ASN E 172 27.18 20.44 6.38
N HIS E 173 27.44 20.66 5.09
CA HIS E 173 27.06 19.72 4.02
C HIS E 173 25.56 19.29 3.99
N GLN E 174 24.73 20.27 3.60
CA GLN E 174 23.31 20.08 3.34
C GLN E 174 22.73 21.38 2.73
N PRO E 175 21.71 21.24 1.85
CA PRO E 175 21.00 22.36 1.24
C PRO E 175 20.29 23.24 2.25
N VAL E 176 20.50 24.53 2.14
CA VAL E 176 20.06 25.37 3.20
C VAL E 176 19.33 26.67 2.71
N GLY E 177 19.57 27.03 1.44
CA GLY E 177 19.04 28.25 0.89
C GLY E 177 18.94 28.22 -0.62
N ILE E 178 18.01 28.99 -1.18
CA ILE E 178 17.77 29.02 -2.64
C ILE E 178 17.34 30.41 -3.15
N VAL E 179 17.47 30.62 -4.46
CA VAL E 179 17.07 31.86 -5.09
C VAL E 179 16.95 31.64 -6.61
N ASP E 180 16.07 32.39 -7.25
CA ASP E 180 15.97 32.40 -8.70
C ASP E 180 16.53 33.70 -9.26
N ILE E 181 17.09 33.59 -10.45
CA ILE E 181 17.61 34.77 -11.11
C ILE E 181 17.00 34.82 -12.48
N ILE E 182 16.59 36.02 -12.87
CA ILE E 182 16.08 36.33 -14.19
C ILE E 182 17.00 37.42 -14.77
N THR E 184 18.61 39.77 -17.93
CA THR E 184 18.29 40.58 -19.09
C THR E 184 19.57 41.33 -19.32
N ASP E 185 19.77 41.87 -20.51
CA ASP E 185 20.91 42.74 -20.73
C ASP E 185 20.92 43.86 -19.72
N LYS E 186 19.75 44.41 -19.42
CA LYS E 186 19.63 45.55 -18.51
C LYS E 186 19.78 45.24 -17.02
N THR E 187 19.06 44.23 -16.56
CA THR E 187 18.85 44.04 -15.13
C THR E 187 18.89 42.56 -14.74
N ILE E 188 19.16 42.32 -13.47
CA ILE E 188 18.89 41.02 -12.91
C ILE E 188 17.77 41.15 -11.89
N GLU E 189 16.94 40.12 -11.83
CA GLU E 189 15.85 40.09 -10.87
C GLU E 189 15.97 38.93 -9.89
N ILE E 190 15.90 39.27 -8.61
CA ILE E 190 15.91 38.24 -7.55
C ILE E 190 14.49 37.75 -7.38
N ASP E 191 14.33 36.45 -7.34
CA ASP E 191 13.05 35.89 -6.95
C ASP E 191 13.17 34.56 -6.15
N GLY E 192 12.18 34.25 -5.32
CA GLY E 192 12.10 32.94 -4.70
C GLY E 192 13.19 32.70 -3.68
N PHE E 193 13.78 33.80 -3.24
CA PHE E 193 14.80 33.84 -2.22
C PHE E 193 14.31 33.38 -0.87
N GLY E 194 14.92 32.32 -0.34
CA GLY E 194 14.58 31.80 0.99
C GLY E 194 15.71 31.00 1.61
N VAL E 195 15.82 31.03 2.93
CA VAL E 195 16.69 30.07 3.66
C VAL E 195 16.01 29.34 4.84
N LEU E 196 16.37 28.08 5.09
CA LEU E 196 15.72 27.31 6.14
C LEU E 196 15.79 28.01 7.47
N GLU E 197 14.71 27.86 8.24
CA GLU E 197 14.61 28.46 9.56
C GLU E 197 15.80 28.30 10.46
N GLU E 198 16.25 27.08 10.71
CA GLU E 198 17.35 26.94 11.66
C GLU E 198 18.70 27.41 11.15
N PHE E 199 18.71 28.09 9.99
CA PHE E 199 19.94 28.58 9.38
C PHE E 199 19.89 30.05 9.07
N GLN E 200 18.78 30.66 9.42
CA GLN E 200 18.60 32.08 9.23
C GLN E 200 19.59 32.88 10.09
N HIS E 201 19.84 34.14 9.76
CA HIS E 201 20.77 35.00 10.56
C HIS E 201 22.20 34.48 10.79
N GLN E 202 22.71 33.67 9.90
CA GLN E 202 24.14 33.36 9.96
C GLN E 202 24.89 33.78 8.69
N GLY E 203 24.36 34.72 7.94
CA GLY E 203 25.04 35.27 6.77
C GLY E 203 24.76 34.61 5.43
N ILE E 204 24.00 33.53 5.47
CA ILE E 204 23.65 32.81 4.27
C ILE E 204 23.02 33.72 3.22
N GLY E 205 21.93 34.39 3.57
CA GLY E 205 21.34 35.38 2.70
C GLY E 205 22.37 36.35 2.13
N SER E 206 23.33 36.74 2.93
CA SER E 206 24.30 37.71 2.46
C SER E 206 25.20 37.17 1.35
N GLU E 207 25.63 35.91 1.58
CA GLU E 207 26.50 35.23 0.66
C GLU E 207 25.79 34.93 -0.68
N ILE E 208 24.53 34.47 -0.65
CA ILE E 208 23.73 34.28 -1.87
C ILE E 208 23.60 35.62 -2.65
N GLN E 209 23.23 36.67 -1.95
CA GLN E 209 23.05 37.95 -2.57
C GLN E 209 24.31 38.49 -3.25
N ALA E 210 25.42 38.47 -2.54
CA ALA E 210 26.73 38.75 -3.10
C ALA E 210 26.99 37.86 -4.34
N TYR E 211 26.68 36.58 -4.22
CA TYR E 211 26.80 35.71 -5.38
C TYR E 211 26.10 36.27 -6.62
N VAL E 212 24.85 36.67 -6.47
CA VAL E 212 24.10 37.31 -7.58
C VAL E 212 24.75 38.64 -8.06
N GLY E 213 25.16 39.49 -7.10
CA GLY E 213 26.06 40.62 -7.36
C GLY E 213 27.25 40.30 -8.27
N ARG E 214 27.96 39.22 -7.97
CA ARG E 214 29.04 38.77 -8.85
C ARG E 214 28.56 38.38 -10.26
N ALA E 216 25.74 39.56 -11.66
CA ALA E 216 25.20 40.80 -12.22
C ALA E 216 26.19 41.60 -13.05
N ASN E 217 27.39 41.76 -12.50
CA ASN E 217 28.47 42.57 -13.06
C ASN E 217 28.31 44.07 -12.79
N GLU E 218 27.63 44.73 -13.70
CA GLU E 218 27.26 46.11 -13.52
C GLU E 218 25.74 46.28 -13.62
N ARG E 219 25.07 45.29 -14.21
CA ARG E 219 23.62 45.33 -14.21
C ARG E 219 23.13 45.49 -12.78
N PRO E 220 22.14 46.34 -12.62
CA PRO E 220 21.57 46.50 -11.28
C PRO E 220 20.70 45.32 -10.86
N VAL E 221 20.61 45.09 -9.57
CA VAL E 221 19.69 44.03 -9.14
C VAL E 221 18.46 44.54 -8.40
N ILE E 222 17.34 44.02 -8.88
CA ILE E 222 16.01 44.54 -8.53
C ILE E 222 15.18 43.36 -8.04
N LEU E 223 14.25 43.61 -7.13
CA LEU E 223 13.37 42.55 -6.58
C LEU E 223 12.04 43.18 -6.20
N VAL E 224 11.02 42.37 -6.06
CA VAL E 224 9.71 42.89 -5.73
C VAL E 224 9.26 42.11 -4.49
N ALA E 225 8.89 42.81 -3.43
CA ALA E 225 8.57 42.14 -2.15
C ALA E 225 7.22 42.53 -1.63
N ASP E 226 6.63 41.62 -0.83
CA ASP E 226 5.28 41.81 -0.37
C ASP E 226 5.33 42.83 0.73
N GLY E 227 4.30 43.69 0.73
CA GLY E 227 4.12 44.75 1.71
C GLY E 227 4.53 44.32 3.10
N LYS E 228 4.07 43.15 3.56
CA LYS E 228 4.43 42.64 4.91
C LYS E 228 5.46 41.52 4.98
N ASP E 229 5.38 40.57 4.04
CA ASP E 229 6.11 39.29 4.19
C ASP E 229 7.55 39.48 4.60
N THR E 230 7.99 38.62 5.52
CA THR E 230 9.07 38.91 6.48
C THR E 230 10.51 38.73 5.99
N ALA E 231 10.78 39.17 4.76
CA ALA E 231 12.14 39.19 4.21
C ALA E 231 12.53 40.63 3.93
N LYS E 232 11.56 41.37 3.42
CA LYS E 232 11.79 42.72 2.94
C LYS E 232 12.47 43.43 4.04
N ASP E 233 11.85 43.33 5.22
CA ASP E 233 12.27 44.01 6.44
C ASP E 233 13.77 44.40 6.36
N TYR E 235 15.94 44.00 3.63
CA TYR E 235 16.57 44.33 2.39
C TYR E 235 17.31 45.63 2.50
N LEU E 236 16.90 46.46 3.45
CA LEU E 236 17.59 47.72 3.65
C LEU E 236 18.72 47.60 4.63
N ARG E 237 18.58 46.70 5.58
CA ARG E 237 19.71 46.18 6.33
C ARG E 237 20.79 46.04 5.28
N GLN E 238 20.48 45.26 4.26
CA GLN E 238 21.39 45.04 3.15
C GLN E 238 21.63 46.25 2.24
N GLY E 239 20.85 47.30 2.34
CA GLY E 239 21.14 48.50 1.57
C GLY E 239 20.44 48.66 0.24
N TYR E 240 19.39 47.86 -0.02
CA TYR E 240 18.50 48.10 -1.16
C TYR E 240 17.67 49.33 -0.86
N VAL E 241 17.30 50.10 -1.88
CA VAL E 241 16.32 51.15 -1.65
C VAL E 241 14.96 50.86 -2.30
N TYR E 242 13.94 51.44 -1.67
CA TYR E 242 12.59 51.47 -2.17
C TYR E 242 12.58 52.21 -3.49
N GLN E 243 11.61 51.86 -4.30
CA GLN E 243 11.54 52.36 -5.62
C GLN E 243 10.10 52.36 -6.10
N GLY E 244 9.13 51.99 -5.24
CA GLY E 244 7.71 52.12 -5.61
C GLY E 244 6.75 51.06 -5.09
N PHE E 245 5.46 51.21 -5.37
CA PHE E 245 4.50 50.20 -4.88
C PHE E 245 3.42 49.95 -5.89
N LYS E 246 2.75 48.84 -5.69
CA LYS E 246 1.68 48.42 -6.56
C LYS E 246 0.73 47.56 -5.73
N TYR E 247 -0.53 48.01 -5.72
CA TYR E 247 -1.62 47.21 -5.14
C TYR E 247 -2.11 46.05 -6.04
N HIS E 248 -2.44 44.90 -5.46
CA HIS E 248 -3.02 43.89 -6.28
C HIS E 248 -4.08 43.14 -5.44
N ILE E 249 -5.01 42.48 -6.11
CA ILE E 249 -6.06 41.79 -5.41
C ILE E 249 -6.26 40.41 -5.97
N LEU E 250 -6.73 39.51 -5.12
CA LEU E 250 -6.92 38.15 -5.47
C LEU E 250 -8.15 37.59 -4.77
N LYS E 251 -8.96 36.89 -5.56
CA LYS E 251 -10.03 36.06 -5.04
C LYS E 251 -9.87 34.62 -5.57
N GLU E 252 -9.56 33.70 -4.66
CA GLU E 252 -9.25 32.34 -5.07
C GLU E 252 -10.41 31.62 -5.67
N ASN E 253 -11.61 31.89 -5.21
CA ASN E 253 -12.78 31.16 -5.69
C ASN E 253 -13.89 32.06 -6.12
N ILE E 254 -14.25 31.95 -7.39
CA ILE E 254 -15.36 32.75 -7.94
C ILE E 254 -16.74 32.42 -7.26
N ALA F 3 -17.19 19.53 -25.63
CA ALA F 3 -16.84 19.65 -27.10
C ALA F 3 -15.91 20.82 -27.41
N SER F 5 -13.24 22.00 -24.92
CA SER F 5 -11.92 21.54 -24.50
C SER F 5 -11.36 20.54 -25.52
N LYS F 6 -12.20 19.75 -26.15
CA LYS F 6 -11.80 18.92 -27.31
C LYS F 6 -11.30 19.66 -28.57
N ILE F 7 -11.09 20.98 -28.52
CA ILE F 7 -10.68 21.68 -29.74
C ILE F 7 -9.29 22.26 -29.64
N THR F 8 -8.39 21.81 -30.53
CA THR F 8 -7.00 22.22 -30.54
C THR F 8 -6.62 22.62 -31.98
N PHE F 9 -5.33 22.87 -32.21
CA PHE F 9 -4.86 23.24 -33.51
C PHE F 9 -5.04 22.15 -34.58
N LYS F 10 -5.21 20.88 -34.20
CA LYS F 10 -5.32 19.84 -35.24
C LYS F 10 -6.60 20.05 -36.02
N ASP F 11 -7.56 20.71 -35.38
CA ASP F 11 -8.87 20.88 -35.94
C ASP F 11 -8.89 22.06 -36.88
N ILE F 12 -7.83 22.85 -37.02
CA ILE F 12 -7.98 23.94 -37.97
C ILE F 12 -7.52 23.53 -39.39
N TYR F 13 -8.28 23.95 -40.38
CA TYR F 13 -8.12 23.44 -41.72
C TYR F 13 -6.78 23.71 -42.41
N ILE F 14 -6.24 22.65 -43.02
CA ILE F 14 -5.05 22.74 -43.87
C ILE F 14 -5.25 21.93 -45.18
N ASP F 15 -5.12 22.57 -46.34
CA ASP F 15 -5.48 21.87 -47.56
C ASP F 15 -4.32 21.21 -48.33
N GLY F 16 -3.16 21.15 -47.69
CA GLY F 16 -2.03 20.40 -48.25
C GLY F 16 -2.22 18.89 -48.11
N ASN F 17 -1.34 18.12 -48.78
CA ASN F 17 -1.27 16.69 -48.55
C ASN F 17 -0.43 16.43 -47.31
N LYS F 18 -0.95 15.60 -46.43
CA LYS F 18 -0.15 15.13 -45.30
C LYS F 18 0.77 14.06 -45.86
N ILE F 19 2.06 14.30 -46.02
CA ILE F 19 2.93 13.33 -46.72
C ILE F 19 3.45 12.31 -45.71
N THR F 20 3.74 12.82 -44.51
CA THR F 20 4.28 11.97 -43.49
C THR F 20 4.12 12.56 -42.11
N GLU F 21 4.27 11.67 -41.13
CA GLU F 21 3.89 12.00 -39.77
C GLU F 21 4.38 10.93 -38.81
N ASP F 22 5.06 11.38 -37.77
CA ASP F 22 5.58 10.56 -36.68
C ASP F 22 5.46 11.44 -35.44
N SER F 23 5.97 10.98 -34.31
CA SER F 23 5.82 11.74 -33.06
C SER F 23 6.53 13.10 -33.02
N ARG F 24 7.53 13.35 -33.87
CA ARG F 24 8.22 14.68 -33.92
C ARG F 24 7.43 15.73 -34.66
N LYS F 25 6.85 15.36 -35.79
CA LYS F 25 6.37 16.30 -36.81
C LYS F 25 5.46 15.64 -37.88
N ALA F 26 4.74 16.52 -38.62
CA ALA F 26 3.99 16.19 -39.80
C ALA F 26 4.48 17.06 -40.98
N ILE F 27 4.56 16.50 -42.17
CA ILE F 27 5.07 17.21 -43.34
C ILE F 27 3.90 17.40 -44.29
N TYR F 28 3.60 18.64 -44.63
CA TYR F 28 2.59 18.89 -45.67
C TYR F 28 3.27 19.42 -46.93
N LEU F 29 2.75 18.99 -48.05
CA LEU F 29 3.26 19.41 -49.37
C LEU F 29 2.06 19.54 -50.30
N LEU F 30 2.04 20.60 -51.13
CA LEU F 30 0.98 20.85 -52.11
C LEU F 30 1.61 21.21 -53.46
N PRO F 31 2.00 20.22 -54.23
CA PRO F 31 2.80 20.45 -55.44
C PRO F 31 2.20 21.33 -56.53
N PRO F 32 0.91 21.34 -56.67
CA PRO F 32 0.27 22.17 -57.67
C PRO F 32 0.15 23.61 -57.22
N GLN F 33 0.41 23.89 -55.97
CA GLN F 33 0.47 25.25 -55.50
C GLN F 33 1.69 25.34 -54.68
N PRO F 34 2.84 25.35 -55.31
CA PRO F 34 4.09 25.32 -54.58
C PRO F 34 4.47 26.64 -53.88
N LEU F 35 3.76 27.74 -54.12
CA LEU F 35 3.98 28.98 -53.29
C LEU F 35 3.02 29.15 -52.11
N LYS F 36 2.12 28.20 -51.95
CA LYS F 36 1.18 28.27 -50.84
C LYS F 36 1.89 27.89 -49.55
N TYR F 37 2.41 28.94 -48.89
CA TYR F 37 3.25 28.78 -47.71
C TYR F 37 2.62 27.88 -46.65
N ALA F 38 1.34 28.06 -46.34
CA ALA F 38 0.72 27.29 -45.23
C ALA F 38 0.57 25.81 -45.49
N SER F 39 0.48 25.42 -46.77
CA SER F 39 0.30 24.03 -47.19
C SER F 39 1.56 23.35 -47.66
N ASN F 40 2.69 24.03 -47.53
CA ASN F 40 3.98 23.41 -47.86
C ASN F 40 4.90 23.74 -46.73
N THR F 41 4.84 22.92 -45.70
CA THR F 41 5.45 23.26 -44.41
C THR F 41 5.65 22.05 -43.57
N TRP F 42 6.38 22.21 -42.46
CA TRP F 42 6.48 21.26 -41.37
C TRP F 42 5.74 21.73 -40.14
N ILE F 43 5.03 20.79 -39.54
CA ILE F 43 4.28 21.10 -38.33
C ILE F 43 4.87 20.21 -37.26
N TYR F 44 5.59 20.80 -36.32
CA TYR F 44 6.18 20.05 -35.19
C TYR F 44 5.16 19.66 -34.13
N LYS F 45 5.23 18.39 -33.73
CA LYS F 45 4.53 17.85 -32.58
C LYS F 45 5.31 18.17 -31.33
N THR F 46 6.61 17.96 -31.38
CA THR F 46 7.51 18.20 -30.25
C THR F 46 8.66 19.05 -30.80
N PRO F 48 12.07 20.72 -31.81
CA PRO F 48 13.38 20.24 -32.24
C PRO F 48 14.46 20.93 -31.42
N THR F 49 15.55 20.23 -31.12
CA THR F 49 16.78 20.92 -30.70
C THR F 49 17.33 21.75 -31.88
N ASN F 51 20.28 21.62 -33.17
CA ASN F 51 21.00 20.78 -34.09
C ASN F 51 20.04 20.07 -35.02
N GLN F 52 19.03 19.41 -34.45
CA GLN F 52 17.97 18.69 -35.17
C GLN F 52 17.19 19.59 -36.13
N TRP F 53 17.07 20.87 -35.77
CA TRP F 53 16.38 21.83 -36.61
C TRP F 53 17.20 22.06 -37.87
N LEU F 54 18.53 22.11 -37.74
CA LEU F 54 19.40 22.38 -38.90
C LEU F 54 19.35 21.23 -39.88
N LYS F 55 19.18 20.04 -39.35
CA LYS F 55 18.97 18.88 -40.16
C LYS F 55 17.65 18.98 -40.91
N ASP F 56 16.64 19.50 -40.19
CA ASP F 56 15.29 19.55 -40.72
C ASP F 56 15.24 20.56 -41.89
N ILE F 57 15.93 21.68 -41.76
CA ILE F 57 16.07 22.60 -42.87
C ILE F 57 16.44 21.82 -44.13
N GLU F 58 17.38 20.91 -43.98
CA GLU F 58 17.92 20.20 -45.12
C GLU F 58 16.94 19.32 -45.83
N VAL F 59 16.10 18.61 -45.11
CA VAL F 59 15.12 17.74 -45.73
C VAL F 59 14.07 18.54 -46.51
N GLN F 60 13.64 19.66 -45.94
CA GLN F 60 12.51 20.39 -46.46
C GLN F 60 13.03 21.09 -47.71
N LYS F 61 14.27 21.59 -47.61
CA LYS F 61 14.92 22.33 -48.71
C LYS F 61 14.94 21.44 -49.94
N LYS F 62 15.35 20.19 -49.76
CA LYS F 62 15.41 19.23 -50.88
C LYS F 62 14.03 18.96 -51.45
N HIS F 64 11.26 20.72 -51.09
CA HIS F 64 10.70 21.93 -51.66
C HIS F 64 11.25 22.26 -53.04
N LEU F 65 12.58 22.29 -53.15
CA LEU F 65 13.23 22.67 -54.40
C LEU F 65 12.81 21.75 -55.51
N ASN F 66 12.59 20.50 -55.14
CA ASN F 66 12.26 19.47 -56.09
C ASN F 66 10.90 19.65 -56.71
N GLN F 67 10.00 20.31 -56.03
CA GLN F 67 8.68 20.60 -56.58
C GLN F 67 8.54 22.07 -56.97
N SER F 68 9.64 22.84 -56.96
CA SER F 68 9.65 24.27 -57.35
C SER F 68 9.03 25.24 -56.32
N SER F 69 9.05 24.85 -55.07
CA SER F 69 8.80 25.68 -53.95
C SER F 69 10.17 26.21 -53.53
N TYR F 70 10.22 27.52 -53.17
CA TYR F 70 11.49 28.22 -52.90
C TYR F 70 11.62 28.74 -51.48
N HIS F 71 10.72 28.30 -50.61
CA HIS F 71 10.58 28.84 -49.26
C HIS F 71 10.90 27.79 -48.17
N LEU F 72 11.07 28.24 -46.94
CA LEU F 72 11.09 27.30 -45.83
C LEU F 72 10.13 27.82 -44.82
N SER F 73 9.44 26.87 -44.18
CA SER F 73 8.33 27.16 -43.36
C SER F 73 8.19 26.12 -42.29
N PHE F 74 8.08 26.59 -41.06
CA PHE F 74 7.94 25.66 -39.95
C PHE F 74 6.97 26.19 -38.96
N SER F 75 6.22 25.28 -38.31
CA SER F 75 5.42 25.62 -37.13
C SER F 75 5.81 24.78 -35.92
N PHE F 76 5.68 25.42 -34.76
CA PHE F 76 6.17 24.87 -33.54
C PHE F 76 5.04 24.38 -32.62
N PRO F 77 5.33 23.41 -31.72
CA PRO F 77 4.22 22.83 -30.94
C PRO F 77 3.43 23.89 -30.18
N ALA F 78 2.15 23.58 -30.00
CA ALA F 78 1.18 24.45 -29.40
C ALA F 78 1.63 24.86 -28.01
N ASN F 79 1.51 26.15 -27.71
CA ASN F 79 1.75 26.64 -26.36
C ASN F 79 3.11 26.40 -25.82
N GLU F 80 4.07 26.11 -26.67
CA GLU F 80 5.45 26.00 -26.28
C GLU F 80 6.19 27.21 -26.83
N LYS F 81 7.08 27.78 -26.03
CA LYS F 81 7.86 28.98 -26.41
C LYS F 81 9.22 28.54 -26.88
N ILE F 82 9.74 29.14 -27.95
CA ILE F 82 11.02 28.76 -28.55
C ILE F 82 12.12 29.21 -27.63
N ASP F 83 13.15 28.39 -27.45
CA ASP F 83 14.23 28.80 -26.54
C ASP F 83 15.20 29.78 -27.24
N GLU F 84 15.81 30.67 -26.44
CA GLU F 84 16.56 31.81 -26.96
C GLU F 84 17.70 31.44 -27.93
N VAL F 85 18.43 30.37 -27.59
CA VAL F 85 19.47 29.85 -28.49
C VAL F 85 18.89 29.60 -29.89
N LEU F 86 17.78 28.87 -29.94
CA LEU F 86 17.13 28.51 -31.17
C LEU F 86 16.62 29.78 -31.84
N LEU F 87 16.00 30.65 -31.05
CA LEU F 87 15.49 31.92 -31.55
C LEU F 87 16.51 32.78 -32.26
N GLU F 88 17.74 32.73 -31.80
CA GLU F 88 18.78 33.55 -32.39
C GLU F 88 19.13 32.88 -33.69
N LYS F 89 19.27 31.58 -33.67
CA LYS F 89 19.59 30.87 -34.89
C LYS F 89 18.61 31.20 -36.00
N ILE F 90 17.34 31.35 -35.62
CA ILE F 90 16.26 31.44 -36.57
C ILE F 90 16.42 32.77 -37.26
N ARG F 91 16.63 33.81 -36.47
CA ARG F 91 16.88 35.15 -36.99
C ARG F 91 18.15 35.25 -37.81
N GLU F 92 19.20 34.59 -37.33
CA GLU F 92 20.50 34.59 -37.97
C GLU F 92 20.36 34.03 -39.35
N LEU F 93 19.41 33.12 -39.50
CA LEU F 93 19.18 32.50 -40.78
C LEU F 93 18.13 33.24 -41.64
N GLY F 94 17.64 34.39 -41.13
CA GLY F 94 16.78 35.28 -41.91
C GLY F 94 15.31 34.86 -42.02
N PHE F 95 14.82 33.99 -41.11
CA PHE F 95 13.38 33.69 -41.00
C PHE F 95 12.59 34.88 -40.44
N GLN F 96 11.35 35.09 -40.89
CA GLN F 96 10.40 35.92 -40.11
C GLN F 96 9.71 35.01 -39.04
N ILE F 97 9.38 35.63 -37.90
CA ILE F 97 8.81 34.89 -36.75
C ILE F 97 7.44 35.46 -36.49
N GLY F 98 6.46 34.55 -36.36
CA GLY F 98 5.11 34.98 -36.03
C GLY F 98 4.50 34.05 -35.01
N VAL F 99 3.36 34.51 -34.46
CA VAL F 99 2.55 33.75 -33.50
C VAL F 99 1.11 33.60 -34.03
N LEU F 100 0.60 32.38 -33.99
CA LEU F 100 -0.77 32.14 -34.37
C LEU F 100 -1.53 31.82 -33.05
N GLU F 101 -2.66 32.50 -32.85
CA GLU F 101 -3.56 32.26 -31.73
C GLU F 101 -4.88 31.62 -32.15
N LEU F 102 -5.34 30.64 -31.34
CA LEU F 102 -6.57 29.87 -31.59
C LEU F 102 -7.73 30.39 -30.76
N TYR F 103 -8.84 30.73 -31.41
CA TYR F 103 -10.06 31.18 -30.68
C TYR F 103 -11.24 30.30 -30.99
N VAL F 104 -12.05 30.11 -29.96
CA VAL F 104 -13.22 29.27 -30.03
C VAL F 104 -14.39 29.97 -29.32
N ILE F 105 -15.57 29.90 -29.93
CA ILE F 105 -16.81 30.41 -29.30
C ILE F 105 -17.99 29.45 -29.58
N GLU F 106 -19.00 29.51 -28.72
CA GLU F 106 -20.21 28.72 -28.94
C GLU F 106 -21.07 29.40 -29.98
N ALA F 107 -21.57 28.62 -30.92
CA ALA F 107 -22.55 29.10 -31.90
C ALA F 107 -23.64 29.89 -31.15
N LYS F 108 -24.21 29.25 -30.12
CA LYS F 108 -25.18 29.86 -29.24
C LYS F 108 -24.93 31.38 -29.05
N ALA F 109 -23.70 31.75 -28.72
CA ALA F 109 -23.32 33.14 -28.43
C ALA F 109 -23.19 34.03 -29.66
N LEU F 110 -22.77 33.48 -30.78
CA LEU F 110 -22.51 34.29 -31.99
C LEU F 110 -23.71 35.09 -32.52
N LYS F 111 -24.75 34.37 -32.89
CA LYS F 111 -26.07 34.94 -33.07
C LYS F 111 -26.26 35.89 -31.88
N GLU F 112 -26.48 35.26 -30.73
CA GLU F 112 -26.98 35.84 -29.51
C GLU F 112 -26.89 37.35 -29.22
N LEU F 113 -26.00 38.13 -29.86
CA LEU F 113 -26.08 39.59 -29.56
C LEU F 113 -25.75 40.62 -30.63
N SER F 114 -25.34 40.21 -31.82
CA SER F 114 -25.15 41.24 -32.82
C SER F 114 -26.48 41.71 -33.44
N ARG F 115 -26.81 41.11 -34.58
CA ARG F 115 -28.09 41.29 -35.26
C ARG F 115 -28.84 42.64 -35.09
N LYS F 116 -28.09 43.74 -35.15
CA LYS F 116 -28.67 44.99 -35.65
C LYS F 116 -28.37 44.98 -37.15
N ARG F 117 -29.33 45.35 -37.99
CA ARG F 117 -29.27 44.95 -39.39
C ARG F 117 -28.78 46.00 -40.43
N ASP F 118 -29.59 46.27 -41.47
CA ASP F 118 -29.26 47.13 -42.65
C ASP F 118 -28.14 46.55 -43.51
N VAL F 119 -27.99 45.25 -43.46
CA VAL F 119 -26.84 44.59 -44.00
C VAL F 119 -27.30 43.31 -44.64
N ASP F 120 -27.03 43.17 -45.92
CA ASP F 120 -27.44 41.98 -46.61
C ASP F 120 -26.26 41.05 -46.83
N ILE F 121 -26.43 39.77 -46.52
CA ILE F 121 -25.35 38.79 -46.66
C ILE F 121 -25.71 37.73 -47.70
N GLN F 122 -24.79 37.40 -48.58
CA GLN F 122 -25.09 36.49 -49.69
C GLN F 122 -24.07 35.39 -49.87
N LEU F 123 -24.51 34.19 -50.18
CA LEU F 123 -23.56 33.15 -50.56
C LEU F 123 -22.84 33.61 -51.79
N VAL F 124 -21.57 33.23 -51.92
CA VAL F 124 -20.87 33.54 -53.12
C VAL F 124 -21.35 32.58 -54.20
N SER F 125 -21.75 33.14 -55.33
CA SER F 125 -22.13 32.37 -56.51
C SER F 125 -21.49 33.07 -57.73
N SER F 126 -21.66 32.56 -58.94
CA SER F 126 -20.99 33.25 -60.05
C SER F 126 -21.52 34.68 -60.34
N ASN F 127 -22.60 35.08 -59.73
CA ASN F 127 -23.08 36.42 -59.97
C ASN F 127 -22.42 37.43 -59.05
N ASN F 128 -21.72 36.95 -58.03
CA ASN F 128 -21.17 37.86 -57.09
C ASN F 128 -19.69 37.62 -56.74
N ILE F 129 -19.11 36.59 -57.33
CA ILE F 129 -17.67 36.34 -57.15
C ILE F 129 -16.79 37.59 -57.32
N ASN F 130 -17.06 38.47 -58.31
CA ASN F 130 -16.18 39.65 -58.43
C ASN F 130 -16.26 40.68 -57.31
N ASP F 131 -17.44 40.80 -56.68
CA ASP F 131 -17.61 41.61 -55.46
C ASP F 131 -16.85 41.06 -54.28
N TYR F 132 -16.87 39.74 -54.10
CA TYR F 132 -16.10 39.10 -53.07
C TYR F 132 -14.61 39.39 -53.29
N LEU F 133 -14.16 39.27 -54.50
CA LEU F 133 -12.80 39.57 -54.87
C LEU F 133 -12.39 41.04 -54.74
N HIS F 134 -13.26 41.97 -55.11
CA HIS F 134 -13.02 43.40 -54.86
C HIS F 134 -12.77 43.66 -53.38
N VAL F 135 -13.54 43.01 -52.50
CA VAL F 135 -13.26 43.15 -51.07
C VAL F 135 -11.96 42.49 -50.70
N TYR F 136 -11.61 41.39 -51.35
CA TYR F 136 -10.36 40.67 -51.03
C TYR F 136 -9.18 41.59 -51.33
N ASP F 137 -9.29 42.31 -52.42
CA ASP F 137 -8.24 43.16 -52.88
C ASP F 137 -7.77 44.16 -51.87
N ALA F 138 -8.58 44.44 -50.87
CA ALA F 138 -8.22 45.42 -49.90
C ALA F 138 -7.46 44.81 -48.72
N PHE F 139 -7.40 43.48 -48.64
CA PHE F 139 -6.40 42.82 -47.79
C PHE F 139 -4.99 43.30 -48.08
N ALA F 140 -4.10 43.20 -47.08
CA ALA F 140 -2.67 43.44 -47.25
C ALA F 140 -2.01 42.47 -48.26
N ARG F 141 -0.84 42.84 -48.77
CA ARG F 141 -0.16 42.05 -49.84
C ARG F 141 1.28 41.84 -49.42
N PRO F 142 1.47 41.09 -48.33
CA PRO F 142 2.81 40.92 -47.80
C PRO F 142 3.78 40.32 -48.83
N PHE F 143 3.30 39.56 -49.80
CA PHE F 143 4.20 38.96 -50.78
C PHE F 143 4.10 39.60 -52.15
N GLY F 144 3.36 40.68 -52.26
CA GLY F 144 3.42 41.51 -53.45
C GLY F 144 2.21 41.33 -54.33
N ASP F 145 2.13 42.10 -55.39
CA ASP F 145 0.96 42.18 -56.25
C ASP F 145 0.71 40.95 -57.06
N SER F 146 1.77 40.43 -57.63
CA SER F 146 1.65 39.33 -58.50
C SER F 146 1.24 38.11 -57.71
N TYR F 147 1.72 38.02 -56.47
CA TYR F 147 1.35 36.92 -55.64
C TYR F 147 -0.15 37.00 -55.27
N ALA F 148 -0.57 38.19 -54.86
CA ALA F 148 -1.98 38.47 -54.66
C ALA F 148 -2.83 38.13 -55.88
N ASN F 149 -2.38 38.50 -57.10
CA ASN F 149 -3.16 38.13 -58.31
C ASN F 149 -3.25 36.65 -58.52
N VAL F 151 -3.41 34.53 -56.09
CA VAL F 151 -4.29 33.98 -55.03
C VAL F 151 -5.73 34.25 -55.47
N LYS F 152 -6.01 35.47 -55.94
CA LYS F 152 -7.33 35.83 -56.50
C LYS F 152 -7.75 34.83 -57.59
N GLN F 153 -6.84 34.57 -58.53
CA GLN F 153 -7.10 33.78 -59.70
C GLN F 153 -7.37 32.36 -59.31
N HIS F 154 -6.74 31.91 -58.22
CA HIS F 154 -7.04 30.58 -57.75
C HIS F 154 -8.43 30.50 -57.10
N ILE F 155 -8.84 31.58 -56.43
CA ILE F 155 -10.14 31.60 -55.80
C ILE F 155 -11.17 31.66 -56.90
N TYR F 156 -10.94 32.53 -57.82
CA TYR F 156 -11.85 32.66 -58.93
C TYR F 156 -12.09 31.34 -59.70
N SER F 157 -11.08 30.55 -59.91
CA SER F 157 -11.36 29.35 -60.69
C SER F 157 -11.72 28.14 -59.80
N SER F 158 -11.78 28.32 -58.49
CA SER F 158 -12.19 27.10 -57.75
C SER F 158 -13.31 27.24 -56.73
N TYR F 159 -13.73 28.47 -56.42
CA TYR F 159 -14.79 28.73 -55.46
C TYR F 159 -16.00 27.87 -55.77
N ASN F 160 -16.24 27.62 -57.05
CA ASN F 160 -17.47 26.97 -57.48
C ASN F 160 -17.52 25.48 -57.16
N LEU F 161 -16.38 24.80 -57.34
CA LEU F 161 -16.22 23.37 -57.09
C LEU F 161 -15.76 22.97 -55.68
N ASP F 162 -14.99 23.84 -55.00
CA ASP F 162 -14.38 23.44 -53.75
C ASP F 162 -15.38 23.35 -52.61
N ASP F 163 -14.87 23.15 -51.40
CA ASP F 163 -15.70 22.79 -50.25
C ASP F 163 -15.83 23.93 -49.25
N ILE F 164 -15.28 25.08 -49.60
CA ILE F 164 -15.34 26.22 -48.73
C ILE F 164 -16.53 27.09 -49.12
N GLU F 165 -17.35 27.43 -48.12
CA GLU F 165 -18.37 28.48 -48.35
C GLU F 165 -17.82 29.87 -48.24
N ARG F 166 -18.35 30.80 -49.02
CA ARG F 166 -17.89 32.19 -48.94
C ARG F 166 -19.09 33.10 -48.89
N LEU F 167 -19.00 34.18 -48.13
CA LEU F 167 -20.11 35.15 -48.08
C LEU F 167 -19.63 36.51 -48.47
N VAL F 168 -20.53 37.33 -48.96
CA VAL F 168 -20.22 38.73 -49.12
C VAL F 168 -21.37 39.57 -48.58
N ALA F 169 -21.06 40.49 -47.66
CA ALA F 169 -22.05 41.42 -47.10
C ALA F 169 -22.17 42.69 -47.97
N TYR F 170 -23.40 43.18 -48.15
CA TYR F 170 -23.65 44.47 -48.78
C TYR F 170 -24.35 45.43 -47.85
N VAL F 171 -23.93 46.69 -47.95
CA VAL F 171 -24.75 47.81 -47.45
C VAL F 171 -24.92 48.86 -48.55
N ASN F 172 -26.19 49.14 -48.86
CA ASN F 172 -26.54 50.08 -49.91
C ASN F 172 -26.28 49.47 -51.25
N HIS F 173 -26.52 48.16 -51.33
CA HIS F 173 -26.25 47.36 -52.54
C HIS F 173 -24.78 47.38 -52.97
N GLN F 174 -23.91 47.80 -52.05
CA GLN F 174 -22.46 47.81 -52.29
C GLN F 174 -21.78 46.76 -51.44
N PRO F 175 -20.81 46.02 -52.05
CA PRO F 175 -19.99 44.97 -51.41
C PRO F 175 -19.02 45.56 -50.40
N VAL F 176 -18.94 44.96 -49.24
CA VAL F 176 -18.36 45.63 -48.11
C VAL F 176 -17.68 44.72 -47.07
N GLY F 177 -17.75 43.39 -47.28
CA GLY F 177 -17.21 42.41 -46.33
C GLY F 177 -17.32 40.99 -46.84
N ILE F 178 -16.32 40.15 -46.53
CA ILE F 178 -16.32 38.75 -46.96
C ILE F 178 -15.87 37.85 -45.84
N VAL F 179 -16.09 36.53 -45.96
CA VAL F 179 -15.53 35.60 -45.01
C VAL F 179 -15.58 34.24 -45.64
N ASP F 180 -14.61 33.40 -45.35
CA ASP F 180 -14.65 32.04 -45.81
C ASP F 180 -15.15 31.14 -44.68
N ILE F 181 -15.81 30.04 -45.02
CA ILE F 181 -16.30 29.15 -44.00
C ILE F 181 -15.96 27.74 -44.40
N ILE F 182 -15.33 27.05 -43.47
CA ILE F 182 -14.96 25.66 -43.61
C ILE F 182 -15.81 24.95 -42.61
N THR F 184 -17.40 21.30 -40.93
CA THR F 184 -17.13 19.90 -40.65
C THR F 184 -18.17 19.37 -39.73
N ASP F 185 -18.08 18.07 -39.50
CA ASP F 185 -18.87 17.40 -38.51
C ASP F 185 -18.90 18.18 -37.21
N LYS F 186 -17.72 18.48 -36.71
CA LYS F 186 -17.59 18.92 -35.32
C LYS F 186 -17.58 20.43 -35.19
N THR F 187 -17.01 21.09 -36.18
CA THR F 187 -16.80 22.50 -36.05
C THR F 187 -16.98 23.17 -37.37
N ILE F 188 -17.32 24.44 -37.33
CA ILE F 188 -17.15 25.28 -38.50
C ILE F 188 -16.08 26.35 -38.24
N GLU F 189 -15.26 26.59 -39.24
CA GLU F 189 -14.12 27.49 -39.07
C GLU F 189 -14.20 28.75 -39.90
N ILE F 190 -13.86 29.88 -39.27
CA ILE F 190 -13.81 31.21 -39.91
C ILE F 190 -12.43 31.43 -40.48
N ASP F 191 -12.35 31.96 -41.68
CA ASP F 191 -11.07 32.36 -42.25
C ASP F 191 -11.28 33.44 -43.32
N GLY F 192 -10.29 34.29 -43.55
CA GLY F 192 -10.38 35.38 -44.56
C GLY F 192 -11.45 36.41 -44.20
N PHE F 193 -11.70 36.59 -42.91
CA PHE F 193 -12.64 37.59 -42.52
C PHE F 193 -12.11 38.97 -42.89
N GLY F 194 -12.95 39.79 -43.53
CA GLY F 194 -12.50 41.15 -43.86
C GLY F 194 -13.61 42.09 -44.22
N VAL F 195 -13.46 43.35 -43.84
CA VAL F 195 -14.36 44.39 -44.31
C VAL F 195 -13.57 45.60 -44.81
N LEU F 196 -14.03 46.26 -45.88
CA LEU F 196 -13.41 47.52 -46.36
C LEU F 196 -13.33 48.52 -45.23
N GLU F 197 -12.37 49.43 -45.33
CA GLU F 197 -12.02 50.29 -44.21
C GLU F 197 -13.20 51.19 -43.81
N GLU F 198 -13.89 51.76 -44.80
CA GLU F 198 -14.91 52.77 -44.48
C GLU F 198 -16.09 52.25 -43.72
N PHE F 199 -16.20 50.94 -43.64
CA PHE F 199 -17.46 50.35 -43.18
C PHE F 199 -17.20 49.63 -41.88
N GLN F 200 -16.00 49.92 -41.38
CA GLN F 200 -15.41 49.12 -40.36
C GLN F 200 -15.96 49.24 -38.96
N HIS F 201 -16.73 50.28 -38.68
CA HIS F 201 -17.06 50.49 -37.27
C HIS F 201 -18.55 50.54 -37.09
N GLN F 202 -19.21 49.74 -37.92
CA GLN F 202 -20.65 49.83 -38.08
C GLN F 202 -21.37 48.53 -37.65
N GLY F 203 -20.62 47.45 -37.58
CA GLY F 203 -21.18 46.20 -37.08
C GLY F 203 -21.31 45.21 -38.21
N ILE F 204 -20.84 45.61 -39.38
CA ILE F 204 -20.85 44.71 -40.54
C ILE F 204 -20.14 43.48 -40.08
N GLY F 205 -18.90 43.66 -39.64
CA GLY F 205 -18.14 42.58 -39.04
C GLY F 205 -19.01 41.71 -38.16
N SER F 206 -19.86 42.36 -37.39
CA SER F 206 -20.64 41.69 -36.36
C SER F 206 -21.87 40.95 -36.90
N GLU F 207 -22.45 41.47 -37.98
CA GLU F 207 -23.58 40.80 -38.59
C GLU F 207 -23.18 39.47 -39.30
N ILE F 208 -21.98 39.49 -39.86
CA ILE F 208 -21.43 38.32 -40.50
C ILE F 208 -21.24 37.15 -39.50
N GLN F 209 -20.65 37.50 -38.35
CA GLN F 209 -20.52 36.58 -37.24
C GLN F 209 -21.84 35.93 -36.93
N ALA F 210 -22.86 36.76 -36.72
CA ALA F 210 -24.18 36.25 -36.45
C ALA F 210 -24.67 35.26 -37.53
N TYR F 211 -24.40 35.56 -38.80
CA TYR F 211 -24.87 34.68 -39.89
C TYR F 211 -24.17 33.33 -39.82
N VAL F 212 -22.86 33.36 -39.61
CA VAL F 212 -22.11 32.11 -39.40
C VAL F 212 -22.64 31.33 -38.18
N GLY F 213 -22.91 32.07 -37.10
CA GLY F 213 -23.39 31.50 -35.85
C GLY F 213 -24.60 30.67 -36.18
N ARG F 214 -25.58 31.32 -36.80
CA ARG F 214 -26.75 30.63 -37.30
C ARG F 214 -26.45 29.38 -38.09
N ALA F 216 -24.19 27.41 -38.04
CA ALA F 216 -23.36 26.45 -37.33
C ALA F 216 -24.16 25.36 -36.59
N ASN F 217 -25.44 25.63 -36.35
CA ASN F 217 -26.37 24.69 -35.68
C ASN F 217 -25.89 24.50 -34.25
N GLU F 218 -25.34 23.34 -33.91
CA GLU F 218 -24.66 23.22 -32.62
C GLU F 218 -23.11 23.14 -32.61
N ARG F 219 -22.50 23.09 -33.80
CA ARG F 219 -21.05 23.10 -33.93
C ARG F 219 -20.48 24.39 -33.33
N PRO F 220 -19.40 24.28 -32.52
CA PRO F 220 -18.60 25.45 -32.20
C PRO F 220 -17.91 26.06 -33.43
N VAL F 221 -17.64 27.36 -33.32
CA VAL F 221 -16.99 28.07 -34.41
C VAL F 221 -15.65 28.58 -33.95
N ILE F 222 -14.64 28.29 -34.76
CA ILE F 222 -13.23 28.46 -34.44
C ILE F 222 -12.53 29.29 -35.52
N LEU F 223 -11.40 29.88 -35.15
CA LEU F 223 -10.48 30.47 -36.12
C LEU F 223 -9.06 30.60 -35.51
N VAL F 224 -8.06 30.71 -36.40
CA VAL F 224 -6.73 31.18 -35.95
C VAL F 224 -6.54 32.64 -36.31
N ALA F 225 -5.91 33.43 -35.43
CA ALA F 225 -5.55 34.84 -35.71
C ALA F 225 -4.09 35.13 -35.40
N ASP F 226 -3.52 36.06 -36.17
CA ASP F 226 -2.16 36.52 -35.93
C ASP F 226 -2.12 37.21 -34.58
N GLY F 227 -1.06 36.95 -33.82
CA GLY F 227 -0.87 37.59 -32.53
C GLY F 227 -1.03 39.09 -32.60
N LYS F 228 -0.44 39.73 -33.62
CA LYS F 228 -0.52 41.19 -33.84
C LYS F 228 -1.78 41.62 -34.58
N ASP F 229 -2.76 40.73 -34.70
CA ASP F 229 -3.97 41.01 -35.49
C ASP F 229 -4.79 42.16 -34.87
N THR F 230 -5.63 42.80 -35.69
CA THR F 230 -6.40 43.91 -35.15
C THR F 230 -7.63 43.30 -34.56
N ALA F 231 -8.36 42.65 -35.48
CA ALA F 231 -9.50 41.77 -35.27
C ALA F 231 -9.50 41.01 -33.95
N LYS F 232 -8.31 40.56 -33.56
CA LYS F 232 -8.11 39.94 -32.27
C LYS F 232 -8.94 40.67 -31.20
N ASP F 233 -8.59 41.93 -30.94
CA ASP F 233 -9.26 42.77 -29.92
C ASP F 233 -10.77 42.65 -29.95
N TYR F 235 -12.70 40.11 -31.54
CA TYR F 235 -13.13 38.76 -31.18
C TYR F 235 -13.24 38.53 -29.66
N LEU F 236 -12.31 39.07 -28.89
CA LEU F 236 -12.40 38.99 -27.44
C LEU F 236 -13.66 39.67 -26.88
N ARG F 237 -14.02 40.82 -27.42
CA ARG F 237 -15.18 41.59 -27.00
C ARG F 237 -16.44 40.86 -27.43
N GLN F 238 -16.35 40.20 -28.56
CA GLN F 238 -17.41 39.34 -29.00
C GLN F 238 -17.55 38.06 -28.15
N GLY F 239 -16.48 37.60 -27.52
CA GLY F 239 -16.65 36.56 -26.51
C GLY F 239 -16.01 35.25 -26.90
N TYR F 240 -15.11 35.33 -27.86
CA TYR F 240 -14.34 34.18 -28.30
C TYR F 240 -13.39 33.77 -27.23
N VAL F 241 -13.22 32.49 -26.95
CA VAL F 241 -12.28 32.15 -25.86
C VAL F 241 -10.90 31.84 -26.40
N TYR F 242 -9.88 32.43 -25.76
CA TYR F 242 -8.48 32.20 -26.16
C TYR F 242 -8.04 30.78 -25.71
N GLN F 243 -7.54 30.02 -26.70
CA GLN F 243 -7.20 28.62 -26.56
C GLN F 243 -5.70 28.37 -26.49
N GLY F 244 -4.88 29.15 -27.18
CA GLY F 244 -3.44 29.02 -27.08
C GLY F 244 -2.71 29.58 -28.30
N PHE F 245 -1.43 29.26 -28.41
CA PHE F 245 -0.64 29.79 -29.50
C PHE F 245 0.29 28.78 -30.20
N LYS F 246 0.80 29.19 -31.36
CA LYS F 246 1.91 28.56 -32.03
C LYS F 246 2.86 29.58 -32.59
N TYR F 247 4.15 29.38 -32.40
CA TYR F 247 5.10 30.13 -33.19
C TYR F 247 5.26 29.47 -34.54
N HIS F 248 5.43 30.28 -35.58
CA HIS F 248 5.78 29.73 -36.85
C HIS F 248 6.76 30.68 -37.49
N ILE F 249 7.48 30.18 -38.50
CA ILE F 249 8.54 30.96 -39.10
C ILE F 249 8.55 30.71 -40.59
N LEU F 250 8.98 31.74 -41.33
CA LEU F 250 9.01 31.66 -42.77
C LEU F 250 10.25 32.35 -43.35
N LYS F 251 10.89 31.67 -44.29
CA LYS F 251 11.90 32.29 -45.15
C LYS F 251 11.44 32.10 -46.57
N GLU F 252 11.19 33.22 -47.26
CA GLU F 252 10.58 33.14 -48.55
C GLU F 252 11.56 32.66 -49.63
N ASN F 253 12.83 33.01 -49.49
CA ASN F 253 13.82 32.56 -50.43
C ASN F 253 14.95 31.84 -49.76
N ILE F 254 15.06 30.55 -50.06
CA ILE F 254 16.21 29.68 -49.72
C ILE F 254 17.52 30.26 -50.36
#